data_4R96
#
_entry.id   4R96
#
_cell.length_a   107.020
_cell.length_b   121.540
_cell.length_c   185.900
_cell.angle_alpha   90.00
_cell.angle_beta   90.00
_cell.angle_gamma   90.00
#
_symmetry.space_group_name_H-M   'P 21 21 21'
#
loop_
_entity.id
_entity.type
_entity.pdbx_description
1 polymer 'Llama glama Fab 48A2 against human cMet L chain'
2 polymer 'Llama glama Fab 48A2 against human cMet H chain'
3 water water
#
loop_
_entity_poly.entity_id
_entity_poly.type
_entity_poly.pdbx_seq_one_letter_code
_entity_poly.pdbx_strand_id
1 'polypeptide(L)'
;LDIVMTQTPTSVTASAGDKVTINCKSSQSVLFSSNQKNYLAWYQQRLGQSPRLLIYWASIRESGVPDRFSGSGSATDFTL
TISNFQPEDAAVYYCQQGYSFPYSFGSGTRLEIRRTVAAPSVFIFPPSDEQLKSGTASVVCLLNNFYPREAKVQWKVDNA
LQSGNSQESVTEQDSKDSTYSLSSTLTLSKADYEKHKVYACEVTHQGLSSPVTKSFNRGEC
;
A,C,E,L
2 'polypeptide(L)'
;EVQLVQPGVELRNPGASVKVSCKASGYIFTMNSIDWVRQAPGQGLEWMGRIDPEDGGTKYAQKFQGRVTFTADTSTSTAY
VELNSLRSEDTAVYYCARVDDYYLGYDYWGQGTQVTVSSASTKGPSVFPLAPSSKSTSGGTAALGCLVKDYFPEPVTVSW
NSGALTSGVHTFPAVLQSSGLYSLSSVVTVPSSSLGTQTYICNVNHKPSNTKVDKKVEP
;
B,D,F,H
#
# COMPACT_ATOMS: atom_id res chain seq x y z
N LEU A 1 -33.14 -32.10 12.25
CA LEU A 1 -33.18 -31.39 13.54
C LEU A 1 -32.47 -30.06 13.39
N ASP A 2 -31.42 -29.76 14.20
CA ASP A 2 -30.54 -28.59 14.31
C ASP A 2 -30.98 -27.85 15.51
N ILE A 3 -30.34 -28.16 16.64
CA ILE A 3 -30.62 -27.50 17.92
C ILE A 3 -30.43 -25.99 17.76
N VAL A 4 -31.24 -25.25 18.47
CA VAL A 4 -31.24 -23.78 18.52
C VAL A 4 -30.99 -23.29 19.96
N MET A 5 -29.99 -22.42 20.13
CA MET A 5 -29.65 -21.85 21.44
C MET A 5 -30.27 -20.46 21.60
N THR A 6 -31.08 -20.31 22.65
CA THR A 6 -31.81 -19.07 22.98
C THR A 6 -31.34 -18.49 24.33
N GLN A 7 -30.65 -17.34 24.28
CA GLN A 7 -30.18 -16.68 25.49
C GLN A 7 -31.12 -15.60 26.04
N THR A 8 -31.29 -15.60 27.37
CA THR A 8 -32.17 -14.70 28.11
C THR A 8 -31.49 -14.23 29.40
N PRO A 9 -31.34 -12.89 29.63
CA PRO A 9 -31.75 -11.77 28.76
C PRO A 9 -30.71 -11.49 27.69
N THR A 10 -30.89 -10.41 26.92
CA THR A 10 -29.96 -9.99 25.87
C THR A 10 -28.83 -9.14 26.45
N SER A 11 -29.14 -8.41 27.54
CA SER A 11 -28.24 -7.52 28.27
C SER A 11 -28.67 -7.38 29.73
N VAL A 12 -27.70 -7.28 30.65
CA VAL A 12 -27.90 -7.18 32.11
C VAL A 12 -27.00 -6.08 32.68
N THR A 13 -27.48 -5.40 33.74
CA THR A 13 -26.74 -4.38 34.50
C THR A 13 -26.95 -4.62 35.98
N ALA A 14 -25.86 -4.75 36.75
CA ALA A 14 -25.95 -5.02 38.18
C ALA A 14 -24.81 -4.39 38.97
N SER A 15 -25.07 -4.13 40.25
CA SER A 15 -24.12 -3.53 41.17
C SER A 15 -23.09 -4.56 41.62
N ALA A 16 -21.87 -4.08 41.94
CA ALA A 16 -20.74 -4.87 42.43
C ALA A 16 -21.09 -5.70 43.69
N GLY A 17 -21.31 -6.99 43.48
CA GLY A 17 -21.65 -7.91 44.57
C GLY A 17 -22.97 -8.64 44.38
N ASP A 18 -23.94 -7.99 43.67
CA ASP A 18 -25.27 -8.53 43.37
C ASP A 18 -25.19 -9.84 42.57
N LYS A 19 -26.17 -10.75 42.75
CA LYS A 19 -26.18 -12.04 42.03
C LYS A 19 -26.76 -11.90 40.63
N VAL A 20 -25.96 -12.32 39.62
CA VAL A 20 -26.28 -12.26 38.19
C VAL A 20 -26.67 -13.66 37.66
N THR A 21 -27.74 -13.72 36.83
CA THR A 21 -28.26 -14.95 36.23
C THR A 21 -28.50 -14.86 34.70
N ILE A 22 -27.94 -15.81 33.93
CA ILE A 22 -28.10 -15.90 32.46
C ILE A 22 -28.75 -17.24 32.13
N ASN A 23 -29.85 -17.23 31.36
CA ASN A 23 -30.57 -18.45 30.99
C ASN A 23 -30.39 -18.82 29.53
N CYS A 24 -30.23 -20.11 29.24
CA CYS A 24 -30.06 -20.63 27.89
C CYS A 24 -30.94 -21.86 27.68
N LYS A 25 -31.85 -21.77 26.70
CA LYS A 25 -32.79 -22.86 26.38
C LYS A 25 -32.55 -23.42 24.98
N SER A 26 -32.45 -24.74 24.88
CA SER A 26 -32.22 -25.46 23.63
C SER A 26 -33.51 -26.08 23.10
N SER A 27 -33.67 -26.06 21.77
CA SER A 27 -34.83 -26.59 21.06
C SER A 27 -34.99 -28.10 21.20
N GLN A 28 -33.87 -28.80 21.52
CA GLN A 28 -33.82 -30.25 21.71
C GLN A 28 -32.91 -30.62 22.87
N SER A 29 -33.19 -31.73 23.56
CA SER A 29 -32.40 -32.21 24.70
C SER A 29 -30.93 -32.47 24.33
N VAL A 30 -30.00 -31.82 25.05
CA VAL A 30 -28.55 -32.01 24.86
C VAL A 30 -27.96 -32.97 25.89
N LEU A 31 -28.84 -33.73 26.56
CA LEU A 31 -28.45 -34.74 27.53
C LEU A 31 -28.39 -36.10 26.84
N PHE A 32 -27.25 -36.82 26.99
CA PHE A 32 -27.07 -38.14 26.40
C PHE A 32 -27.39 -39.25 27.36
N SER A 33 -28.54 -39.88 27.11
CA SER A 33 -29.16 -40.94 27.88
C SER A 33 -28.22 -41.89 28.66
N SER A 34 -27.22 -42.49 27.98
CA SER A 34 -26.33 -43.47 28.61
C SER A 34 -25.30 -42.97 29.60
N ASN A 35 -24.66 -41.83 29.30
CA ASN A 35 -23.65 -41.30 30.22
C ASN A 35 -24.25 -40.28 31.19
N GLN A 36 -25.54 -39.93 30.96
CA GLN A 36 -26.28 -38.94 31.74
C GLN A 36 -25.50 -37.61 31.88
N LYS A 37 -24.92 -37.18 30.75
CA LYS A 37 -24.12 -35.97 30.60
C LYS A 37 -24.81 -35.01 29.65
N ASN A 38 -24.92 -33.76 30.11
CA ASN A 38 -25.50 -32.65 29.35
C ASN A 38 -24.35 -31.98 28.58
N TYR A 39 -24.50 -31.89 27.26
CA TYR A 39 -23.50 -31.32 26.37
C TYR A 39 -23.70 -29.81 26.18
N LEU A 40 -23.37 -29.06 27.25
CA LEU A 40 -23.51 -27.61 27.32
C LEU A 40 -22.28 -26.95 27.92
N ALA A 41 -21.83 -25.84 27.28
CA ALA A 41 -20.66 -25.08 27.69
C ALA A 41 -20.87 -23.57 27.68
N TRP A 42 -20.35 -22.88 28.72
CA TRP A 42 -20.45 -21.44 28.88
C TRP A 42 -19.10 -20.76 28.65
N TYR A 43 -19.11 -19.64 27.90
CA TYR A 43 -17.91 -18.88 27.53
C TYR A 43 -18.02 -17.41 27.84
N GLN A 44 -16.89 -16.77 28.17
CA GLN A 44 -16.80 -15.33 28.50
C GLN A 44 -15.88 -14.61 27.49
N GLN A 45 -16.47 -13.80 26.62
CA GLN A 45 -15.70 -13.04 25.63
C GLN A 45 -15.60 -11.55 25.94
N ARG A 46 -14.38 -11.02 25.80
CA ARG A 46 -14.03 -9.62 26.05
C ARG A 46 -13.61 -9.00 24.71
N LEU A 47 -13.61 -7.64 24.62
CA LEU A 47 -13.24 -6.96 23.38
C LEU A 47 -11.79 -7.17 22.99
N GLY A 48 -11.59 -7.52 21.71
CA GLY A 48 -10.29 -7.79 21.11
C GLY A 48 -9.64 -9.03 21.68
N GLN A 49 -10.47 -10.00 22.10
CA GLN A 49 -10.01 -11.24 22.73
C GLN A 49 -10.82 -12.46 22.29
N SER A 50 -10.16 -13.63 22.32
CA SER A 50 -10.75 -14.93 22.01
C SER A 50 -11.66 -15.36 23.18
N PRO A 51 -12.79 -16.06 22.91
CA PRO A 51 -13.66 -16.52 24.02
C PRO A 51 -12.94 -17.42 25.02
N ARG A 52 -13.39 -17.42 26.27
CA ARG A 52 -12.79 -18.18 27.35
C ARG A 52 -13.81 -19.12 28.00
N LEU A 53 -13.51 -20.42 27.98
CA LEU A 53 -14.33 -21.46 28.58
C LEU A 53 -14.41 -21.34 30.10
N LEU A 54 -15.64 -21.35 30.63
CA LEU A 54 -15.90 -21.27 32.06
C LEU A 54 -16.49 -22.61 32.53
N ILE A 55 -17.70 -22.92 32.03
CA ILE A 55 -18.43 -24.11 32.42
C ILE A 55 -18.57 -25.09 31.26
N TYR A 56 -18.35 -26.38 31.55
CA TYR A 56 -18.52 -27.48 30.61
C TYR A 56 -19.36 -28.54 31.28
N TRP A 57 -19.85 -29.54 30.51
CA TRP A 57 -20.71 -30.64 31.03
C TRP A 57 -21.95 -30.07 31.78
N ALA A 58 -22.36 -28.81 31.41
CA ALA A 58 -23.46 -27.99 31.96
C ALA A 58 -23.29 -27.48 33.40
N SER A 59 -22.44 -28.16 34.22
CA SER A 59 -22.21 -27.77 35.61
C SER A 59 -20.76 -27.91 36.13
N ILE A 60 -19.82 -28.39 35.28
CA ILE A 60 -18.41 -28.54 35.69
C ILE A 60 -17.60 -27.27 35.37
N ARG A 61 -16.86 -26.78 36.39
CA ARG A 61 -16.01 -25.59 36.34
C ARG A 61 -14.64 -25.93 35.77
N GLU A 62 -14.08 -25.02 34.94
CA GLU A 62 -12.76 -25.20 34.35
C GLU A 62 -11.68 -24.81 35.36
N SER A 63 -10.46 -25.34 35.19
CA SER A 63 -9.33 -25.05 36.07
C SER A 63 -8.87 -23.59 35.96
N GLY A 64 -8.87 -22.88 37.09
CA GLY A 64 -8.50 -21.47 37.16
C GLY A 64 -9.63 -20.47 37.04
N VAL A 65 -10.88 -20.97 36.98
CA VAL A 65 -12.12 -20.17 36.87
C VAL A 65 -12.67 -19.90 38.30
N PRO A 66 -12.94 -18.63 38.67
CA PRO A 66 -13.46 -18.32 40.01
C PRO A 66 -14.70 -19.11 40.43
N ASP A 67 -14.78 -19.42 41.74
CA ASP A 67 -15.85 -20.18 42.39
C ASP A 67 -17.21 -19.52 42.23
N ARG A 68 -17.22 -18.18 42.09
CA ARG A 68 -18.44 -17.40 41.94
C ARG A 68 -19.26 -17.83 40.73
N PHE A 69 -18.57 -18.22 39.65
CA PHE A 69 -19.18 -18.74 38.42
C PHE A 69 -19.70 -20.15 38.66
N SER A 70 -21.00 -20.38 38.37
CA SER A 70 -21.62 -21.69 38.58
C SER A 70 -22.58 -22.10 37.49
N GLY A 71 -22.42 -23.33 37.04
CA GLY A 71 -23.25 -23.93 36.02
C GLY A 71 -24.32 -24.79 36.65
N SER A 72 -25.53 -24.73 36.10
CA SER A 72 -26.70 -25.46 36.57
C SER A 72 -27.64 -25.78 35.43
N GLY A 73 -28.69 -26.54 35.74
CA GLY A 73 -29.74 -26.95 34.81
C GLY A 73 -29.55 -28.33 34.20
N SER A 74 -30.60 -28.82 33.54
CA SER A 74 -30.62 -30.12 32.88
C SER A 74 -31.64 -30.16 31.72
N ALA A 75 -31.37 -31.02 30.71
CA ALA A 75 -32.17 -31.30 29.49
C ALA A 75 -32.23 -30.18 28.46
N THR A 76 -32.97 -29.07 28.75
CA THR A 76 -33.08 -27.91 27.87
C THR A 76 -32.72 -26.60 28.57
N ASP A 77 -33.15 -26.43 29.83
CA ASP A 77 -32.93 -25.20 30.60
C ASP A 77 -31.61 -25.19 31.35
N PHE A 78 -30.75 -24.22 31.01
CA PHE A 78 -29.43 -24.08 31.63
C PHE A 78 -29.25 -22.65 32.14
N THR A 79 -28.44 -22.51 33.20
CA THR A 79 -28.24 -21.22 33.84
C THR A 79 -26.83 -21.00 34.34
N LEU A 80 -26.22 -19.91 33.86
CA LEU A 80 -24.91 -19.47 34.33
C LEU A 80 -25.19 -18.47 35.46
N THR A 81 -24.54 -18.67 36.62
CA THR A 81 -24.78 -17.82 37.77
C THR A 81 -23.49 -17.29 38.38
N ILE A 82 -23.37 -15.95 38.40
CA ILE A 82 -22.26 -15.23 39.00
C ILE A 82 -22.83 -14.70 40.32
N SER A 83 -22.25 -15.11 41.46
CA SER A 83 -22.75 -14.71 42.77
C SER A 83 -22.27 -13.31 43.22
N ASN A 84 -20.96 -13.16 43.46
CA ASN A 84 -20.41 -11.87 43.89
C ASN A 84 -19.89 -11.13 42.65
N PHE A 85 -20.82 -10.71 41.77
CA PHE A 85 -20.53 -10.02 40.51
C PHE A 85 -19.47 -8.94 40.71
N GLN A 86 -18.38 -9.07 39.96
CA GLN A 86 -17.25 -8.19 40.08
C GLN A 86 -16.98 -7.41 38.79
N PRO A 87 -16.18 -6.30 38.85
CA PRO A 87 -15.95 -5.49 37.64
C PRO A 87 -15.33 -6.22 36.45
N GLU A 88 -14.57 -7.28 36.76
CA GLU A 88 -13.89 -8.15 35.80
C GLU A 88 -14.90 -8.95 34.98
N ASP A 89 -16.06 -9.24 35.58
CA ASP A 89 -17.12 -10.04 34.96
C ASP A 89 -17.99 -9.32 33.94
N ALA A 90 -17.64 -8.06 33.62
CA ALA A 90 -18.32 -7.25 32.61
C ALA A 90 -17.77 -7.72 31.26
N ALA A 91 -18.56 -8.56 30.55
CA ALA A 91 -18.20 -9.15 29.26
C ALA A 91 -19.43 -9.77 28.55
N VAL A 92 -19.21 -10.47 27.43
CA VAL A 92 -20.28 -11.18 26.71
C VAL A 92 -20.21 -12.66 27.10
N TYR A 93 -21.37 -13.28 27.34
CA TYR A 93 -21.45 -14.66 27.76
C TYR A 93 -22.25 -15.49 26.75
N TYR A 94 -21.66 -16.60 26.26
CA TYR A 94 -22.28 -17.47 25.26
C TYR A 94 -22.46 -18.90 25.75
N CYS A 95 -23.59 -19.53 25.42
CA CYS A 95 -23.86 -20.93 25.73
C CYS A 95 -23.66 -21.75 24.45
N GLN A 96 -22.98 -22.89 24.54
CA GLN A 96 -22.70 -23.69 23.35
C GLN A 96 -23.05 -25.15 23.54
N GLN A 97 -23.81 -25.72 22.58
CA GLN A 97 -24.19 -27.13 22.57
C GLN A 97 -23.18 -27.98 21.80
N GLY A 98 -22.98 -29.21 22.24
CA GLY A 98 -22.08 -30.17 21.61
C GLY A 98 -22.73 -31.49 21.24
N TYR A 99 -24.00 -31.69 21.66
CA TYR A 99 -24.78 -32.91 21.44
C TYR A 99 -24.96 -33.32 19.97
N SER A 100 -25.27 -32.36 19.07
CA SER A 100 -25.49 -32.69 17.66
C SER A 100 -24.87 -31.69 16.68
N PHE A 101 -24.69 -32.13 15.42
CA PHE A 101 -24.17 -31.31 14.34
C PHE A 101 -25.32 -30.66 13.56
N PRO A 102 -25.21 -29.35 13.19
CA PRO A 102 -24.08 -28.44 13.45
C PRO A 102 -24.07 -27.94 14.89
N TYR A 103 -22.91 -27.51 15.37
CA TYR A 103 -22.79 -26.97 16.73
C TYR A 103 -23.44 -25.60 16.78
N SER A 104 -24.05 -25.27 17.92
CA SER A 104 -24.78 -24.02 18.06
C SER A 104 -24.42 -23.28 19.33
N PHE A 105 -24.21 -21.97 19.18
CA PHE A 105 -23.94 -21.03 20.27
C PHE A 105 -25.17 -20.18 20.51
N GLY A 106 -25.19 -19.49 21.63
CA GLY A 106 -26.26 -18.56 21.97
C GLY A 106 -26.06 -17.23 21.30
N SER A 107 -27.04 -16.34 21.43
CA SER A 107 -26.97 -15.01 20.82
C SER A 107 -25.96 -14.11 21.56
N GLY A 108 -25.62 -14.53 22.78
CA GLY A 108 -24.71 -13.82 23.64
C GLY A 108 -25.45 -12.95 24.64
N THR A 109 -24.88 -12.69 25.81
CA THR A 109 -25.54 -11.87 26.83
C THR A 109 -24.61 -10.91 27.52
N ARG A 110 -24.85 -9.63 27.32
CA ARG A 110 -23.98 -8.59 27.79
C ARG A 110 -24.17 -8.20 29.22
N LEU A 111 -23.19 -8.49 30.04
CA LEU A 111 -23.24 -8.08 31.41
C LEU A 111 -22.45 -6.83 31.60
N GLU A 112 -22.91 -6.00 32.54
CA GLU A 112 -22.56 -4.60 32.66
C GLU A 112 -22.32 -4.28 34.09
N ILE A 113 -21.89 -3.06 34.38
CA ILE A 113 -21.64 -2.71 35.76
C ILE A 113 -21.96 -1.27 36.16
N ARG A 114 -22.41 -1.10 37.39
CA ARG A 114 -22.80 0.21 37.92
C ARG A 114 -21.75 0.66 38.90
N ARG A 115 -21.43 1.91 38.87
CA ARG A 115 -20.37 2.49 39.67
C ARG A 115 -20.67 3.93 40.16
N THR A 116 -19.92 4.44 41.14
CA THR A 116 -20.10 5.83 41.59
C THR A 116 -19.63 6.77 40.48
N VAL A 117 -20.34 7.88 40.28
CA VAL A 117 -20.02 8.88 39.24
C VAL A 117 -18.60 9.40 39.48
N ALA A 118 -17.75 9.19 38.46
CA ALA A 118 -16.33 9.54 38.44
C ALA A 118 -16.03 10.66 37.43
N ALA A 119 -15.46 11.77 37.93
CA ALA A 119 -15.14 12.90 37.08
C ALA A 119 -13.91 12.61 36.21
N PRO A 120 -13.91 13.09 34.93
CA PRO A 120 -12.74 12.88 34.07
C PRO A 120 -11.53 13.75 34.40
N SER A 121 -10.30 13.17 34.31
CA SER A 121 -9.06 13.92 34.48
C SER A 121 -8.69 14.38 33.07
N VAL A 122 -8.86 15.71 32.79
CA VAL A 122 -8.68 16.27 31.45
C VAL A 122 -7.25 16.68 31.07
N PHE A 123 -6.79 16.24 29.88
CA PHE A 123 -5.46 16.55 29.35
C PHE A 123 -5.54 17.06 27.90
N ILE A 124 -4.67 18.02 27.52
CA ILE A 124 -4.60 18.59 26.15
C ILE A 124 -3.17 18.47 25.55
N PHE A 125 -3.09 18.01 24.27
CA PHE A 125 -1.84 17.79 23.54
C PHE A 125 -1.74 18.60 22.23
N PRO A 126 -0.69 19.44 22.07
CA PRO A 126 -0.52 20.19 20.80
C PRO A 126 0.15 19.33 19.72
N PRO A 127 0.03 19.67 18.40
CA PRO A 127 0.66 18.83 17.37
C PRO A 127 2.19 18.82 17.42
N SER A 128 2.79 17.64 17.17
CA SER A 128 4.25 17.43 17.14
C SER A 128 4.91 18.14 15.94
N ASP A 129 6.16 18.61 16.12
CA ASP A 129 6.88 19.32 15.07
C ASP A 129 7.06 18.56 13.75
N GLU A 130 7.10 17.23 13.81
CA GLU A 130 7.21 16.40 12.60
C GLU A 130 5.88 16.29 11.87
N GLN A 131 4.76 16.31 12.62
CA GLN A 131 3.43 16.27 12.01
C GLN A 131 3.20 17.57 11.21
N LEU A 132 3.81 18.66 11.70
CA LEU A 132 3.75 19.99 11.12
C LEU A 132 4.48 20.08 9.78
N LYS A 133 5.56 19.34 9.71
CA LYS A 133 6.41 19.42 8.57
C LYS A 133 5.52 19.24 7.37
N SER A 134 4.63 18.28 7.46
CA SER A 134 3.83 17.93 6.31
C SER A 134 2.46 18.55 6.39
N GLY A 135 2.39 19.85 6.47
CA GLY A 135 1.12 20.56 6.39
C GLY A 135 -0.12 20.03 7.06
N THR A 136 0.00 19.39 8.22
CA THR A 136 -1.17 19.00 8.99
C THR A 136 -0.98 19.32 10.45
N ALA A 137 -2.06 19.56 11.18
CA ALA A 137 -2.00 19.73 12.62
C ALA A 137 -3.18 19.05 13.30
N SER A 138 -2.88 18.07 14.18
CA SER A 138 -3.88 17.32 14.93
C SER A 138 -3.71 17.64 16.41
N VAL A 139 -4.78 18.13 17.02
CA VAL A 139 -4.80 18.47 18.44
C VAL A 139 -5.67 17.44 19.17
N VAL A 140 -5.09 16.77 20.17
CA VAL A 140 -5.75 15.71 20.95
C VAL A 140 -6.18 16.17 22.33
N CYS A 141 -7.42 15.79 22.72
CA CYS A 141 -8.01 16.06 24.02
C CYS A 141 -8.25 14.75 24.73
N LEU A 142 -7.79 14.65 25.97
CA LEU A 142 -7.92 13.43 26.75
C LEU A 142 -8.92 13.53 27.93
N LEU A 143 -9.83 12.55 28.00
CA LEU A 143 -10.83 12.42 29.03
C LEU A 143 -10.54 11.07 29.68
N ASN A 144 -9.66 11.07 30.67
CA ASN A 144 -9.21 9.88 31.37
C ASN A 144 -10.10 9.46 32.57
N ASN A 145 -10.39 8.14 32.66
CA ASN A 145 -11.15 7.42 33.70
C ASN A 145 -12.41 8.12 34.21
N PHE A 146 -13.49 8.12 33.38
CA PHE A 146 -14.76 8.79 33.71
C PHE A 146 -15.99 7.87 33.61
N TYR A 147 -17.01 8.11 34.46
CA TYR A 147 -18.27 7.36 34.49
C TYR A 147 -19.43 8.30 34.89
N PRO A 148 -20.61 8.28 34.23
CA PRO A 148 -21.06 7.47 33.09
C PRO A 148 -20.36 7.74 31.73
N ARG A 149 -20.71 6.96 30.69
CA ARG A 149 -20.18 7.07 29.33
C ARG A 149 -20.54 8.42 28.72
N GLU A 150 -21.77 8.90 29.02
CA GLU A 150 -22.26 10.18 28.54
C GLU A 150 -21.38 11.35 29.02
N ALA A 151 -20.89 12.17 28.05
CA ALA A 151 -20.01 13.34 28.25
C ALA A 151 -20.04 14.28 27.02
N LYS A 152 -19.74 15.57 27.21
CA LYS A 152 -19.71 16.53 26.10
C LYS A 152 -18.32 17.22 25.96
N VAL A 153 -17.80 17.29 24.71
CA VAL A 153 -16.53 17.94 24.39
C VAL A 153 -16.78 19.05 23.37
N GLN A 154 -16.16 20.22 23.57
CA GLN A 154 -16.27 21.40 22.69
C GLN A 154 -14.92 22.05 22.45
N TRP A 155 -14.52 22.18 21.17
CA TRP A 155 -13.26 22.80 20.78
C TRP A 155 -13.47 24.29 20.61
N LYS A 156 -12.58 25.10 21.20
CA LYS A 156 -12.61 26.57 21.13
C LYS A 156 -11.27 27.15 20.70
N VAL A 157 -11.13 27.48 19.41
CA VAL A 157 -9.93 28.06 18.81
C VAL A 157 -10.05 29.58 18.86
N ASP A 158 -9.21 30.23 19.69
CA ASP A 158 -9.21 31.68 19.95
C ASP A 158 -10.60 32.14 20.42
N ASN A 159 -11.17 31.34 21.35
CA ASN A 159 -12.50 31.49 21.95
C ASN A 159 -13.69 31.48 20.96
N ALA A 160 -13.49 30.82 19.81
CA ALA A 160 -14.51 30.65 18.78
C ALA A 160 -14.76 29.13 18.64
N LEU A 161 -15.99 28.69 18.96
CA LEU A 161 -16.44 27.29 18.93
C LEU A 161 -16.28 26.65 17.56
N GLN A 162 -15.61 25.47 17.53
CA GLN A 162 -15.36 24.73 16.31
C GLN A 162 -16.42 23.68 16.00
N SER A 163 -16.71 23.48 14.70
CA SER A 163 -17.68 22.50 14.23
C SER A 163 -17.28 21.86 12.90
N GLY A 164 -17.33 20.54 12.86
CA GLY A 164 -17.04 19.76 11.65
C GLY A 164 -15.59 19.57 11.28
N ASN A 165 -14.69 19.54 12.26
CA ASN A 165 -13.25 19.35 12.02
C ASN A 165 -12.64 18.41 13.06
N SER A 166 -13.48 17.92 14.00
CA SER A 166 -13.10 17.02 15.09
C SER A 166 -13.71 15.59 15.00
N GLN A 167 -13.11 14.61 15.70
CA GLN A 167 -13.53 13.19 15.75
C GLN A 167 -13.22 12.60 17.13
N GLU A 168 -14.14 11.84 17.70
CA GLU A 168 -13.95 11.21 19.02
C GLU A 168 -14.16 9.69 19.04
N SER A 169 -13.42 8.99 19.91
CA SER A 169 -13.54 7.55 20.13
C SER A 169 -13.52 7.23 21.63
N VAL A 170 -14.34 6.24 22.05
CA VAL A 170 -14.46 5.86 23.46
C VAL A 170 -13.99 4.44 23.65
N THR A 171 -13.31 4.17 24.77
CA THR A 171 -12.87 2.83 25.16
C THR A 171 -14.04 2.04 25.76
N GLU A 172 -13.89 0.71 25.86
CA GLU A 172 -14.82 -0.19 26.53
C GLU A 172 -14.65 0.04 28.05
N GLN A 173 -15.57 -0.50 28.87
CA GLN A 173 -15.48 -0.34 30.31
C GLN A 173 -14.26 -1.08 30.89
N ASP A 174 -13.55 -0.42 31.82
CA ASP A 174 -12.35 -0.95 32.45
C ASP A 174 -12.63 -2.18 33.30
N SER A 175 -11.69 -3.14 33.24
CA SER A 175 -11.75 -4.41 33.97
C SER A 175 -11.50 -4.20 35.46
N LYS A 176 -10.67 -3.20 35.82
CA LYS A 176 -10.31 -2.89 37.21
C LYS A 176 -11.27 -1.89 37.87
N ASP A 177 -11.25 -0.61 37.46
CA ASP A 177 -12.08 0.43 38.06
C ASP A 177 -13.46 0.70 37.44
N SER A 178 -13.72 0.12 36.24
CA SER A 178 -14.99 0.20 35.51
C SER A 178 -15.36 1.58 34.98
N THR A 179 -14.36 2.34 34.53
CA THR A 179 -14.53 3.67 33.97
C THR A 179 -14.34 3.66 32.46
N TYR A 180 -14.57 4.81 31.82
CA TYR A 180 -14.41 5.02 30.39
C TYR A 180 -13.28 6.04 30.13
N SER A 181 -12.83 6.13 28.88
CA SER A 181 -11.82 7.09 28.45
C SER A 181 -12.18 7.58 27.05
N LEU A 182 -12.08 8.89 26.81
CA LEU A 182 -12.48 9.48 25.53
C LEU A 182 -11.35 10.29 24.93
N SER A 183 -11.23 10.18 23.58
CA SER A 183 -10.21 10.92 22.84
C SER A 183 -10.82 11.70 21.67
N SER A 184 -10.77 13.05 21.75
CA SER A 184 -11.22 13.90 20.66
C SER A 184 -10.02 14.52 19.97
N THR A 185 -10.05 14.49 18.65
CA THR A 185 -8.96 15.03 17.85
C THR A 185 -9.43 16.10 16.87
N LEU A 186 -8.86 17.29 16.99
CA LEU A 186 -9.13 18.42 16.14
C LEU A 186 -8.07 18.45 15.04
N THR A 187 -8.50 18.31 13.78
CA THR A 187 -7.55 18.29 12.67
C THR A 187 -7.69 19.47 11.73
N LEU A 188 -6.61 20.25 11.62
CA LEU A 188 -6.51 21.45 10.78
C LEU A 188 -5.31 21.38 9.87
N SER A 189 -5.38 22.15 8.77
CA SER A 189 -4.26 22.27 7.84
C SER A 189 -3.26 23.19 8.51
N LYS A 190 -1.95 22.97 8.27
CA LYS A 190 -0.87 23.78 8.86
C LYS A 190 -1.18 25.29 8.84
N ALA A 191 -1.65 25.84 7.69
CA ALA A 191 -2.02 27.25 7.52
C ALA A 191 -3.07 27.74 8.51
N ASP A 192 -4.13 26.92 8.77
CA ASP A 192 -5.19 27.27 9.74
C ASP A 192 -4.69 27.21 11.17
N TYR A 193 -3.81 26.24 11.48
CA TYR A 193 -3.24 26.11 12.82
C TYR A 193 -2.30 27.26 13.12
N GLU A 194 -1.49 27.67 12.13
CA GLU A 194 -0.53 28.77 12.24
C GLU A 194 -1.22 30.14 12.40
N LYS A 195 -2.52 30.22 12.05
CA LYS A 195 -3.33 31.45 12.15
C LYS A 195 -3.69 31.84 13.58
N HIS A 196 -3.85 30.88 14.50
CA HIS A 196 -4.31 31.16 15.86
C HIS A 196 -3.37 30.82 16.99
N LYS A 197 -3.57 31.49 18.15
CA LYS A 197 -2.72 31.33 19.34
C LYS A 197 -3.32 30.33 20.35
N VAL A 198 -4.52 30.64 20.84
CA VAL A 198 -5.20 29.83 21.84
C VAL A 198 -5.98 28.66 21.23
N TYR A 199 -5.93 27.51 21.90
CA TYR A 199 -6.59 26.27 21.54
C TYR A 199 -7.14 25.69 22.83
N ALA A 200 -8.48 25.68 22.95
CA ALA A 200 -9.18 25.23 24.16
C ALA A 200 -10.11 24.06 23.95
N CYS A 201 -10.15 23.21 24.97
CA CYS A 201 -10.98 22.01 25.02
C CYS A 201 -11.94 22.15 26.23
N GLU A 202 -13.26 22.22 25.98
CA GLU A 202 -14.25 22.37 27.04
C GLU A 202 -15.06 21.09 27.26
N VAL A 203 -14.91 20.50 28.47
CA VAL A 203 -15.52 19.23 28.88
C VAL A 203 -16.72 19.38 29.84
N THR A 204 -17.87 18.80 29.46
CA THR A 204 -19.13 18.82 30.23
C THR A 204 -19.56 17.39 30.59
N HIS A 205 -19.32 16.99 31.85
CA HIS A 205 -19.67 15.68 32.42
C HIS A 205 -20.41 15.88 33.75
N GLN A 206 -21.30 14.95 34.15
CA GLN A 206 -22.04 15.10 35.40
C GLN A 206 -21.20 14.97 36.68
N GLY A 207 -20.00 14.41 36.55
CA GLY A 207 -19.03 14.29 37.63
C GLY A 207 -18.34 15.60 37.95
N LEU A 208 -18.43 16.55 37.00
CA LEU A 208 -17.89 17.91 37.09
C LEU A 208 -19.04 18.87 37.39
N SER A 209 -18.84 19.73 38.39
CA SER A 209 -19.86 20.74 38.76
C SER A 209 -19.90 21.84 37.70
N SER A 210 -18.72 22.26 37.20
CA SER A 210 -18.58 23.30 36.17
C SER A 210 -17.76 22.77 34.98
N PRO A 211 -18.06 23.19 33.73
CA PRO A 211 -17.30 22.70 32.57
C PRO A 211 -15.80 23.01 32.63
N VAL A 212 -14.98 21.95 32.75
CA VAL A 212 -13.53 22.05 32.82
C VAL A 212 -12.89 22.34 31.44
N THR A 213 -11.95 23.32 31.42
CA THR A 213 -11.30 23.77 30.20
C THR A 213 -9.79 23.71 30.26
N LYS A 214 -9.19 22.96 29.33
CA LYS A 214 -7.74 22.84 29.19
C LYS A 214 -7.34 23.49 27.89
N SER A 215 -6.36 24.41 27.96
CA SER A 215 -5.91 25.19 26.82
C SER A 215 -4.39 25.30 26.68
N PHE A 216 -3.93 25.87 25.55
CA PHE A 216 -2.51 26.12 25.28
C PHE A 216 -2.30 27.23 24.25
N ASN A 217 -1.10 27.82 24.25
CA ASN A 217 -0.67 28.84 23.30
C ASN A 217 0.35 28.18 22.36
N ARG A 218 0.19 28.46 21.07
CA ARG A 218 1.03 27.93 19.99
C ARG A 218 2.40 28.62 20.08
N GLY A 219 3.37 27.88 20.60
CA GLY A 219 4.75 28.32 20.76
C GLY A 219 4.97 29.28 21.91
N LEU B 1 -11.68 -34.53 -44.06
CA LEU B 1 -11.45 -33.42 -44.99
C LEU B 1 -10.28 -32.66 -44.43
N ASP B 2 -10.60 -31.71 -43.57
CA ASP B 2 -9.77 -30.80 -42.81
C ASP B 2 -10.68 -30.34 -41.70
N ILE B 3 -10.46 -30.90 -40.54
CA ILE B 3 -11.26 -30.55 -39.38
C ILE B 3 -10.91 -29.10 -39.00
N VAL B 4 -11.94 -28.25 -38.93
CA VAL B 4 -11.83 -26.83 -38.61
C VAL B 4 -12.22 -26.60 -37.13
N MET B 5 -11.31 -25.99 -36.37
CA MET B 5 -11.56 -25.66 -34.97
C MET B 5 -12.04 -24.21 -34.87
N THR B 6 -13.21 -24.00 -34.24
CA THR B 6 -13.85 -22.69 -34.06
C THR B 6 -13.96 -22.32 -32.59
N GLN B 7 -13.20 -21.29 -32.16
CA GLN B 7 -13.23 -20.85 -30.78
C GLN B 7 -14.18 -19.69 -30.51
N THR B 8 -14.93 -19.79 -29.40
CA THR B 8 -15.96 -18.83 -28.95
C THR B 8 -15.87 -18.61 -27.44
N PRO B 9 -15.71 -17.35 -26.99
CA PRO B 9 -15.58 -16.10 -27.76
C PRO B 9 -14.14 -15.90 -28.25
N THR B 10 -13.87 -14.73 -28.86
CA THR B 10 -12.54 -14.38 -29.36
C THR B 10 -11.68 -13.78 -28.24
N SER B 11 -12.34 -13.12 -27.28
CA SER B 11 -11.76 -12.47 -26.11
C SER B 11 -12.78 -12.43 -24.94
N VAL B 12 -12.29 -12.63 -23.70
CA VAL B 12 -13.09 -12.68 -22.47
C VAL B 12 -12.48 -11.80 -21.39
N THR B 13 -13.35 -11.22 -20.54
CA THR B 13 -13.02 -10.42 -19.38
C THR B 13 -13.88 -10.84 -18.20
N ALA B 14 -13.25 -11.17 -17.07
CA ALA B 14 -13.96 -11.58 -15.86
C ALA B 14 -13.23 -11.19 -14.61
N SER B 15 -14.00 -11.00 -13.53
CA SER B 15 -13.46 -10.60 -12.22
C SER B 15 -12.78 -11.76 -11.52
N ALA B 16 -11.76 -11.45 -10.69
CA ALA B 16 -10.96 -12.40 -9.92
C ALA B 16 -11.85 -13.30 -9.03
N GLY B 17 -12.05 -14.54 -9.46
CA GLY B 17 -12.88 -15.51 -8.73
C GLY B 17 -14.07 -16.04 -9.52
N ASP B 18 -14.61 -15.22 -10.44
CA ASP B 18 -15.75 -15.57 -11.30
C ASP B 18 -15.43 -16.77 -12.20
N LYS B 19 -16.46 -17.54 -12.57
CA LYS B 19 -16.29 -18.72 -13.42
C LYS B 19 -16.22 -18.37 -14.90
N VAL B 20 -15.10 -18.75 -15.55
CA VAL B 20 -14.80 -18.49 -16.96
C VAL B 20 -15.06 -19.71 -17.82
N THR B 21 -15.66 -19.51 -19.02
CA THR B 21 -16.00 -20.56 -19.99
C THR B 21 -15.55 -20.25 -21.46
N ILE B 22 -14.81 -21.18 -22.09
CA ILE B 22 -14.33 -21.07 -23.49
C ILE B 22 -14.92 -22.25 -24.27
N ASN B 23 -15.57 -21.98 -25.40
CA ASN B 23 -16.19 -23.01 -26.24
C ASN B 23 -15.42 -23.26 -27.54
N CYS B 24 -15.29 -24.53 -27.93
CA CYS B 24 -14.60 -24.95 -29.15
C CYS B 24 -15.44 -25.97 -29.90
N LYS B 25 -15.83 -25.64 -31.15
CA LYS B 25 -16.64 -26.52 -31.99
C LYS B 25 -15.89 -26.99 -33.22
N SER B 26 -15.89 -28.32 -33.44
CA SER B 26 -15.21 -28.95 -34.57
C SER B 26 -16.19 -29.30 -35.68
N SER B 27 -15.74 -29.14 -36.94
CA SER B 27 -16.51 -29.41 -38.14
C SER B 27 -16.89 -30.89 -38.30
N GLN B 28 -16.11 -31.80 -37.67
CA GLN B 28 -16.31 -33.25 -37.69
C GLN B 28 -16.04 -33.85 -36.30
N SER B 29 -16.72 -34.96 -35.95
CA SER B 29 -16.57 -35.63 -34.66
C SER B 29 -15.12 -36.10 -34.40
N VAL B 30 -14.52 -35.64 -33.28
CA VAL B 30 -13.16 -36.02 -32.88
C VAL B 30 -13.14 -37.22 -31.90
N LEU B 31 -14.31 -37.86 -31.72
CA LEU B 31 -14.48 -39.00 -30.84
C LEU B 31 -14.27 -40.29 -31.64
N PHE B 32 -13.44 -41.19 -31.09
CA PHE B 32 -13.18 -42.47 -31.72
C PHE B 32 -14.11 -43.52 -31.11
N SER B 33 -15.02 -44.01 -31.97
CA SER B 33 -16.09 -44.95 -31.67
C SER B 33 -15.79 -46.11 -30.73
N SER B 34 -14.73 -46.88 -31.01
CA SER B 34 -14.40 -48.06 -30.20
C SER B 34 -13.80 -47.83 -28.81
N ASN B 35 -12.94 -46.81 -28.65
CA ASN B 35 -12.34 -46.53 -27.33
C ASN B 35 -13.16 -45.51 -26.56
N GLN B 36 -14.15 -44.90 -27.23
CA GLN B 36 -15.03 -43.87 -26.68
C GLN B 36 -14.23 -42.73 -26.01
N LYS B 37 -13.09 -42.39 -26.65
CA LYS B 37 -12.13 -41.38 -26.26
C LYS B 37 -12.19 -40.19 -27.22
N ASN B 38 -12.16 -38.96 -26.66
CA ASN B 38 -12.25 -37.70 -27.41
C ASN B 38 -10.85 -37.04 -27.62
N TYR B 39 -10.43 -37.00 -28.88
CA TYR B 39 -9.13 -36.50 -29.34
C TYR B 39 -9.08 -34.96 -29.35
N LEU B 40 -9.26 -34.36 -28.14
CA LEU B 40 -9.27 -32.92 -27.93
C LEU B 40 -8.39 -32.53 -26.76
N ALA B 41 -7.62 -31.44 -26.96
CA ALA B 41 -6.71 -30.91 -25.96
C ALA B 41 -6.81 -29.38 -25.84
N TRP B 42 -6.55 -28.88 -24.65
CA TRP B 42 -6.57 -27.45 -24.37
C TRP B 42 -5.18 -26.98 -23.92
N TYR B 43 -4.75 -25.83 -24.43
CA TYR B 43 -3.42 -25.26 -24.18
C TYR B 43 -3.46 -23.82 -23.73
N GLN B 44 -2.51 -23.42 -22.86
CA GLN B 44 -2.40 -22.07 -22.33
C GLN B 44 -1.07 -21.43 -22.76
N GLN B 45 -1.14 -20.44 -23.66
CA GLN B 45 0.05 -19.76 -24.15
C GLN B 45 0.15 -18.33 -23.63
N ARG B 46 1.36 -17.97 -23.20
CA ARG B 46 1.71 -16.64 -22.70
C ARG B 46 2.72 -16.02 -23.67
N LEU B 47 2.88 -14.68 -23.64
CA LEU B 47 3.81 -14.01 -24.57
C LEU B 47 5.26 -14.40 -24.37
N GLY B 48 5.91 -14.71 -25.49
CA GLY B 48 7.31 -15.12 -25.54
C GLY B 48 7.55 -16.47 -24.87
N GLN B 49 6.53 -17.33 -24.89
CA GLN B 49 6.56 -18.64 -24.26
C GLN B 49 5.90 -19.73 -25.10
N SER B 50 6.34 -20.98 -24.91
CA SER B 50 5.80 -22.15 -25.60
C SER B 50 4.45 -22.52 -25.01
N PRO B 51 3.47 -23.00 -25.84
CA PRO B 51 2.17 -23.39 -25.28
C PRO B 51 2.30 -24.49 -24.22
N ARG B 52 1.36 -24.53 -23.27
CA ARG B 52 1.34 -25.53 -22.21
C ARG B 52 0.00 -26.26 -22.21
N LEU B 53 -0.03 -27.63 -22.34
CA LEU B 53 -1.28 -28.43 -22.32
C LEU B 53 -1.96 -28.44 -20.95
N LEU B 54 -3.30 -28.30 -20.92
CA LEU B 54 -4.10 -28.34 -19.69
C LEU B 54 -4.96 -29.61 -19.59
N ILE B 55 -5.84 -29.82 -20.57
CA ILE B 55 -6.78 -30.93 -20.59
C ILE B 55 -6.57 -31.81 -21.82
N TYR B 56 -6.24 -33.10 -21.59
CA TYR B 56 -6.07 -34.10 -22.66
C TYR B 56 -7.26 -35.07 -22.60
N TRP B 57 -7.59 -35.74 -23.74
CA TRP B 57 -8.72 -36.67 -23.79
C TRP B 57 -10.05 -35.93 -23.56
N ALA B 58 -10.12 -34.65 -23.95
CA ALA B 58 -11.26 -33.73 -23.79
C ALA B 58 -11.75 -33.41 -22.35
N SER B 59 -11.36 -34.19 -21.31
CA SER B 59 -11.78 -33.97 -19.92
C SER B 59 -10.77 -34.36 -18.83
N ILE B 60 -9.64 -34.95 -19.20
CA ILE B 60 -8.63 -35.32 -18.20
C ILE B 60 -7.59 -34.20 -18.07
N ARG B 61 -6.97 -34.07 -16.89
CA ARG B 61 -5.96 -33.04 -16.60
C ARG B 61 -4.52 -33.59 -16.55
N GLU B 62 -3.51 -32.87 -17.10
CA GLU B 62 -2.11 -33.33 -16.96
C GLU B 62 -1.67 -33.11 -15.53
N SER B 63 -0.68 -33.90 -15.06
CA SER B 63 -0.19 -33.89 -13.69
C SER B 63 0.44 -32.54 -13.32
N GLY B 64 -0.06 -31.94 -12.25
CA GLY B 64 0.41 -30.64 -11.76
C GLY B 64 -0.31 -29.41 -12.28
N VAL B 65 -1.39 -29.62 -13.07
CA VAL B 65 -2.24 -28.56 -13.60
C VAL B 65 -3.34 -28.24 -12.55
N PRO B 66 -3.59 -26.95 -12.17
CA PRO B 66 -4.58 -26.66 -11.13
C PRO B 66 -5.95 -27.29 -11.34
N ASP B 67 -6.60 -27.70 -10.22
CA ASP B 67 -7.91 -28.37 -10.18
C ASP B 67 -8.99 -27.50 -10.76
N ARG B 68 -8.80 -26.18 -10.63
CA ARG B 68 -9.65 -25.10 -11.10
C ARG B 68 -10.02 -25.28 -12.63
N PHE B 69 -9.03 -25.70 -13.44
CA PHE B 69 -9.15 -25.99 -14.88
C PHE B 69 -9.88 -27.32 -15.06
N SER B 70 -10.97 -27.35 -15.84
CA SER B 70 -11.74 -28.58 -16.07
C SER B 70 -12.41 -28.68 -17.43
N GLY B 71 -12.00 -29.70 -18.18
CA GLY B 71 -12.48 -30.03 -19.51
C GLY B 71 -13.82 -30.74 -19.50
N SER B 72 -14.70 -30.34 -20.43
CA SER B 72 -16.03 -30.95 -20.59
C SER B 72 -16.38 -31.08 -22.07
N GLY B 73 -17.56 -31.59 -22.36
CA GLY B 73 -18.05 -31.74 -23.72
C GLY B 73 -17.74 -33.07 -24.38
N SER B 74 -18.47 -33.35 -25.48
CA SER B 74 -18.32 -34.56 -26.28
C SER B 74 -18.78 -34.34 -27.73
N ALA B 75 -18.22 -35.17 -28.67
CA ALA B 75 -18.46 -35.17 -30.11
C ALA B 75 -17.87 -33.96 -30.84
N THR B 76 -18.58 -32.81 -30.83
CA THR B 76 -18.12 -31.57 -31.50
C THR B 76 -17.97 -30.41 -30.53
N ASP B 77 -18.88 -30.27 -29.55
CA ASP B 77 -18.85 -29.16 -28.60
C ASP B 77 -18.00 -29.45 -27.39
N PHE B 78 -16.96 -28.62 -27.18
CA PHE B 78 -16.05 -28.76 -26.05
C PHE B 78 -15.95 -27.45 -25.30
N THR B 79 -15.66 -27.54 -24.01
CA THR B 79 -15.63 -26.39 -23.14
C THR B 79 -14.55 -26.46 -22.09
N LEU B 80 -13.68 -25.45 -22.09
CA LEU B 80 -12.66 -25.29 -21.06
C LEU B 80 -13.29 -24.40 -19.99
N THR B 81 -13.21 -24.84 -18.73
CA THR B 81 -13.80 -24.10 -17.63
C THR B 81 -12.84 -23.85 -16.47
N ILE B 82 -12.60 -22.57 -16.17
CA ILE B 82 -11.78 -22.10 -15.07
C ILE B 82 -12.78 -21.63 -14.03
N SER B 83 -12.76 -22.24 -12.83
CA SER B 83 -13.72 -21.89 -11.77
C SER B 83 -13.35 -20.62 -10.96
N ASN B 84 -12.24 -20.67 -10.19
CA ASN B 84 -11.79 -19.53 -9.41
C ASN B 84 -10.75 -18.75 -10.21
N PHE B 85 -11.20 -18.12 -11.33
CA PHE B 85 -10.35 -17.35 -12.24
C PHE B 85 -9.37 -16.45 -11.48
N GLN B 86 -8.08 -16.66 -11.75
CA GLN B 86 -7.01 -15.96 -11.06
C GLN B 86 -6.16 -15.10 -12.01
N PRO B 87 -5.35 -14.13 -11.47
CA PRO B 87 -4.54 -13.25 -12.35
C PRO B 87 -3.56 -13.95 -13.29
N GLU B 88 -3.11 -15.14 -12.87
CA GLU B 88 -2.18 -16.00 -13.59
C GLU B 88 -2.84 -16.59 -14.84
N ASP B 89 -4.17 -16.75 -14.80
CA ASP B 89 -4.95 -17.34 -15.90
C ASP B 89 -5.26 -16.40 -17.06
N ALA B 90 -4.68 -15.19 -17.03
CA ALA B 90 -4.80 -14.22 -18.11
C ALA B 90 -3.76 -14.62 -19.15
N ALA B 91 -4.22 -15.32 -20.22
CA ALA B 91 -3.38 -15.82 -21.31
C ALA B 91 -4.23 -16.17 -22.53
N VAL B 92 -3.62 -16.80 -23.55
CA VAL B 92 -4.33 -17.25 -24.76
C VAL B 92 -4.59 -18.73 -24.59
N TYR B 93 -5.80 -19.17 -24.95
CA TYR B 93 -6.20 -20.56 -24.82
C TYR B 93 -6.56 -21.13 -26.18
N TYR B 94 -5.95 -22.28 -26.54
CA TYR B 94 -6.17 -22.94 -27.83
C TYR B 94 -6.70 -24.37 -27.66
N CYS B 95 -7.65 -24.76 -28.53
CA CYS B 95 -8.18 -26.12 -28.56
C CYS B 95 -7.53 -26.85 -29.74
N GLN B 96 -7.09 -28.09 -29.53
CA GLN B 96 -6.41 -28.83 -30.60
C GLN B 96 -6.99 -30.21 -30.78
N GLN B 97 -7.31 -30.57 -32.04
CA GLN B 97 -7.81 -31.88 -32.41
C GLN B 97 -6.63 -32.81 -32.82
N GLY B 98 -6.79 -34.10 -32.53
CA GLY B 98 -5.81 -35.12 -32.86
C GLY B 98 -6.37 -36.27 -33.67
N TYR B 99 -7.70 -36.30 -33.84
CA TYR B 99 -8.44 -37.33 -34.56
C TYR B 99 -7.99 -37.57 -36.02
N SER B 100 -7.78 -36.50 -36.81
CA SER B 100 -7.39 -36.67 -38.20
C SER B 100 -6.28 -35.74 -38.68
N PHE B 101 -5.63 -36.09 -39.79
CA PHE B 101 -4.59 -35.27 -40.40
C PHE B 101 -5.20 -34.34 -41.48
N PRO B 102 -4.75 -33.07 -41.56
CA PRO B 102 -3.77 -32.39 -40.69
C PRO B 102 -4.37 -32.02 -39.34
N TYR B 103 -3.51 -31.85 -38.34
CA TYR B 103 -3.97 -31.46 -37.01
C TYR B 103 -4.38 -30.02 -37.02
N SER B 104 -5.40 -29.69 -36.21
CA SER B 104 -5.89 -28.32 -36.18
C SER B 104 -5.89 -27.68 -34.81
N PHE B 105 -5.66 -26.37 -34.78
CA PHE B 105 -5.66 -25.56 -33.56
C PHE B 105 -6.68 -24.45 -33.70
N GLY B 106 -7.38 -24.12 -32.61
CA GLY B 106 -8.39 -23.06 -32.60
C GLY B 106 -7.80 -21.71 -32.91
N SER B 107 -8.64 -20.68 -33.07
CA SER B 107 -8.17 -19.32 -33.37
C SER B 107 -7.49 -18.69 -32.14
N GLY B 108 -7.71 -19.26 -30.97
CA GLY B 108 -7.20 -18.77 -29.70
C GLY B 108 -8.18 -17.83 -29.02
N THR B 109 -8.26 -17.90 -27.67
CA THR B 109 -9.16 -17.04 -26.87
C THR B 109 -8.38 -16.22 -25.83
N ARG B 110 -8.48 -14.88 -25.95
CA ARG B 110 -7.81 -13.95 -25.05
C ARG B 110 -8.59 -13.81 -23.77
N LEU B 111 -8.00 -14.19 -22.65
CA LEU B 111 -8.69 -14.04 -21.38
C LEU B 111 -7.98 -13.04 -20.54
N GLU B 112 -8.74 -12.10 -20.00
CA GLU B 112 -8.16 -11.04 -19.19
C GLU B 112 -8.96 -10.83 -17.93
N ILE B 113 -8.27 -10.56 -16.83
CA ILE B 113 -8.92 -10.26 -15.56
C ILE B 113 -9.62 -8.87 -15.55
N ARG B 114 -10.45 -8.69 -14.52
CA ARG B 114 -11.07 -7.47 -14.17
C ARG B 114 -10.47 -7.14 -12.85
N ARG B 115 -10.03 -5.94 -12.72
CA ARG B 115 -9.50 -5.38 -11.48
C ARG B 115 -10.07 -3.97 -11.32
N THR B 116 -9.79 -3.25 -10.20
CA THR B 116 -10.31 -1.89 -10.01
C THR B 116 -9.67 -0.96 -11.02
N VAL B 117 -10.46 -0.02 -11.61
CA VAL B 117 -9.93 0.93 -12.62
C VAL B 117 -8.79 1.72 -11.97
N ALA B 118 -7.57 1.55 -12.51
CA ALA B 118 -6.39 2.22 -12.00
C ALA B 118 -5.85 3.19 -13.04
N ALA B 119 -5.60 4.42 -12.61
CA ALA B 119 -5.10 5.48 -13.49
C ALA B 119 -3.58 5.29 -13.79
N PRO B 120 -3.14 5.62 -15.03
CA PRO B 120 -1.70 5.47 -15.34
C PRO B 120 -0.81 6.56 -14.71
N SER B 121 0.41 6.20 -14.25
CA SER B 121 1.38 7.16 -13.73
C SER B 121 2.21 7.54 -14.96
N VAL B 122 2.00 8.78 -15.49
CA VAL B 122 2.60 9.23 -16.75
C VAL B 122 4.01 9.87 -16.62
N PHE B 123 4.95 9.41 -17.47
CA PHE B 123 6.32 9.91 -17.49
C PHE B 123 6.74 10.27 -18.91
N ILE B 124 7.55 11.35 -19.08
CA ILE B 124 8.08 11.81 -20.39
C ILE B 124 9.63 11.92 -20.38
N PHE B 125 10.27 11.36 -21.43
CA PHE B 125 11.72 11.30 -21.58
C PHE B 125 12.23 11.98 -22.88
N PRO B 126 13.11 13.01 -22.75
CA PRO B 126 13.66 13.66 -23.95
C PRO B 126 14.82 12.84 -24.54
N PRO B 127 15.20 13.02 -25.84
CA PRO B 127 16.31 12.23 -26.39
C PRO B 127 17.66 12.55 -25.73
N SER B 128 18.46 11.50 -25.54
CA SER B 128 19.80 11.57 -24.94
C SER B 128 20.79 12.26 -25.86
N ASP B 129 21.77 12.99 -25.30
CA ASP B 129 22.81 13.71 -26.02
C ASP B 129 23.58 12.86 -27.05
N GLU B 130 23.78 11.56 -26.77
CA GLU B 130 24.47 10.62 -27.68
C GLU B 130 23.57 10.21 -28.85
N GLN B 131 22.24 10.09 -28.63
CA GLN B 131 21.29 9.75 -29.68
C GLN B 131 21.23 10.89 -30.70
N LEU B 132 21.42 12.13 -30.24
CA LEU B 132 21.40 13.33 -31.06
C LEU B 132 22.62 13.45 -31.96
N LYS B 133 23.76 12.86 -31.55
CA LYS B 133 24.98 12.83 -32.36
C LYS B 133 24.70 12.08 -33.67
N SER B 134 23.97 10.94 -33.58
CA SER B 134 23.60 10.08 -34.71
C SER B 134 22.58 10.71 -35.69
N GLY B 135 22.11 11.93 -35.38
CA GLY B 135 21.17 12.70 -36.20
C GLY B 135 19.72 12.29 -36.13
N THR B 136 19.33 11.62 -35.03
CA THR B 136 17.96 11.14 -34.79
C THR B 136 17.53 11.48 -33.36
N ALA B 137 16.24 11.79 -33.18
CA ALA B 137 15.68 12.11 -31.87
C ALA B 137 14.43 11.29 -31.60
N SER B 138 14.49 10.48 -30.53
CA SER B 138 13.39 9.62 -30.08
C SER B 138 12.90 10.09 -28.73
N VAL B 139 11.62 10.43 -28.67
CA VAL B 139 10.97 10.90 -27.45
C VAL B 139 10.04 9.80 -26.95
N VAL B 140 10.26 9.36 -25.70
CA VAL B 140 9.49 8.27 -25.08
C VAL B 140 8.49 8.77 -24.07
N CYS B 141 7.29 8.20 -24.12
CA CYS B 141 6.19 8.48 -23.20
C CYS B 141 5.85 7.20 -22.44
N LEU B 142 5.81 7.29 -21.13
CA LEU B 142 5.54 6.14 -20.29
C LEU B 142 4.15 6.18 -19.60
N LEU B 143 3.43 5.07 -19.73
CA LEU B 143 2.11 4.87 -19.14
C LEU B 143 2.26 3.67 -18.23
N ASN B 144 2.68 3.91 -16.99
CA ASN B 144 2.95 2.88 -16.01
C ASN B 144 1.72 2.40 -15.19
N ASN B 145 1.59 1.04 -15.05
CA ASN B 145 0.60 0.27 -14.29
C ASN B 145 -0.84 0.82 -14.28
N PHE B 146 -1.59 0.52 -15.35
CA PHE B 146 -2.95 1.02 -15.46
C PHE B 146 -3.91 -0.08 -15.86
N TYR B 147 -5.20 0.16 -15.68
CA TYR B 147 -6.28 -0.76 -16.06
C TYR B 147 -7.58 0.01 -16.32
N PRO B 148 -8.38 -0.24 -17.39
CA PRO B 148 -8.21 -1.24 -18.47
C PRO B 148 -7.01 -1.03 -19.42
N ARG B 149 -6.79 -2.00 -20.36
CA ARG B 149 -5.72 -1.98 -21.35
C ARG B 149 -5.94 -0.78 -22.31
N GLU B 150 -7.20 -0.51 -22.62
CA GLU B 150 -7.59 0.57 -23.51
C GLU B 150 -7.19 1.93 -22.95
N ALA B 151 -6.46 2.71 -23.76
CA ALA B 151 -5.94 4.06 -23.44
C ALA B 151 -5.57 4.82 -24.72
N LYS B 152 -5.58 6.16 -24.68
CA LYS B 152 -5.24 6.99 -25.84
C LYS B 152 -4.04 7.90 -25.58
N VAL B 153 -3.10 7.92 -26.52
CA VAL B 153 -1.89 8.75 -26.44
C VAL B 153 -1.86 9.66 -27.68
N GLN B 154 -1.53 10.94 -27.48
CA GLN B 154 -1.42 11.94 -28.55
C GLN B 154 -0.19 12.81 -28.37
N TRP B 155 0.67 12.88 -29.42
CA TRP B 155 1.88 13.71 -29.39
C TRP B 155 1.58 15.10 -29.89
N LYS B 156 2.04 16.13 -29.14
CA LYS B 156 1.83 17.53 -29.46
C LYS B 156 3.14 18.33 -29.43
N VAL B 157 3.72 18.56 -30.62
CA VAL B 157 4.97 19.31 -30.80
C VAL B 157 4.62 20.78 -31.02
N ASP B 158 4.96 21.64 -30.04
CA ASP B 158 4.65 23.09 -30.02
C ASP B 158 3.13 23.30 -30.19
N ASN B 159 2.36 22.49 -29.43
CA ASN B 159 0.90 22.42 -29.40
C ASN B 159 0.22 22.10 -30.75
N ALA B 160 0.95 21.40 -31.63
CA ALA B 160 0.45 20.95 -32.92
C ALA B 160 0.50 19.42 -32.93
N LEU B 161 -0.69 18.78 -33.03
CA LEU B 161 -0.90 17.33 -33.00
C LEU B 161 -0.12 16.60 -34.09
N GLN B 162 0.65 15.58 -33.70
CA GLN B 162 1.47 14.79 -34.61
C GLN B 162 0.76 13.54 -35.11
N SER B 163 1.07 13.17 -36.36
CA SER B 163 0.49 12.00 -37.03
C SER B 163 1.49 11.27 -37.93
N GLY B 164 1.60 9.96 -37.72
CA GLY B 164 2.44 9.07 -38.51
C GLY B 164 3.93 9.12 -38.28
N ASN B 165 4.35 9.40 -37.04
CA ASN B 165 5.78 9.46 -36.67
C ASN B 165 6.04 8.78 -35.31
N SER B 166 4.98 8.22 -34.72
CA SER B 166 5.00 7.53 -33.43
C SER B 166 4.63 6.03 -33.51
N GLN B 167 5.08 5.22 -32.51
CA GLN B 167 4.78 3.79 -32.39
C GLN B 167 4.70 3.41 -30.93
N GLU B 168 3.66 2.64 -30.57
CA GLU B 168 3.41 2.17 -29.21
C GLU B 168 3.40 0.64 -29.05
N SER B 169 3.82 0.17 -27.87
CA SER B 169 3.78 -1.24 -27.49
C SER B 169 3.20 -1.38 -26.09
N VAL B 170 2.36 -2.40 -25.90
CA VAL B 170 1.70 -2.67 -24.62
C VAL B 170 2.18 -3.99 -24.08
N THR B 171 2.41 -4.04 -22.77
CA THR B 171 2.80 -5.25 -22.07
C THR B 171 1.54 -6.14 -21.86
N GLU B 172 1.76 -7.43 -21.59
CA GLU B 172 0.69 -8.37 -21.26
C GLU B 172 0.21 -8.04 -19.85
N GLN B 173 -0.93 -8.62 -19.40
CA GLN B 173 -1.42 -8.33 -18.05
C GLN B 173 -0.49 -8.89 -16.99
N ASP B 174 -0.22 -8.09 -15.94
CA ASP B 174 0.69 -8.45 -14.86
C ASP B 174 0.21 -9.64 -14.05
N SER B 175 1.13 -10.51 -13.65
CA SER B 175 0.83 -11.71 -12.86
C SER B 175 0.53 -11.36 -11.39
N LYS B 176 1.13 -10.26 -10.88
CA LYS B 176 0.97 -9.78 -9.51
C LYS B 176 -0.22 -8.81 -9.36
N ASP B 177 -0.11 -7.57 -9.90
CA ASP B 177 -1.15 -6.54 -9.78
C ASP B 177 -2.23 -6.48 -10.87
N SER B 178 -2.02 -7.20 -12.00
CA SER B 178 -2.94 -7.31 -13.12
C SER B 178 -3.20 -6.02 -13.90
N THR B 179 -2.15 -5.20 -14.04
CA THR B 179 -2.21 -3.93 -14.78
C THR B 179 -1.46 -4.04 -16.11
N TYR B 180 -1.43 -2.92 -16.85
CA TYR B 180 -0.76 -2.78 -18.13
C TYR B 180 0.22 -1.62 -18.14
N SER B 181 1.17 -1.65 -19.07
CA SER B 181 2.13 -0.56 -19.26
C SER B 181 2.26 -0.27 -20.73
N LEU B 182 2.32 1.02 -21.10
CA LEU B 182 2.38 1.42 -22.51
C LEU B 182 3.54 2.36 -22.80
N SER B 183 4.22 2.11 -23.91
CA SER B 183 5.33 2.93 -24.31
C SER B 183 5.13 3.45 -25.72
N SER B 184 4.88 4.76 -25.86
CA SER B 184 4.74 5.44 -27.16
C SER B 184 6.00 6.26 -27.46
N THR B 185 6.65 6.00 -28.60
CA THR B 185 7.88 6.68 -29.00
C THR B 185 7.71 7.50 -30.26
N LEU B 186 7.94 8.83 -30.14
CA LEU B 186 7.92 9.79 -31.25
C LEU B 186 9.33 9.91 -31.78
N THR B 187 9.52 9.60 -33.07
CA THR B 187 10.84 9.66 -33.70
C THR B 187 10.93 10.67 -34.80
N LEU B 188 11.86 11.62 -34.64
CA LEU B 188 12.12 12.72 -35.57
C LEU B 188 13.60 12.79 -35.94
N SER B 189 13.88 13.41 -37.08
CA SER B 189 15.25 13.67 -37.52
C SER B 189 15.76 14.82 -36.66
N LYS B 190 17.07 14.84 -36.33
CA LYS B 190 17.72 15.90 -35.53
C LYS B 190 17.24 17.29 -35.94
N ALA B 191 17.18 17.53 -37.28
CA ALA B 191 16.70 18.73 -37.96
C ALA B 191 15.33 19.23 -37.45
N ASP B 192 14.34 18.32 -37.39
CA ASP B 192 12.98 18.59 -36.96
C ASP B 192 12.88 18.78 -35.45
N TYR B 193 13.67 18.02 -34.68
CA TYR B 193 13.67 18.11 -33.23
C TYR B 193 14.23 19.46 -32.78
N GLU B 194 15.33 19.90 -33.44
CA GLU B 194 16.00 21.16 -33.14
C GLU B 194 15.14 22.39 -33.47
N LYS B 195 14.11 22.21 -34.31
CA LYS B 195 13.19 23.26 -34.72
C LYS B 195 12.22 23.74 -33.63
N HIS B 196 11.82 22.85 -32.70
CA HIS B 196 10.80 23.20 -31.70
C HIS B 196 11.22 23.14 -30.24
N LYS B 197 10.47 23.85 -29.37
CA LYS B 197 10.71 23.94 -27.92
C LYS B 197 9.92 22.94 -27.07
N VAL B 198 8.58 23.07 -27.04
CA VAL B 198 7.66 22.26 -26.22
C VAL B 198 7.25 20.94 -26.87
N TYR B 199 7.48 19.82 -26.17
CA TYR B 199 7.10 18.50 -26.64
C TYR B 199 6.14 17.91 -25.63
N ALA B 200 4.92 17.65 -26.08
CA ALA B 200 3.89 17.21 -25.16
C ALA B 200 3.29 15.87 -25.51
N CYS B 201 2.94 15.13 -24.45
CA CYS B 201 2.32 13.82 -24.52
C CYS B 201 0.97 13.91 -23.82
N GLU B 202 -0.14 13.69 -24.56
CA GLU B 202 -1.50 13.77 -24.00
C GLU B 202 -2.15 12.41 -23.87
N VAL B 203 -2.40 12.00 -22.61
CA VAL B 203 -2.95 10.70 -22.22
C VAL B 203 -4.45 10.73 -21.84
N THR B 204 -5.28 9.91 -22.52
CA THR B 204 -6.72 9.78 -22.32
C THR B 204 -7.09 8.35 -21.88
N HIS B 205 -7.36 8.17 -20.58
CA HIS B 205 -7.73 6.89 -19.94
C HIS B 205 -8.95 7.12 -19.03
N GLN B 206 -9.81 6.09 -18.84
CA GLN B 206 -10.98 6.26 -17.97
C GLN B 206 -10.70 6.43 -16.47
N GLY B 207 -9.49 6.08 -16.05
CA GLY B 207 -9.00 6.25 -14.68
C GLY B 207 -8.67 7.69 -14.38
N LEU B 208 -8.50 8.51 -15.45
CA LEU B 208 -8.20 9.94 -15.40
C LEU B 208 -9.47 10.72 -15.71
N SER B 209 -9.77 11.73 -14.90
CA SER B 209 -10.95 12.58 -15.11
C SER B 209 -10.75 13.52 -16.30
N SER B 210 -9.52 14.07 -16.42
CA SER B 210 -9.16 14.97 -17.51
C SER B 210 -7.89 14.45 -18.20
N PRO B 211 -7.72 14.67 -19.53
CA PRO B 211 -6.51 14.18 -20.20
C PRO B 211 -5.22 14.76 -19.64
N VAL B 212 -4.40 13.90 -19.02
CA VAL B 212 -3.12 14.26 -18.42
C VAL B 212 -2.04 14.51 -19.48
N THR B 213 -1.32 15.63 -19.32
CA THR B 213 -0.29 16.05 -20.26
C THR B 213 1.05 16.26 -19.58
N LYS B 214 2.05 15.52 -20.06
CA LYS B 214 3.42 15.64 -19.59
C LYS B 214 4.22 16.24 -20.72
N SER B 215 4.91 17.35 -20.44
CA SER B 215 5.68 18.08 -21.44
C SER B 215 7.07 18.46 -20.95
N PHE B 216 7.90 18.95 -21.89
CA PHE B 216 9.25 19.42 -21.62
C PHE B 216 9.69 20.45 -22.65
N ASN B 217 10.69 21.26 -22.27
CA ASN B 217 11.31 22.26 -23.12
C ASN B 217 12.68 21.74 -23.52
N ARG B 218 12.99 21.86 -24.83
CA ARG B 218 14.23 21.42 -25.45
C ARG B 218 15.34 22.42 -25.07
N GLY B 219 16.07 22.10 -23.99
CA GLY B 219 17.14 22.92 -23.45
C GLY B 219 17.10 23.11 -21.95
N LEU C 1 48.48 12.81 28.37
CA LEU C 1 47.20 12.12 28.39
C LEU C 1 46.61 11.96 27.01
N ASP C 2 45.97 10.81 26.80
CA ASP C 2 45.28 10.39 25.60
C ASP C 2 44.33 9.29 26.11
N ILE C 3 43.01 9.55 26.12
CA ILE C 3 42.05 8.58 26.67
C ILE C 3 41.94 7.34 25.77
N VAL C 4 42.12 6.15 26.36
CA VAL C 4 42.05 4.87 25.66
C VAL C 4 40.71 4.18 25.93
N MET C 5 39.97 3.85 24.85
CA MET C 5 38.70 3.12 24.95
C MET C 5 38.94 1.63 24.76
N THR C 6 38.52 0.83 25.76
CA THR C 6 38.70 -0.63 25.78
C THR C 6 37.36 -1.35 25.75
N GLN C 7 37.06 -2.02 24.63
CA GLN C 7 35.81 -2.76 24.50
C GLN C 7 35.93 -4.24 24.86
N THR C 8 34.93 -4.75 25.61
CA THR C 8 34.84 -6.12 26.11
C THR C 8 33.41 -6.65 25.96
N PRO C 9 33.20 -7.79 25.26
CA PRO C 9 34.19 -8.63 24.56
C PRO C 9 34.51 -8.07 23.17
N THR C 10 35.30 -8.82 22.38
CA THR C 10 35.67 -8.44 21.02
C THR C 10 34.56 -8.87 20.04
N SER C 11 33.87 -9.98 20.36
CA SER C 11 32.80 -10.59 19.57
C SER C 11 31.84 -11.35 20.48
N VAL C 12 30.54 -11.31 20.13
CA VAL C 12 29.45 -11.94 20.88
C VAL C 12 28.51 -12.70 19.93
N THR C 13 27.93 -13.81 20.43
CA THR C 13 26.93 -14.62 19.71
C THR C 13 25.81 -14.96 20.69
N ALA C 14 24.56 -14.69 20.31
CA ALA C 14 23.41 -14.95 21.18
C ALA C 14 22.14 -15.30 20.42
N SER C 15 21.24 -16.05 21.09
CA SER C 15 19.97 -16.48 20.51
C SER C 15 18.96 -15.33 20.51
N ALA C 16 18.04 -15.36 19.53
CA ALA C 16 16.98 -14.37 19.33
C ALA C 16 16.10 -14.20 20.58
N GLY C 17 16.33 -13.12 21.32
CA GLY C 17 15.59 -12.82 22.55
C GLY C 17 16.47 -12.69 23.78
N ASP C 18 17.61 -13.40 23.81
CA ASP C 18 18.58 -13.39 24.91
C ASP C 18 19.16 -11.99 25.13
N LYS C 19 19.55 -11.67 26.37
CA LYS C 19 20.12 -10.37 26.71
C LYS C 19 21.61 -10.28 26.39
N VAL C 20 21.97 -9.28 25.58
CA VAL C 20 23.33 -9.00 25.11
C VAL C 20 23.95 -7.81 25.89
N THR C 21 25.22 -7.94 26.31
CA THR C 21 25.94 -6.92 27.08
C THR C 21 27.34 -6.58 26.53
N ILE C 22 27.63 -5.28 26.27
CA ILE C 22 28.93 -4.80 25.76
C ILE C 22 29.50 -3.81 26.78
N ASN C 23 30.75 -4.05 27.23
CA ASN C 23 31.40 -3.18 28.22
C ASN C 23 32.49 -2.34 27.61
N CYS C 24 32.58 -1.07 28.04
CA CYS C 24 33.59 -0.12 27.56
C CYS C 24 34.21 0.62 28.76
N LYS C 25 35.53 0.48 28.93
CA LYS C 25 36.27 1.12 30.02
C LYS C 25 37.27 2.13 29.51
N SER C 26 37.25 3.33 30.09
CA SER C 26 38.14 4.44 29.72
C SER C 26 39.27 4.59 30.73
N SER C 27 40.46 4.92 30.22
CA SER C 27 41.70 5.12 31.00
C SER C 27 41.61 6.30 31.96
N GLN C 28 40.71 7.26 31.67
CA GLN C 28 40.47 8.47 32.46
C GLN C 28 38.99 8.79 32.54
N SER C 29 38.54 9.41 33.65
CA SER C 29 37.13 9.77 33.88
C SER C 29 36.60 10.74 32.81
N VAL C 30 35.52 10.33 32.13
CA VAL C 30 34.87 11.15 31.10
C VAL C 30 33.63 11.88 31.66
N LEU C 31 33.54 11.95 33.01
CA LEU C 31 32.48 12.62 33.71
C LEU C 31 32.94 14.01 34.10
N PHE C 32 32.10 15.00 33.83
CA PHE C 32 32.37 16.37 34.22
C PHE C 32 31.64 16.69 35.54
N SER C 33 32.44 16.91 36.59
CA SER C 33 32.00 17.13 37.98
C SER C 33 30.78 18.00 38.22
N SER C 34 30.76 19.22 37.67
CA SER C 34 29.66 20.18 37.89
C SER C 34 28.32 19.90 37.21
N ASN C 35 28.33 19.39 35.96
CA ASN C 35 27.08 19.10 35.26
C ASN C 35 26.66 17.66 35.49
N GLN C 36 27.54 16.86 36.11
CA GLN C 36 27.33 15.45 36.40
C GLN C 36 26.93 14.66 35.12
N LYS C 37 27.61 15.00 34.00
CA LYS C 37 27.42 14.41 32.69
C LYS C 37 28.65 13.66 32.24
N ASN C 38 28.43 12.41 31.82
CA ASN C 38 29.43 11.50 31.29
C ASN C 38 29.46 11.68 29.77
N TYR C 39 30.64 11.99 29.23
CA TYR C 39 30.86 12.23 27.80
C TYR C 39 31.18 10.91 27.03
N LEU C 40 30.15 10.07 26.89
CA LEU C 40 30.21 8.76 26.25
C LEU C 40 29.07 8.52 25.28
N ALA C 41 29.38 7.93 24.11
CA ALA C 41 28.40 7.65 23.06
C ALA C 41 28.58 6.27 22.42
N TRP C 42 27.45 5.57 22.16
CA TRP C 42 27.43 4.24 21.54
C TRP C 42 26.90 4.33 20.10
N TYR C 43 27.57 3.60 19.18
CA TYR C 43 27.22 3.58 17.75
C TYR C 43 27.08 2.16 17.21
N GLN C 44 26.18 1.98 16.22
CA GLN C 44 25.89 0.71 15.57
C GLN C 44 26.22 0.79 14.08
N GLN C 45 27.31 0.12 13.65
CA GLN C 45 27.70 0.13 12.25
C GLN C 45 27.42 -1.20 11.56
N ARG C 46 26.85 -1.10 10.36
CA ARG C 46 26.49 -2.22 9.49
C ARG C 46 27.36 -2.17 8.25
N LEU C 47 27.48 -3.29 7.53
CA LEU C 47 28.33 -3.34 6.33
C LEU C 47 27.82 -2.44 5.20
N GLY C 48 28.75 -1.67 4.64
CA GLY C 48 28.49 -0.71 3.56
C GLY C 48 27.61 0.43 4.00
N GLN C 49 27.70 0.80 5.29
CA GLN C 49 26.90 1.86 5.90
C GLN C 49 27.69 2.71 6.89
N SER C 50 27.27 3.98 7.03
CA SER C 50 27.84 4.93 7.97
C SER C 50 27.38 4.57 9.41
N PRO C 51 28.23 4.76 10.45
CA PRO C 51 27.79 4.44 11.83
C PRO C 51 26.54 5.20 12.26
N ARG C 52 25.77 4.62 13.19
CA ARG C 52 24.51 5.18 13.66
C ARG C 52 24.52 5.33 15.18
N LEU C 53 24.32 6.58 15.62
CA LEU C 53 24.27 6.94 17.03
C LEU C 53 23.04 6.33 17.72
N LEU C 54 23.30 5.64 18.85
CA LEU C 54 22.26 5.01 19.67
C LEU C 54 22.16 5.75 20.99
N ILE C 55 23.23 5.66 21.79
CA ILE C 55 23.28 6.25 23.11
C ILE C 55 24.29 7.40 23.19
N TYR C 56 23.87 8.50 23.82
CA TYR C 56 24.72 9.67 24.09
C TYR C 56 24.58 10.02 25.56
N TRP C 57 25.46 10.91 26.09
CA TRP C 57 25.47 11.31 27.52
C TRP C 57 25.56 10.05 28.44
N ALA C 58 26.13 8.93 27.89
CA ALA C 58 26.31 7.60 28.49
C ALA C 58 25.05 6.78 28.74
N SER C 59 23.89 7.44 28.89
CA SER C 59 22.60 6.78 29.18
C SER C 59 21.35 7.34 28.44
N ILE C 60 21.52 8.42 27.64
CA ILE C 60 20.40 9.02 26.90
C ILE C 60 20.25 8.38 25.51
N ARG C 61 19.03 7.94 25.20
CA ARG C 61 18.64 7.29 23.96
C ARG C 61 18.36 8.33 22.87
N GLU C 62 18.75 8.06 21.62
CA GLU C 62 18.50 8.96 20.50
C GLU C 62 17.07 8.74 19.98
N SER C 63 16.53 9.73 19.26
CA SER C 63 15.18 9.68 18.70
C SER C 63 15.06 8.65 17.59
N GLY C 64 14.14 7.70 17.78
CA GLY C 64 13.85 6.61 16.85
C GLY C 64 14.62 5.33 17.10
N VAL C 65 15.36 5.27 18.24
CA VAL C 65 16.18 4.11 18.63
C VAL C 65 15.33 3.20 19.54
N PRO C 66 15.23 1.87 19.23
CA PRO C 66 14.42 0.97 20.08
C PRO C 66 14.74 1.00 21.57
N ASP C 67 13.69 0.80 22.38
CA ASP C 67 13.72 0.78 23.85
C ASP C 67 14.64 -0.28 24.40
N ARG C 68 14.80 -1.40 23.65
CA ARG C 68 15.65 -2.53 24.03
C ARG C 68 17.09 -2.12 24.28
N PHE C 69 17.58 -1.16 23.50
CA PHE C 69 18.93 -0.58 23.63
C PHE C 69 18.97 0.33 24.84
N SER C 70 19.91 0.07 25.75
CA SER C 70 20.04 0.86 26.97
C SER C 70 21.46 1.16 27.36
N GLY C 71 21.68 2.43 27.67
CA GLY C 71 22.97 2.94 28.12
C GLY C 71 23.00 3.04 29.61
N SER C 72 24.11 2.63 30.21
CA SER C 72 24.33 2.62 31.65
C SER C 72 25.79 2.86 31.99
N GLY C 73 26.06 2.99 33.27
CA GLY C 73 27.41 3.19 33.79
C GLY C 73 27.77 4.63 34.10
N SER C 74 28.89 4.81 34.83
CA SER C 74 29.40 6.11 35.24
C SER C 74 30.93 6.08 35.47
N ALA C 75 31.60 7.25 35.27
CA ALA C 75 33.05 7.53 35.44
C ALA C 75 33.98 6.89 34.40
N THR C 76 34.18 5.56 34.48
CA THR C 76 35.02 4.82 33.54
C THR C 76 34.28 3.62 32.92
N ASP C 77 33.46 2.89 33.72
CA ASP C 77 32.74 1.71 33.25
C ASP C 77 31.40 2.02 32.64
N PHE C 78 31.23 1.66 31.36
CA PHE C 78 29.99 1.89 30.62
C PHE C 78 29.53 0.58 29.98
N THR C 79 28.20 0.45 29.81
CA THR C 79 27.62 -0.78 29.29
C THR C 79 26.43 -0.54 28.38
N LEU C 80 26.55 -1.04 27.15
CA LEU C 80 25.45 -1.03 26.20
C LEU C 80 24.73 -2.37 26.39
N THR C 81 23.40 -2.30 26.56
CA THR C 81 22.62 -3.51 26.80
C THR C 81 21.42 -3.63 25.88
N ILE C 82 21.39 -4.71 25.11
CA ILE C 82 20.29 -5.05 24.21
C ILE C 82 19.53 -6.15 24.95
N SER C 83 18.25 -5.93 25.27
CA SER C 83 17.47 -6.91 26.03
C SER C 83 16.88 -8.03 25.17
N ASN C 84 15.95 -7.69 24.25
CA ASN C 84 15.32 -8.69 23.39
C ASN C 84 16.07 -8.72 22.06
N PHE C 85 17.34 -9.19 22.10
CA PHE C 85 18.23 -9.27 20.93
C PHE C 85 17.51 -9.81 19.72
N GLN C 86 17.51 -9.00 18.65
CA GLN C 86 16.81 -9.33 17.42
C GLN C 86 17.75 -9.47 16.22
N PRO C 87 17.30 -10.09 15.10
CA PRO C 87 18.20 -10.30 13.94
C PRO C 87 18.81 -9.03 13.35
N GLU C 88 18.11 -7.92 13.49
CA GLU C 88 18.49 -6.60 13.03
C GLU C 88 19.68 -6.06 13.81
N ASP C 89 19.83 -6.50 15.08
CA ASP C 89 20.91 -6.04 15.97
C ASP C 89 22.26 -6.69 15.75
N ALA C 90 22.38 -7.51 14.68
CA ALA C 90 23.63 -8.14 14.29
C ALA C 90 24.43 -7.08 13.52
N ALA C 91 25.43 -6.48 14.21
CA ALA C 91 26.27 -5.41 13.67
C ALA C 91 27.53 -5.18 14.56
N VAL C 92 28.31 -4.12 14.25
CA VAL C 92 29.47 -3.73 15.03
C VAL C 92 29.05 -2.56 15.94
N TYR C 93 29.50 -2.60 17.20
CA TYR C 93 29.14 -1.58 18.18
C TYR C 93 30.39 -0.90 18.73
N TYR C 94 30.43 0.44 18.66
CA TYR C 94 31.59 1.25 19.10
C TYR C 94 31.23 2.24 20.20
N CYS C 95 32.11 2.40 21.20
CA CYS C 95 31.95 3.38 22.28
C CYS C 95 32.86 4.56 21.98
N GLN C 96 32.38 5.79 22.11
CA GLN C 96 33.17 6.97 21.80
C GLN C 96 33.18 8.01 22.91
N GLN C 97 34.38 8.48 23.29
CA GLN C 97 34.53 9.53 24.32
C GLN C 97 34.59 10.90 23.69
N GLY C 98 34.09 11.90 24.42
CA GLY C 98 34.08 13.29 23.99
C GLY C 98 34.71 14.25 24.98
N TYR C 99 35.04 13.78 26.19
CA TYR C 99 35.62 14.56 27.28
C TYR C 99 36.94 15.27 26.95
N SER C 100 37.87 14.60 26.25
CA SER C 100 39.18 15.19 25.91
C SER C 100 39.69 14.90 24.49
N PHE C 101 40.63 15.74 24.01
CA PHE C 101 41.26 15.58 22.71
C PHE C 101 42.57 14.76 22.83
N PRO C 102 42.84 13.84 21.89
CA PRO C 102 42.01 13.47 20.72
C PRO C 102 40.84 12.59 21.13
N TYR C 103 39.79 12.57 20.31
CA TYR C 103 38.60 11.76 20.56
C TYR C 103 38.97 10.32 20.32
N SER C 104 38.40 9.43 21.14
CA SER C 104 38.70 8.02 21.05
C SER C 104 37.48 7.14 20.96
N PHE C 105 37.53 6.18 20.06
CA PHE C 105 36.51 5.15 19.87
C PHE C 105 37.03 3.84 20.44
N GLY C 106 36.14 2.89 20.59
CA GLY C 106 36.50 1.55 21.04
C GLY C 106 36.99 0.72 19.87
N SER C 107 37.47 -0.48 20.17
CA SER C 107 37.96 -1.41 19.15
C SER C 107 36.81 -1.97 18.27
N GLY C 108 35.58 -1.86 18.76
CA GLY C 108 34.39 -2.36 18.11
C GLY C 108 34.04 -3.75 18.60
N THR C 109 32.73 -4.06 18.70
CA THR C 109 32.24 -5.38 19.13
C THR C 109 31.37 -6.00 18.05
N ARG C 110 31.72 -7.22 17.64
CA ARG C 110 30.99 -7.98 16.63
C ARG C 110 29.86 -8.81 17.23
N LEU C 111 28.68 -8.72 16.60
CA LEU C 111 27.48 -9.45 16.99
C LEU C 111 26.96 -10.25 15.82
N GLU C 112 26.92 -11.58 16.00
CA GLU C 112 26.38 -12.58 15.07
C GLU C 112 25.31 -13.35 15.84
N ILE C 113 24.50 -14.17 15.15
CA ILE C 113 23.43 -14.97 15.78
C ILE C 113 23.87 -16.41 16.03
N ARG C 114 23.52 -16.97 17.21
CA ARG C 114 23.88 -18.34 17.59
C ARG C 114 22.99 -19.35 16.86
N ARG C 115 23.57 -20.51 16.46
CA ARG C 115 22.90 -21.61 15.76
C ARG C 115 23.62 -22.93 16.03
N THR C 116 23.04 -24.07 15.58
CA THR C 116 23.65 -25.41 15.78
C THR C 116 24.94 -25.51 14.96
N VAL C 117 25.99 -26.15 15.53
CA VAL C 117 27.28 -26.31 14.87
C VAL C 117 27.08 -27.10 13.59
N ALA C 118 27.45 -26.50 12.47
CA ALA C 118 27.32 -27.11 11.15
C ALA C 118 28.71 -27.35 10.57
N ALA C 119 28.99 -28.60 10.13
CA ALA C 119 30.28 -28.97 9.54
C ALA C 119 30.40 -28.46 8.11
N PRO C 120 31.62 -28.02 7.68
CA PRO C 120 31.75 -27.48 6.32
C PRO C 120 31.75 -28.55 5.24
N SER C 121 31.07 -28.25 4.11
CA SER C 121 31.00 -29.11 2.93
C SER C 121 32.22 -28.71 2.11
N VAL C 122 33.28 -29.51 2.13
CA VAL C 122 34.55 -29.13 1.51
C VAL C 122 34.63 -29.63 0.09
N PHE C 123 35.02 -28.77 -0.84
CA PHE C 123 35.22 -29.17 -2.21
C PHE C 123 36.54 -28.60 -2.69
N ILE C 124 37.32 -29.38 -3.40
CA ILE C 124 38.65 -28.98 -3.83
C ILE C 124 38.65 -28.52 -5.24
N PHE C 125 39.76 -27.97 -5.71
CA PHE C 125 39.79 -27.49 -7.07
C PHE C 125 41.00 -27.61 -7.93
N PRO C 126 40.71 -27.91 -9.26
CA PRO C 126 41.87 -28.11 -10.09
C PRO C 126 42.09 -26.83 -10.83
N PRO C 127 43.42 -26.38 -10.87
CA PRO C 127 43.58 -25.15 -11.62
C PRO C 127 43.16 -25.37 -13.03
N SER C 128 42.52 -24.40 -13.61
CA SER C 128 42.06 -24.47 -14.96
C SER C 128 43.23 -24.77 -15.84
N ASP C 129 42.97 -24.96 -17.11
CA ASP C 129 44.02 -25.23 -18.03
C ASP C 129 44.47 -23.94 -18.66
N GLU C 130 43.50 -23.07 -18.89
CA GLU C 130 43.75 -21.84 -19.60
C GLU C 130 44.40 -20.85 -18.71
N GLN C 131 44.51 -21.17 -17.44
CA GLN C 131 45.20 -20.32 -16.55
C GLN C 131 46.67 -20.58 -16.74
N LEU C 132 47.02 -21.79 -17.13
CA LEU C 132 48.41 -22.16 -17.15
C LEU C 132 49.07 -21.74 -18.41
N LYS C 133 48.29 -21.49 -19.43
CA LYS C 133 48.83 -20.88 -20.61
C LYS C 133 49.51 -19.58 -20.21
N SER C 134 49.22 -19.03 -19.00
CA SER C 134 49.84 -17.81 -18.49
C SER C 134 51.02 -18.06 -17.52
N GLY C 135 51.28 -19.32 -17.20
CA GLY C 135 52.39 -19.72 -16.33
C GLY C 135 52.17 -19.57 -14.84
N THR C 136 50.90 -19.52 -14.41
CA THR C 136 50.52 -19.38 -13.00
C THR C 136 49.41 -20.37 -12.66
N ALA C 137 49.41 -20.89 -11.41
CA ALA C 137 48.42 -21.84 -10.96
C ALA C 137 47.83 -21.46 -9.62
N SER C 138 46.49 -21.32 -9.60
CA SER C 138 45.70 -21.06 -8.40
C SER C 138 44.78 -22.24 -8.12
N VAL C 139 44.95 -22.85 -6.95
CA VAL C 139 44.16 -24.00 -6.52
C VAL C 139 43.18 -23.51 -5.45
N VAL C 140 41.88 -23.57 -5.76
CA VAL C 140 40.84 -23.11 -4.84
C VAL C 140 40.30 -24.29 -4.00
N CYS C 141 39.96 -24.04 -2.75
CA CYS C 141 39.37 -25.08 -1.88
C CYS C 141 38.27 -24.46 -1.04
N LEU C 142 37.04 -24.54 -1.55
CA LEU C 142 35.91 -23.94 -0.88
C LEU C 142 35.31 -24.78 0.24
N LEU C 143 35.04 -24.11 1.35
CA LEU C 143 34.36 -24.67 2.50
C LEU C 143 32.94 -24.18 2.33
N ASN C 144 31.95 -24.89 2.90
CA ASN C 144 30.58 -24.47 2.65
C ASN C 144 29.62 -24.69 3.79
N ASN C 145 28.80 -23.64 4.05
CA ASN C 145 27.74 -23.59 5.05
C ASN C 145 28.12 -24.26 6.38
N PHE C 146 29.02 -23.59 7.08
CA PHE C 146 29.54 -24.01 8.37
C PHE C 146 29.25 -22.95 9.41
N TYR C 147 29.40 -23.35 10.67
CA TYR C 147 29.22 -22.49 11.83
C TYR C 147 29.86 -23.23 13.00
N PRO C 148 30.66 -22.58 13.87
CA PRO C 148 31.05 -21.16 13.91
C PRO C 148 32.00 -20.68 12.80
N ARG C 149 32.32 -19.37 12.79
CA ARG C 149 33.19 -18.73 11.80
C ARG C 149 34.60 -19.27 11.93
N GLU C 150 35.04 -19.56 13.17
CA GLU C 150 36.36 -20.11 13.45
C GLU C 150 36.57 -21.46 12.78
N ALA C 151 37.65 -21.58 11.96
CA ALA C 151 38.06 -22.76 11.20
C ALA C 151 39.53 -22.69 10.75
N LYS C 152 40.18 -23.84 10.51
CA LYS C 152 41.58 -23.86 10.06
C LYS C 152 41.77 -24.60 8.72
N VAL C 153 42.55 -24.03 7.81
CA VAL C 153 42.88 -24.63 6.51
C VAL C 153 44.41 -24.70 6.40
N GLN C 154 44.94 -25.83 5.94
CA GLN C 154 46.39 -26.00 5.71
C GLN C 154 46.62 -26.64 4.36
N TRP C 155 47.30 -25.89 3.48
CA TRP C 155 47.60 -26.39 2.15
C TRP C 155 48.78 -27.33 2.21
N LYS C 156 48.70 -28.45 1.47
CA LYS C 156 49.75 -29.47 1.39
C LYS C 156 50.04 -29.99 -0.02
N VAL C 157 51.27 -29.76 -0.50
CA VAL C 157 51.73 -30.17 -1.83
C VAL C 157 52.75 -31.27 -1.63
N ASP C 158 52.36 -32.54 -1.94
CA ASP C 158 53.15 -33.76 -1.76
C ASP C 158 53.55 -33.91 -0.27
N ASN C 159 52.54 -33.76 0.59
CA ASN C 159 52.59 -33.81 2.05
C ASN C 159 53.55 -32.81 2.74
N ALA C 160 53.84 -31.69 2.04
CA ALA C 160 54.68 -30.60 2.52
C ALA C 160 53.78 -29.39 2.75
N LEU C 161 53.81 -28.82 3.96
CA LEU C 161 52.98 -27.69 4.39
C LEU C 161 53.30 -26.43 3.62
N GLN C 162 52.27 -25.71 3.12
CA GLN C 162 52.46 -24.45 2.38
C GLN C 162 52.35 -23.24 3.28
N SER C 163 53.15 -22.20 2.97
CA SER C 163 53.14 -20.96 3.74
C SER C 163 53.40 -19.73 2.89
N GLY C 164 52.50 -18.76 3.04
CA GLY C 164 52.55 -17.46 2.39
C GLY C 164 52.20 -17.42 0.92
N ASN C 165 51.28 -18.28 0.47
CA ASN C 165 50.86 -18.30 -0.92
C ASN C 165 49.35 -18.46 -1.02
N SER C 166 48.67 -18.70 0.10
CA SER C 166 47.23 -18.92 0.14
C SER C 166 46.50 -17.74 0.72
N GLN C 167 45.49 -17.27 -0.02
CA GLN C 167 44.61 -16.16 0.35
C GLN C 167 43.22 -16.69 0.60
N GLU C 168 42.69 -16.40 1.79
CA GLU C 168 41.33 -16.84 2.18
C GLU C 168 40.42 -15.72 2.54
N SER C 169 39.17 -15.85 2.12
CA SER C 169 38.12 -14.86 2.38
C SER C 169 36.86 -15.54 2.88
N VAL C 170 36.17 -14.89 3.81
CA VAL C 170 34.96 -15.40 4.44
C VAL C 170 33.80 -14.49 4.09
N THR C 171 32.65 -15.10 3.78
CA THR C 171 31.41 -14.38 3.48
C THR C 171 30.78 -13.91 4.80
N GLU C 172 29.82 -12.97 4.70
CA GLU C 172 29.05 -12.47 5.83
C GLU C 172 28.10 -13.62 6.24
N GLN C 173 27.52 -13.55 7.45
CA GLN C 173 26.57 -14.55 7.93
C GLN C 173 25.30 -14.49 7.11
N ASP C 174 24.85 -15.62 6.54
CA ASP C 174 23.70 -15.67 5.64
C ASP C 174 22.40 -15.18 6.28
N SER C 175 21.60 -14.47 5.48
CA SER C 175 20.32 -13.90 5.92
C SER C 175 19.27 -14.98 6.17
N LYS C 176 19.31 -16.07 5.38
CA LYS C 176 18.35 -17.18 5.47
C LYS C 176 18.77 -18.24 6.51
N ASP C 177 19.95 -18.89 6.33
CA ASP C 177 20.45 -19.95 7.23
C ASP C 177 21.50 -19.55 8.30
N SER C 178 22.04 -18.32 8.20
CA SER C 178 23.04 -17.72 9.10
C SER C 178 24.31 -18.57 9.31
N THR C 179 24.89 -19.03 8.18
CA THR C 179 26.11 -19.85 8.09
C THR C 179 27.14 -19.17 7.21
N TYR C 180 28.43 -19.49 7.43
CA TYR C 180 29.59 -18.95 6.71
C TYR C 180 30.04 -19.87 5.55
N SER C 181 30.90 -19.33 4.70
CA SER C 181 31.53 -20.03 3.58
C SER C 181 32.91 -19.43 3.48
N LEU C 182 33.91 -20.27 3.31
CA LEU C 182 35.29 -19.82 3.18
C LEU C 182 35.87 -20.27 1.84
N SER C 183 36.72 -19.45 1.25
CA SER C 183 37.41 -19.75 -0.01
C SER C 183 38.90 -19.50 0.16
N SER C 184 39.75 -20.53 0.21
CA SER C 184 41.20 -20.37 0.31
C SER C 184 41.76 -20.66 -1.04
N THR C 185 42.58 -19.79 -1.61
CA THR C 185 42.96 -19.88 -3.02
C THR C 185 44.44 -19.95 -3.30
N LEU C 186 44.97 -21.13 -3.61
CA LEU C 186 46.41 -21.28 -3.69
C LEU C 186 47.09 -20.78 -4.92
N THR C 187 48.28 -20.24 -4.73
CA THR C 187 49.01 -19.65 -5.80
C THR C 187 50.44 -20.16 -5.85
N LEU C 188 50.82 -20.71 -6.99
CA LEU C 188 52.19 -21.07 -7.25
C LEU C 188 52.45 -20.85 -8.72
N SER C 189 53.72 -20.99 -9.13
CA SER C 189 54.12 -20.78 -10.53
C SER C 189 53.95 -22.11 -11.24
N LYS C 190 53.57 -22.09 -12.54
CA LYS C 190 53.35 -23.30 -13.36
C LYS C 190 54.44 -24.36 -13.10
N ALA C 191 55.70 -23.92 -13.12
CA ALA C 191 56.88 -24.72 -12.88
C ALA C 191 56.77 -25.55 -11.59
N ASP C 192 56.48 -24.89 -10.45
CA ASP C 192 56.38 -25.55 -9.14
C ASP C 192 55.22 -26.53 -9.04
N TYR C 193 54.11 -26.20 -9.70
CA TYR C 193 52.92 -27.03 -9.74
C TYR C 193 53.20 -28.31 -10.57
N GLU C 194 53.92 -28.14 -11.70
CA GLU C 194 54.34 -29.21 -12.62
C GLU C 194 55.41 -30.15 -12.00
N LYS C 195 55.91 -29.82 -10.79
CA LYS C 195 56.93 -30.61 -10.09
C LYS C 195 56.32 -31.67 -9.18
N HIS C 196 55.09 -31.39 -8.66
CA HIS C 196 54.39 -32.22 -7.69
C HIS C 196 53.05 -32.79 -8.15
N LYS C 197 52.71 -34.00 -7.64
CA LYS C 197 51.51 -34.77 -7.98
C LYS C 197 50.29 -34.49 -7.09
N VAL C 198 50.38 -34.82 -5.77
CA VAL C 198 49.29 -34.73 -4.79
C VAL C 198 49.16 -33.35 -4.12
N TYR C 199 47.92 -32.78 -4.13
CA TYR C 199 47.58 -31.47 -3.58
C TYR C 199 46.46 -31.61 -2.55
N ALA C 200 46.78 -31.32 -1.29
CA ALA C 200 45.85 -31.47 -0.16
C ALA C 200 45.38 -30.16 0.50
N CYS C 201 44.12 -30.16 0.95
CA CYS C 201 43.44 -29.07 1.63
C CYS C 201 42.95 -29.67 2.95
N GLU C 202 43.77 -29.56 4.02
CA GLU C 202 43.48 -30.12 5.34
C GLU C 202 42.68 -29.15 6.26
N VAL C 203 41.35 -29.39 6.36
CA VAL C 203 40.36 -28.60 7.09
C VAL C 203 40.11 -29.02 8.56
N THR C 204 40.29 -28.08 9.50
CA THR C 204 40.10 -28.28 10.94
C THR C 204 39.00 -27.35 11.50
N HIS C 205 37.78 -27.91 11.73
CA HIS C 205 36.60 -27.21 12.25
C HIS C 205 35.99 -28.06 13.38
N GLN C 206 35.29 -27.43 14.37
CA GLN C 206 34.67 -28.18 15.47
C GLN C 206 33.49 -29.07 15.07
N GLY C 207 32.90 -28.80 13.89
CA GLY C 207 31.82 -29.60 13.31
C GLY C 207 32.32 -30.93 12.73
N LEU C 208 33.65 -31.04 12.54
CA LEU C 208 34.36 -32.22 12.06
C LEU C 208 35.08 -32.87 13.24
N SER C 209 34.96 -34.19 13.40
CA SER C 209 35.64 -34.89 14.49
C SER C 209 37.15 -35.01 14.22
N SER C 210 37.53 -35.26 12.97
CA SER C 210 38.91 -35.38 12.52
C SER C 210 39.17 -34.46 11.33
N PRO C 211 40.42 -33.95 11.16
CA PRO C 211 40.67 -33.04 10.02
C PRO C 211 40.44 -33.67 8.65
N VAL C 212 39.41 -33.17 7.95
CA VAL C 212 39.00 -33.63 6.62
C VAL C 212 39.96 -33.11 5.53
N THR C 213 40.32 -33.99 4.60
CA THR C 213 41.26 -33.65 3.54
C THR C 213 40.70 -33.99 2.17
N LYS C 214 40.68 -33.00 1.29
CA LYS C 214 40.27 -33.15 -0.10
C LYS C 214 41.52 -33.01 -0.96
N SER C 215 41.79 -33.99 -1.82
CA SER C 215 43.00 -33.97 -2.63
C SER C 215 42.77 -34.28 -4.10
N PHE C 216 43.82 -34.10 -4.91
CA PHE C 216 43.82 -34.43 -6.31
C PHE C 216 45.24 -34.69 -6.83
N ASN C 217 45.32 -35.43 -7.95
CA ASN C 217 46.55 -35.74 -8.66
C ASN C 217 46.49 -34.95 -9.98
N ARG C 218 47.65 -34.52 -10.53
CA ARG C 218 47.75 -33.73 -11.77
C ARG C 218 46.79 -34.04 -12.95
N GLY C 219 46.79 -35.29 -13.44
CA GLY C 219 45.96 -35.73 -14.55
C GLY C 219 44.75 -36.58 -14.17
N GLU C 220 43.65 -36.46 -14.97
CA GLU C 220 42.30 -37.09 -14.94
C GLU C 220 41.14 -36.06 -14.97
N CYS C 221 40.40 -36.00 -16.11
CA CYS C 221 39.27 -35.10 -16.34
C CYS C 221 37.97 -35.86 -16.62
N LEU D 1 -33.56 52.94 -16.78
CA LEU D 1 -33.56 51.47 -16.76
C LEU D 1 -32.94 51.03 -15.47
N ASP D 2 -32.84 49.72 -15.29
CA ASP D 2 -32.21 49.11 -14.14
C ASP D 2 -30.96 48.50 -14.67
N ILE D 3 -30.05 48.21 -13.77
CA ILE D 3 -28.78 47.61 -14.19
C ILE D 3 -28.84 46.10 -14.19
N VAL D 4 -28.41 45.50 -15.31
CA VAL D 4 -28.42 44.04 -15.51
C VAL D 4 -27.01 43.44 -15.32
N MET D 5 -26.87 42.51 -14.36
CA MET D 5 -25.61 41.81 -14.13
C MET D 5 -25.61 40.50 -14.90
N THR D 6 -24.57 40.30 -15.75
CA THR D 6 -24.41 39.12 -16.60
C THR D 6 -23.15 38.35 -16.24
N GLN D 7 -23.31 37.13 -15.70
CA GLN D 7 -22.17 36.30 -15.33
C GLN D 7 -21.76 35.29 -16.38
N THR D 8 -20.44 35.17 -16.60
CA THR D 8 -19.82 34.30 -17.59
C THR D 8 -18.56 33.62 -17.00
N PRO D 9 -18.48 32.26 -17.04
CA PRO D 9 -19.48 31.30 -17.54
C PRO D 9 -20.56 31.03 -16.49
N THR D 10 -21.46 30.09 -16.79
CA THR D 10 -22.55 29.70 -15.91
C THR D 10 -22.06 28.67 -14.88
N SER D 11 -21.05 27.85 -15.29
CA SER D 11 -20.43 26.77 -14.52
C SER D 11 -19.00 26.53 -15.00
N VAL D 12 -18.08 26.22 -14.06
CA VAL D 12 -16.66 25.98 -14.32
C VAL D 12 -16.17 24.72 -13.61
N THR D 13 -15.20 24.01 -14.22
CA THR D 13 -14.50 22.84 -13.70
C THR D 13 -13.00 22.99 -13.97
N ALA D 14 -12.18 22.88 -12.92
CA ALA D 14 -10.72 23.03 -13.03
C ALA D 14 -9.98 22.19 -12.01
N SER D 15 -8.74 21.85 -12.32
CA SER D 15 -7.90 21.02 -11.46
C SER D 15 -7.36 21.80 -10.28
N ALA D 16 -7.11 21.10 -9.15
CA ALA D 16 -6.58 21.65 -7.90
C ALA D 16 -5.25 22.38 -8.10
N GLY D 17 -5.31 23.70 -8.16
CA GLY D 17 -4.14 24.54 -8.35
C GLY D 17 -4.23 25.48 -9.54
N ASP D 18 -4.98 25.06 -10.59
CA ASP D 18 -5.18 25.82 -11.82
C ASP D 18 -5.88 27.16 -11.54
N LYS D 19 -5.61 28.16 -12.38
CA LYS D 19 -6.20 29.50 -12.22
C LYS D 19 -7.61 29.58 -12.80
N VAL D 20 -8.57 29.97 -11.94
CA VAL D 20 -9.99 30.09 -12.25
C VAL D 20 -10.39 31.56 -12.45
N THR D 21 -11.20 31.84 -13.49
CA THR D 21 -11.66 33.19 -13.84
C THR D 21 -13.19 33.29 -14.07
N ILE D 22 -13.87 34.23 -13.37
CA ILE D 22 -15.32 34.50 -13.50
C ILE D 22 -15.50 35.94 -13.97
N ASN D 23 -16.26 36.14 -15.06
CA ASN D 23 -16.50 37.47 -15.63
C ASN D 23 -17.91 37.98 -15.37
N CYS D 24 -18.04 39.25 -15.02
CA CYS D 24 -19.32 39.91 -14.77
C CYS D 24 -19.39 41.24 -15.50
N LYS D 25 -20.38 41.37 -16.42
CA LYS D 25 -20.57 42.56 -17.23
C LYS D 25 -21.89 43.25 -16.90
N SER D 26 -21.82 44.57 -16.63
CA SER D 26 -22.99 45.38 -16.30
C SER D 26 -23.46 46.19 -17.51
N SER D 27 -24.79 46.34 -17.66
CA SER D 27 -25.45 47.09 -18.73
C SER D 27 -25.13 48.59 -18.71
N GLN D 28 -24.74 49.11 -17.53
CA GLN D 28 -24.40 50.52 -17.30
C GLN D 28 -23.20 50.62 -16.38
N SER D 29 -22.38 51.68 -16.55
CA SER D 29 -21.16 51.92 -15.75
C SER D 29 -21.47 52.06 -14.26
N VAL D 30 -20.82 51.22 -13.43
CA VAL D 30 -20.98 51.27 -11.97
C VAL D 30 -19.84 52.04 -11.30
N LEU D 31 -19.11 52.83 -12.09
CA LEU D 31 -18.02 53.66 -11.62
C LEU D 31 -18.55 55.07 -11.41
N PHE D 32 -18.27 55.63 -10.23
CA PHE D 32 -18.66 56.98 -9.90
C PHE D 32 -17.51 57.93 -10.19
N SER D 33 -17.72 58.79 -11.18
CA SER D 33 -16.75 59.74 -11.73
C SER D 33 -15.84 60.48 -10.74
N SER D 34 -16.42 61.14 -9.71
CA SER D 34 -15.65 61.93 -8.75
C SER D 34 -14.79 61.18 -7.73
N ASN D 35 -15.27 60.04 -7.20
CA ASN D 35 -14.48 59.26 -6.24
C ASN D 35 -13.64 58.19 -6.92
N GLN D 36 -13.86 58.02 -8.23
CA GLN D 36 -13.19 57.01 -9.07
C GLN D 36 -13.27 55.58 -8.43
N LYS D 37 -14.48 55.27 -7.89
CA LYS D 37 -14.80 54.02 -7.23
C LYS D 37 -15.84 53.27 -8.00
N ASN D 38 -15.55 51.98 -8.26
CA ASN D 38 -16.43 51.05 -8.95
C ASN D 38 -17.26 50.36 -7.87
N TYR D 39 -18.58 50.44 -8.00
CA TYR D 39 -19.52 49.87 -7.05
C TYR D 39 -19.88 48.42 -7.40
N LEU D 40 -18.89 47.52 -7.19
CA LEU D 40 -19.00 46.10 -7.49
C LEU D 40 -18.48 45.22 -6.35
N ALA D 41 -19.23 44.14 -6.03
CA ALA D 41 -18.90 43.21 -4.95
C ALA D 41 -19.10 41.75 -5.33
N TRP D 42 -18.15 40.90 -4.92
CA TRP D 42 -18.17 39.45 -5.19
C TRP D 42 -18.47 38.66 -3.92
N TYR D 43 -19.34 37.64 -4.04
CA TYR D 43 -19.80 36.80 -2.93
C TYR D 43 -19.68 35.31 -3.24
N GLN D 44 -19.41 34.51 -2.20
CA GLN D 44 -19.26 33.06 -2.28
C GLN D 44 -20.34 32.37 -1.44
N GLN D 45 -21.33 31.74 -2.10
CA GLN D 45 -22.40 31.05 -1.39
C GLN D 45 -22.27 29.53 -1.47
N ARG D 46 -22.47 28.89 -0.33
CA ARG D 46 -22.45 27.43 -0.17
C ARG D 46 -23.85 26.96 0.21
N LEU D 47 -24.16 25.66 0.00
CA LEU D 47 -25.50 25.14 0.33
C LEU D 47 -25.83 25.18 1.83
N GLY D 48 -27.02 25.69 2.12
CA GLY D 48 -27.54 25.85 3.47
C GLY D 48 -26.78 26.90 4.27
N GLN D 49 -26.25 27.89 3.56
CA GLN D 49 -25.45 28.97 4.14
C GLN D 49 -25.75 30.33 3.51
N SER D 50 -25.55 31.39 4.31
CA SER D 50 -25.71 32.77 3.87
C SER D 50 -24.50 33.17 2.99
N PRO D 51 -24.69 34.03 1.95
CA PRO D 51 -23.55 34.43 1.11
C PRO D 51 -22.44 35.11 1.91
N ARG D 52 -21.20 35.02 1.39
CA ARG D 52 -20.03 35.56 2.06
C ARG D 52 -19.27 36.50 1.14
N LEU D 53 -19.14 37.76 1.60
CA LEU D 53 -18.43 38.81 0.88
C LEU D 53 -16.96 38.51 0.79
N LEU D 54 -16.42 38.59 -0.44
CA LEU D 54 -15.01 38.38 -0.74
C LEU D 54 -14.39 39.71 -1.19
N ILE D 55 -14.86 40.23 -2.34
CA ILE D 55 -14.34 41.46 -2.92
C ILE D 55 -15.37 42.57 -2.93
N TYR D 56 -14.94 43.78 -2.56
CA TYR D 56 -15.74 45.00 -2.58
C TYR D 56 -14.96 46.08 -3.30
N TRP D 57 -15.61 47.20 -3.67
CA TRP D 57 -14.97 48.31 -4.42
C TRP D 57 -14.30 47.81 -5.74
N ALA D 58 -14.81 46.66 -6.27
CA ALA D 58 -14.38 45.91 -7.45
C ALA D 58 -13.01 45.22 -7.36
N SER D 59 -12.12 45.69 -6.47
CA SER D 59 -10.77 45.13 -6.32
C SER D 59 -10.23 45.03 -4.87
N ILE D 60 -11.00 45.49 -3.87
CA ILE D 60 -10.56 45.43 -2.48
C ILE D 60 -11.00 44.12 -1.81
N ARG D 61 -10.05 43.44 -1.13
CA ARG D 61 -10.26 42.17 -0.42
C ARG D 61 -10.79 42.42 1.00
N GLU D 62 -11.71 41.54 1.45
CA GLU D 62 -12.28 41.63 2.80
C GLU D 62 -11.33 40.98 3.81
N SER D 63 -11.43 41.36 5.08
CA SER D 63 -10.59 40.84 6.16
C SER D 63 -10.88 39.36 6.45
N GLY D 64 -9.84 38.52 6.35
CA GLY D 64 -9.93 37.08 6.56
C GLY D 64 -10.20 36.24 5.32
N VAL D 65 -10.21 36.90 4.14
CA VAL D 65 -10.44 36.25 2.84
C VAL D 65 -9.07 35.86 2.23
N PRO D 66 -8.88 34.59 1.80
CA PRO D 66 -7.57 34.19 1.23
C PRO D 66 -7.06 35.07 0.10
N ASP D 67 -5.72 35.23 0.04
CA ASP D 67 -4.99 36.04 -0.93
C ASP D 67 -5.20 35.57 -2.36
N ARG D 68 -5.53 34.27 -2.53
CA ARG D 68 -5.77 33.67 -3.83
C ARG D 68 -6.91 34.33 -4.58
N PHE D 69 -7.93 34.78 -3.84
CA PHE D 69 -9.08 35.51 -4.38
C PHE D 69 -8.68 36.93 -4.72
N SER D 70 -8.92 37.35 -5.97
CA SER D 70 -8.55 38.69 -6.43
C SER D 70 -9.57 39.37 -7.35
N GLY D 71 -9.87 40.61 -7.03
CA GLY D 71 -10.81 41.42 -7.80
C GLY D 71 -10.08 42.32 -8.77
N SER D 72 -10.65 42.47 -9.98
CA SER D 72 -10.09 43.27 -11.06
C SER D 72 -11.19 43.84 -11.94
N GLY D 73 -10.80 44.68 -12.89
CA GLY D 73 -11.70 45.30 -13.86
C GLY D 73 -12.14 46.71 -13.52
N SER D 74 -12.76 47.38 -14.50
CA SER D 74 -13.26 48.75 -14.38
C SER D 74 -14.41 49.03 -15.38
N ALA D 75 -15.33 49.96 -14.99
CA ALA D 75 -16.49 50.46 -15.73
C ALA D 75 -17.65 49.48 -15.89
N THR D 76 -17.49 48.44 -16.74
CA THR D 76 -18.51 47.40 -16.96
C THR D 76 -17.96 45.99 -16.77
N ASP D 77 -16.73 45.72 -17.24
CA ASP D 77 -16.10 44.41 -17.16
C ASP D 77 -15.35 44.18 -15.85
N PHE D 78 -15.79 43.16 -15.09
CA PHE D 78 -15.18 42.79 -13.82
C PHE D 78 -14.85 41.32 -13.81
N THR D 79 -13.81 40.95 -13.05
CA THR D 79 -13.32 39.59 -13.02
C THR D 79 -12.85 39.15 -11.66
N LEU D 80 -13.45 38.05 -11.17
CA LEU D 80 -13.03 37.42 -9.94
C LEU D 80 -12.03 36.35 -10.35
N THR D 81 -10.88 36.34 -9.69
CA THR D 81 -9.82 35.40 -10.03
C THR D 81 -9.29 34.64 -8.83
N ILE D 82 -9.42 33.31 -8.88
CA ILE D 82 -8.91 32.39 -7.87
C ILE D 82 -7.65 31.81 -8.51
N SER D 83 -6.48 32.01 -7.88
CA SER D 83 -5.21 31.55 -8.44
C SER D 83 -4.92 30.06 -8.16
N ASN D 84 -4.71 29.68 -6.89
CA ASN D 84 -4.43 28.30 -6.51
C ASN D 84 -5.74 27.63 -6.11
N PHE D 85 -6.65 27.44 -7.10
CA PHE D 85 -7.98 26.84 -6.90
C PHE D 85 -7.91 25.63 -6.01
N GLN D 86 -8.65 25.67 -4.90
CA GLN D 86 -8.66 24.62 -3.90
C GLN D 86 -10.04 23.96 -3.74
N PRO D 87 -10.13 22.75 -3.11
CA PRO D 87 -11.42 22.06 -3.00
C PRO D 87 -12.52 22.82 -2.30
N GLU D 88 -12.13 23.70 -1.38
CA GLU D 88 -12.99 24.56 -0.58
C GLU D 88 -13.68 25.61 -1.44
N ASP D 89 -13.04 26.00 -2.56
CA ASP D 89 -13.54 27.02 -3.48
C ASP D 89 -14.64 26.55 -4.46
N ALA D 90 -15.10 25.31 -4.27
CA ALA D 90 -16.21 24.76 -5.03
C ALA D 90 -17.51 25.29 -4.35
N ALA D 91 -18.10 26.35 -4.93
CA ALA D 91 -19.31 27.01 -4.45
C ALA D 91 -19.94 27.85 -5.57
N VAL D 92 -20.96 28.68 -5.24
CA VAL D 92 -21.60 29.60 -6.19
C VAL D 92 -21.02 30.98 -5.96
N TYR D 93 -20.71 31.70 -7.04
CA TYR D 93 -20.12 33.04 -6.96
C TYR D 93 -21.01 34.06 -7.63
N TYR D 94 -21.36 35.15 -6.90
CA TYR D 94 -22.26 36.20 -7.40
C TYR D 94 -21.59 37.56 -7.42
N CYS D 95 -21.86 38.35 -8.47
CA CYS D 95 -21.38 39.73 -8.58
C CYS D 95 -22.55 40.67 -8.25
N GLN D 96 -22.32 41.70 -7.45
CA GLN D 96 -23.40 42.60 -7.05
C GLN D 96 -23.03 44.05 -7.24
N GLN D 97 -23.93 44.81 -7.89
CA GLN D 97 -23.76 46.25 -8.11
C GLN D 97 -24.42 47.06 -7.00
N GLY D 98 -23.84 48.20 -6.68
CA GLY D 98 -24.35 49.10 -5.65
C GLY D 98 -24.52 50.54 -6.12
N TYR D 99 -24.16 50.84 -7.39
CA TYR D 99 -24.23 52.15 -8.02
C TYR D 99 -25.65 52.73 -8.12
N SER D 100 -26.65 51.93 -8.49
CA SER D 100 -28.02 52.43 -8.64
C SER D 100 -29.09 51.50 -8.11
N PHE D 101 -30.30 52.04 -7.85
CA PHE D 101 -31.46 51.29 -7.39
C PHE D 101 -32.33 50.86 -8.59
N PRO D 102 -32.84 49.59 -8.60
CA PRO D 102 -32.65 48.55 -7.59
C PRO D 102 -31.28 47.90 -7.70
N TYR D 103 -30.82 47.30 -6.60
CA TYR D 103 -29.53 46.60 -6.58
C TYR D 103 -29.65 45.33 -7.37
N SER D 104 -28.58 44.97 -8.11
CA SER D 104 -28.59 43.79 -8.97
C SER D 104 -27.44 42.86 -8.72
N PHE D 105 -27.76 41.57 -8.67
CA PHE D 105 -26.79 40.49 -8.52
C PHE D 105 -26.67 39.77 -9.85
N GLY D 106 -25.63 38.95 -9.98
CA GLY D 106 -25.43 38.14 -11.16
C GLY D 106 -26.25 36.88 -11.10
N SER D 107 -26.23 36.09 -12.18
CA SER D 107 -27.00 34.85 -12.25
C SER D 107 -26.37 33.76 -11.35
N GLY D 108 -25.11 33.97 -10.95
CA GLY D 108 -24.36 33.03 -10.14
C GLY D 108 -23.53 32.10 -10.99
N THR D 109 -22.30 31.78 -10.52
CA THR D 109 -21.37 30.90 -11.21
C THR D 109 -20.98 29.69 -10.35
N ARG D 110 -21.26 28.46 -10.89
CA ARG D 110 -20.98 27.17 -10.25
C ARG D 110 -19.53 26.71 -10.49
N LEU D 111 -18.75 26.52 -9.42
CA LEU D 111 -17.38 26.05 -9.58
C LEU D 111 -17.21 24.65 -9.01
N GLU D 112 -16.49 23.78 -9.75
CA GLU D 112 -16.23 22.41 -9.29
C GLU D 112 -14.81 21.94 -9.56
N ILE D 113 -14.28 21.15 -8.65
CA ILE D 113 -12.94 20.66 -8.84
C ILE D 113 -12.90 19.41 -9.74
N ARG D 114 -11.77 19.24 -10.45
CA ARG D 114 -11.51 18.09 -11.30
C ARG D 114 -10.49 17.27 -10.52
N ARG D 115 -10.99 16.21 -9.84
CA ARG D 115 -10.22 15.24 -9.04
C ARG D 115 -10.13 13.88 -9.77
N THR D 116 -9.30 12.97 -9.25
CA THR D 116 -9.09 11.62 -9.82
C THR D 116 -10.37 10.82 -9.76
N VAL D 117 -10.64 9.99 -10.81
CA VAL D 117 -11.86 9.18 -10.86
C VAL D 117 -11.91 8.26 -9.65
N ALA D 118 -12.93 8.44 -8.79
CA ALA D 118 -13.11 7.64 -7.59
C ALA D 118 -14.37 6.80 -7.72
N ALA D 119 -14.24 5.49 -7.47
CA ALA D 119 -15.34 4.55 -7.57
C ALA D 119 -16.27 4.63 -6.33
N PRO D 120 -17.61 4.47 -6.51
CA PRO D 120 -18.52 4.57 -5.36
C PRO D 120 -18.49 3.34 -4.46
N SER D 121 -18.58 3.54 -3.12
CA SER D 121 -18.69 2.43 -2.17
C SER D 121 -20.20 2.20 -2.02
N VAL D 122 -20.72 1.09 -2.61
CA VAL D 122 -22.16 0.83 -2.67
C VAL D 122 -22.77 0.09 -1.45
N PHE D 123 -23.87 0.61 -0.92
CA PHE D 123 -24.55 0.03 0.23
C PHE D 123 -26.05 -0.11 -0.02
N ILE D 124 -26.67 -1.19 0.50
CA ILE D 124 -28.11 -1.47 0.38
C ILE D 124 -28.78 -1.67 1.75
N PHE D 125 -29.91 -0.97 1.98
CA PHE D 125 -30.67 -0.99 3.24
C PHE D 125 -32.10 -1.47 3.07
N PRO D 126 -32.47 -2.56 3.78
CA PRO D 126 -33.85 -3.04 3.72
C PRO D 126 -34.76 -2.19 4.64
N PRO D 127 -36.10 -2.17 4.46
CA PRO D 127 -36.94 -1.37 5.37
C PRO D 127 -36.94 -1.88 6.80
N SER D 128 -36.88 -0.93 7.76
CA SER D 128 -36.87 -1.18 9.21
C SER D 128 -38.19 -1.81 9.66
N ASP D 129 -38.13 -2.67 10.70
CA ASP D 129 -39.29 -3.37 11.21
C ASP D 129 -40.43 -2.46 11.66
N GLU D 130 -40.11 -1.25 12.15
CA GLU D 130 -41.13 -0.28 12.56
C GLU D 130 -41.80 0.41 11.38
N GLN D 131 -41.04 0.64 10.27
CA GLN D 131 -41.60 1.24 9.06
C GLN D 131 -42.61 0.29 8.44
N LEU D 132 -42.34 -1.02 8.58
CA LEU D 132 -43.19 -2.06 8.05
C LEU D 132 -44.55 -2.13 8.76
N LYS D 133 -44.59 -1.85 10.10
CA LYS D 133 -45.82 -1.84 10.91
C LYS D 133 -46.84 -0.88 10.29
N SER D 134 -46.36 0.31 9.82
CA SER D 134 -47.15 1.37 9.20
C SER D 134 -47.69 1.02 7.80
N GLY D 135 -47.35 -0.17 7.28
CA GLY D 135 -47.82 -0.66 6.00
C GLY D 135 -47.11 -0.13 4.77
N THR D 136 -45.87 0.39 4.94
CA THR D 136 -45.07 0.95 3.86
C THR D 136 -43.64 0.43 3.96
N ALA D 137 -42.98 0.20 2.79
CA ALA D 137 -41.61 -0.26 2.72
C ALA D 137 -40.77 0.61 1.77
N SER D 138 -39.71 1.20 2.34
CA SER D 138 -38.75 2.03 1.62
C SER D 138 -37.40 1.35 1.62
N VAL D 139 -36.87 1.10 0.42
CA VAL D 139 -35.58 0.45 0.23
C VAL D 139 -34.59 1.49 -0.28
N VAL D 140 -33.51 1.69 0.48
CA VAL D 140 -32.50 2.71 0.17
C VAL D 140 -31.22 2.10 -0.40
N CYS D 141 -30.67 2.75 -1.45
CA CYS D 141 -29.41 2.38 -2.08
C CYS D 141 -28.44 3.53 -1.90
N LEU D 142 -27.25 3.24 -1.41
CA LEU D 142 -26.24 4.25 -1.16
C LEU D 142 -25.02 4.19 -2.12
N LEU D 143 -24.68 5.35 -2.67
CA LEU D 143 -23.55 5.54 -3.57
C LEU D 143 -22.68 6.57 -2.87
N ASN D 144 -21.78 6.08 -2.00
CA ASN D 144 -20.90 6.91 -1.18
C ASN D 144 -19.58 7.31 -1.85
N ASN D 145 -19.21 8.61 -1.72
CA ASN D 145 -18.00 9.30 -2.21
C ASN D 145 -17.48 8.92 -3.61
N PHE D 146 -18.03 9.56 -4.67
CA PHE D 146 -17.64 9.26 -6.06
C PHE D 146 -17.53 10.49 -7.00
N TYR D 147 -16.48 10.50 -7.86
CA TYR D 147 -16.27 11.52 -8.89
C TYR D 147 -16.01 10.86 -10.25
N PRO D 148 -16.61 11.35 -11.38
CA PRO D 148 -17.57 12.45 -11.50
C PRO D 148 -19.01 12.15 -11.05
N ARG D 149 -19.87 13.21 -11.05
CA ARG D 149 -21.27 13.21 -10.61
C ARG D 149 -22.10 12.20 -11.36
N GLU D 150 -21.82 12.07 -12.66
CA GLU D 150 -22.53 11.14 -13.53
C GLU D 150 -22.41 9.69 -13.09
N ALA D 151 -23.55 9.00 -12.90
CA ALA D 151 -23.67 7.60 -12.46
C ALA D 151 -25.06 7.01 -12.81
N LYS D 152 -25.15 5.66 -12.97
CA LYS D 152 -26.42 4.98 -13.29
C LYS D 152 -26.82 3.98 -12.20
N VAL D 153 -28.11 4.01 -11.79
CA VAL D 153 -28.66 3.08 -10.80
C VAL D 153 -29.87 2.35 -11.42
N GLN D 154 -29.97 1.04 -11.19
CA GLN D 154 -31.08 0.20 -11.67
C GLN D 154 -31.57 -0.76 -10.57
N TRP D 155 -32.86 -0.68 -10.24
CA TRP D 155 -33.45 -1.54 -9.24
C TRP D 155 -33.92 -2.84 -9.89
N LYS D 156 -33.58 -4.00 -9.27
CA LYS D 156 -33.96 -5.31 -9.74
C LYS D 156 -34.61 -6.13 -8.61
N VAL D 157 -35.96 -6.19 -8.60
CA VAL D 157 -36.74 -6.92 -7.60
C VAL D 157 -37.02 -8.29 -8.16
N ASP D 158 -36.42 -9.33 -7.54
CA ASP D 158 -36.50 -10.74 -7.96
C ASP D 158 -36.03 -10.89 -9.43
N ASN D 159 -34.91 -10.20 -9.74
CA ASN D 159 -34.26 -10.11 -11.04
C ASN D 159 -35.12 -9.53 -12.19
N ALA D 160 -36.09 -8.69 -11.82
CA ALA D 160 -36.97 -8.00 -12.75
C ALA D 160 -36.77 -6.49 -12.54
N LEU D 161 -36.28 -5.80 -13.61
CA LEU D 161 -35.97 -4.36 -13.61
C LEU D 161 -37.18 -3.46 -13.29
N GLN D 162 -37.02 -2.58 -12.30
CA GLN D 162 -38.10 -1.70 -11.81
C GLN D 162 -38.10 -0.34 -12.46
N SER D 163 -39.29 0.26 -12.58
CA SER D 163 -39.47 1.59 -13.16
C SER D 163 -40.66 2.34 -12.54
N GLY D 164 -40.41 3.59 -12.17
CA GLY D 164 -41.42 4.48 -11.62
C GLY D 164 -41.84 4.27 -10.17
N ASN D 165 -40.90 3.79 -9.33
CA ASN D 165 -41.16 3.56 -7.90
C ASN D 165 -39.97 4.01 -7.04
N SER D 166 -38.91 4.49 -7.72
CA SER D 166 -37.66 4.95 -7.11
C SER D 166 -37.37 6.42 -7.30
N GLN D 167 -36.71 7.05 -6.31
CA GLN D 167 -36.26 8.44 -6.40
C GLN D 167 -34.93 8.75 -5.70
N GLU D 168 -34.03 9.35 -6.47
CA GLU D 168 -32.65 9.65 -6.11
C GLU D 168 -32.27 11.12 -6.08
N SER D 169 -31.54 11.49 -5.02
CA SER D 169 -31.02 12.82 -4.72
C SER D 169 -29.49 12.78 -4.61
N VAL D 170 -28.84 13.84 -5.13
CA VAL D 170 -27.38 13.96 -5.15
C VAL D 170 -26.95 15.12 -4.32
N THR D 171 -25.87 14.93 -3.57
CA THR D 171 -25.31 15.99 -2.77
C THR D 171 -24.55 16.99 -3.67
N GLU D 172 -24.10 18.05 -3.03
CA GLU D 172 -23.24 19.07 -3.55
C GLU D 172 -21.82 18.46 -3.52
N GLN D 173 -20.83 19.08 -4.17
CA GLN D 173 -19.47 18.53 -4.14
C GLN D 173 -18.86 18.75 -2.74
N ASP D 174 -18.13 17.76 -2.24
CA ASP D 174 -17.53 17.82 -0.91
C ASP D 174 -16.44 18.90 -0.79
N SER D 175 -16.40 19.58 0.38
CA SER D 175 -15.43 20.65 0.67
C SER D 175 -14.01 20.12 0.90
N LYS D 176 -13.91 18.86 1.41
CA LYS D 176 -12.66 18.18 1.71
C LYS D 176 -12.15 17.35 0.55
N ASP D 177 -12.82 16.19 0.24
CA ASP D 177 -12.38 15.27 -0.84
C ASP D 177 -12.90 15.53 -2.24
N SER D 178 -13.92 16.40 -2.39
CA SER D 178 -14.52 16.81 -3.67
C SER D 178 -15.25 15.73 -4.45
N THR D 179 -15.94 14.85 -3.72
CA THR D 179 -16.72 13.74 -4.30
C THR D 179 -18.20 14.02 -4.13
N TYR D 180 -19.05 13.15 -4.67
CA TYR D 180 -20.50 13.32 -4.52
C TYR D 180 -21.03 12.10 -3.78
N SER D 181 -22.33 12.10 -3.45
CA SER D 181 -23.00 10.95 -2.84
C SER D 181 -24.41 10.91 -3.40
N LEU D 182 -24.91 9.71 -3.72
CA LEU D 182 -26.23 9.53 -4.31
C LEU D 182 -27.09 8.57 -3.49
N SER D 183 -28.37 8.91 -3.36
CA SER D 183 -29.32 8.07 -2.63
C SER D 183 -30.56 7.79 -3.45
N SER D 184 -30.77 6.52 -3.81
CA SER D 184 -31.97 6.08 -4.53
C SER D 184 -32.83 5.22 -3.60
N THR D 185 -34.13 5.58 -3.51
CA THR D 185 -35.10 4.91 -2.65
C THR D 185 -36.27 4.44 -3.45
N LEU D 186 -36.55 3.16 -3.34
CA LEU D 186 -37.66 2.49 -3.98
C LEU D 186 -38.70 2.28 -2.89
N THR D 187 -39.88 2.93 -3.04
CA THR D 187 -41.00 2.88 -2.08
C THR D 187 -42.17 2.06 -2.60
N LEU D 188 -42.55 1.05 -1.78
CA LEU D 188 -43.62 0.09 -2.04
C LEU D 188 -44.54 -0.04 -0.84
N SER D 189 -45.78 -0.49 -1.10
CA SER D 189 -46.74 -0.79 -0.05
C SER D 189 -46.32 -2.12 0.57
N LYS D 190 -46.54 -2.32 1.89
CA LYS D 190 -46.17 -3.55 2.62
C LYS D 190 -46.51 -4.79 1.82
N ALA D 191 -47.71 -4.84 1.23
CA ALA D 191 -48.19 -5.94 0.39
C ALA D 191 -47.18 -6.31 -0.69
N ASP D 192 -46.81 -5.31 -1.53
CA ASP D 192 -45.89 -5.49 -2.65
C ASP D 192 -44.50 -5.91 -2.22
N TYR D 193 -44.03 -5.39 -1.08
CA TYR D 193 -42.73 -5.74 -0.55
C TYR D 193 -42.73 -7.17 -0.04
N GLU D 194 -43.83 -7.59 0.62
CA GLU D 194 -44.01 -8.94 1.16
C GLU D 194 -44.13 -10.00 0.05
N LYS D 195 -44.40 -9.58 -1.20
CA LYS D 195 -44.51 -10.45 -2.37
C LYS D 195 -43.18 -11.03 -2.85
N HIS D 196 -42.06 -10.33 -2.67
CA HIS D 196 -40.77 -10.78 -3.20
C HIS D 196 -39.65 -11.02 -2.20
N LYS D 197 -38.65 -11.83 -2.58
CA LYS D 197 -37.51 -12.20 -1.72
C LYS D 197 -36.27 -11.34 -1.92
N VAL D 198 -35.70 -11.32 -3.14
CA VAL D 198 -34.46 -10.60 -3.47
C VAL D 198 -34.67 -9.21 -4.06
N TYR D 199 -34.07 -8.21 -3.41
CA TYR D 199 -34.10 -6.82 -3.84
C TYR D 199 -32.65 -6.38 -4.07
N ALA D 200 -32.30 -6.16 -5.34
CA ALA D 200 -30.95 -5.79 -5.74
C ALA D 200 -30.92 -4.40 -6.26
N CYS D 201 -29.72 -3.83 -6.32
CA CYS D 201 -29.39 -2.49 -6.77
C CYS D 201 -28.17 -2.61 -7.71
N GLU D 202 -28.31 -2.23 -8.99
CA GLU D 202 -27.22 -2.31 -9.97
C GLU D 202 -26.66 -0.92 -10.36
N VAL D 203 -25.39 -0.68 -9.98
CA VAL D 203 -24.66 0.57 -10.14
C VAL D 203 -23.64 0.59 -11.30
N THR D 204 -23.78 1.58 -12.22
CA THR D 204 -22.91 1.79 -13.38
C THR D 204 -22.24 3.18 -13.33
N HIS D 205 -20.94 3.19 -12.97
CA HIS D 205 -20.09 4.39 -12.85
C HIS D 205 -18.76 4.13 -13.58
N GLN D 206 -18.09 5.18 -14.11
CA GLN D 206 -16.83 4.99 -14.82
C GLN D 206 -15.64 4.55 -13.94
N GLY D 207 -15.77 4.73 -12.62
CA GLY D 207 -14.79 4.30 -11.64
C GLY D 207 -14.83 2.78 -11.42
N LEU D 208 -15.93 2.14 -11.85
CA LEU D 208 -16.17 0.70 -11.76
C LEU D 208 -15.97 0.09 -13.14
N SER D 209 -15.22 -1.03 -13.20
CA SER D 209 -14.97 -1.75 -14.43
C SER D 209 -16.21 -2.51 -14.88
N SER D 210 -16.92 -3.13 -13.92
CA SER D 210 -18.15 -3.87 -14.21
C SER D 210 -19.28 -3.37 -13.28
N PRO D 211 -20.56 -3.40 -13.73
CA PRO D 211 -21.65 -2.91 -12.86
C PRO D 211 -21.78 -3.68 -11.55
N VAL D 212 -21.51 -2.98 -10.44
CA VAL D 212 -21.58 -3.51 -9.08
C VAL D 212 -23.05 -3.69 -8.60
N THR D 213 -23.34 -4.85 -8.00
CA THR D 213 -24.67 -5.20 -7.55
C THR D 213 -24.70 -5.60 -6.08
N LYS D 214 -25.51 -4.88 -5.30
CA LYS D 214 -25.72 -5.15 -3.89
C LYS D 214 -27.17 -5.61 -3.73
N SER D 215 -27.36 -6.77 -3.09
CA SER D 215 -28.69 -7.38 -2.93
C SER D 215 -28.96 -7.88 -1.52
N PHE D 216 -30.21 -8.28 -1.25
CA PHE D 216 -30.64 -8.85 0.02
C PHE D 216 -31.88 -9.73 -0.12
N ASN D 217 -32.10 -10.60 0.88
CA ASN D 217 -33.26 -11.48 1.07
C ASN D 217 -33.97 -10.98 2.34
N ARG D 218 -35.28 -11.23 2.49
CA ARG D 218 -36.12 -10.76 3.61
C ARG D 218 -35.55 -10.59 5.05
N GLY D 219 -34.99 -11.66 5.61
CA GLY D 219 -34.38 -11.66 6.94
C GLY D 219 -32.93 -12.16 6.96
N GLU D 220 -32.23 -11.94 8.11
CA GLU D 220 -30.84 -12.32 8.49
C GLU D 220 -29.97 -11.18 9.07
N CYS D 221 -29.30 -11.49 10.22
CA CYS D 221 -28.39 -10.64 10.99
C CYS D 221 -27.04 -11.36 11.17
N GLU E 1 1.51 -22.35 28.07
CA GLU E 1 1.11 -23.76 28.07
C GLU E 1 0.95 -24.25 26.62
N VAL E 2 -0.30 -24.41 26.18
CA VAL E 2 -0.75 -24.87 24.87
C VAL E 2 -1.09 -23.62 24.09
N GLN E 3 -0.65 -23.51 22.83
CA GLN E 3 -0.95 -22.32 22.03
C GLN E 3 -1.38 -22.60 20.60
N LEU E 4 -2.53 -22.05 20.20
CA LEU E 4 -3.00 -22.19 18.81
C LEU E 4 -2.69 -20.87 18.16
N VAL E 5 -1.52 -20.80 17.50
CA VAL E 5 -1.02 -19.57 16.89
C VAL E 5 -1.52 -19.33 15.48
N GLN E 6 -2.43 -18.38 15.32
CA GLN E 6 -2.92 -18.03 13.97
C GLN E 6 -2.28 -16.72 13.54
N PRO E 7 -2.25 -16.40 12.21
CA PRO E 7 -1.69 -15.13 11.79
C PRO E 7 -2.55 -13.94 12.26
N GLY E 8 -2.01 -12.75 12.23
CA GLY E 8 -2.75 -11.59 12.70
C GLY E 8 -3.83 -11.05 11.80
N VAL E 9 -3.65 -11.11 10.44
CA VAL E 9 -4.57 -10.52 9.44
C VAL E 9 -4.12 -10.64 7.98
N GLU E 10 -5.08 -10.93 7.07
CA GLU E 10 -4.83 -10.86 5.64
C GLU E 10 -5.92 -10.08 4.94
N LEU E 11 -5.52 -9.29 3.93
CA LEU E 11 -6.41 -8.48 3.10
C LEU E 11 -6.39 -9.01 1.66
N ARG E 12 -7.57 -9.35 1.16
CA ARG E 12 -7.69 -9.81 -0.22
C ARG E 12 -8.71 -8.99 -0.96
N ASN E 13 -8.57 -8.92 -2.27
CA ASN E 13 -9.53 -8.24 -3.12
C ASN E 13 -10.75 -9.16 -3.25
N PRO E 14 -11.89 -8.69 -3.77
CA PRO E 14 -13.05 -9.58 -3.92
C PRO E 14 -12.80 -10.62 -5.03
N GLY E 15 -13.12 -11.86 -4.71
CA GLY E 15 -12.98 -13.02 -5.60
C GLY E 15 -11.72 -13.84 -5.36
N ALA E 16 -10.68 -13.18 -4.82
CA ALA E 16 -9.40 -13.79 -4.44
C ALA E 16 -9.67 -14.78 -3.31
N SER E 17 -8.77 -15.71 -3.05
CA SER E 17 -8.99 -16.67 -1.98
C SER E 17 -7.88 -16.61 -0.93
N VAL E 18 -8.25 -16.75 0.34
CA VAL E 18 -7.33 -16.70 1.48
C VAL E 18 -7.18 -18.11 2.03
N LYS E 19 -6.23 -18.26 2.94
CA LYS E 19 -5.91 -19.51 3.59
C LYS E 19 -5.48 -19.17 5.01
N VAL E 20 -6.44 -19.24 5.94
CA VAL E 20 -6.18 -18.96 7.35
C VAL E 20 -5.42 -20.17 7.88
N SER E 21 -4.30 -19.92 8.53
CA SER E 21 -3.46 -20.95 9.12
C SER E 21 -3.60 -20.95 10.64
N CYS E 22 -3.25 -22.08 11.28
CA CYS E 22 -3.27 -22.24 12.73
C CYS E 22 -2.23 -23.23 13.21
N LYS E 23 -1.06 -22.70 13.66
CA LYS E 23 0.05 -23.50 14.17
C LYS E 23 -0.31 -23.99 15.54
N ALA E 24 -0.26 -25.29 15.73
CA ALA E 24 -0.57 -25.79 17.06
C ALA E 24 0.69 -26.14 17.86
N SER E 25 1.13 -25.15 18.66
CA SER E 25 2.20 -25.28 19.65
C SER E 25 1.47 -26.10 20.70
N GLY E 26 2.12 -26.54 21.77
CA GLY E 26 1.28 -27.28 22.70
C GLY E 26 1.73 -27.76 24.06
N TYR E 27 1.15 -28.90 24.54
CA TYR E 27 0.25 -29.86 23.86
C TYR E 27 0.89 -30.34 22.59
N ILE E 28 0.17 -31.10 21.77
CA ILE E 28 0.62 -31.64 20.50
C ILE E 28 -0.54 -32.33 19.78
N PHE E 29 -0.52 -32.25 18.45
CA PHE E 29 -1.44 -33.00 17.59
C PHE E 29 -1.00 -34.46 17.93
N THR E 30 -1.85 -35.47 17.76
CA THR E 30 -3.22 -35.38 17.35
C THR E 30 -4.04 -35.79 18.56
N MET E 31 -5.22 -36.37 18.31
CA MET E 31 -6.21 -36.79 19.27
C MET E 31 -6.99 -35.62 19.87
N ASN E 32 -6.93 -34.49 19.15
CA ASN E 32 -7.65 -33.27 19.41
C ASN E 32 -8.08 -32.74 18.07
N SER E 33 -9.37 -32.90 17.79
CA SER E 33 -10.02 -32.43 16.56
C SER E 33 -9.96 -30.90 16.57
N ILE E 34 -10.19 -30.25 15.42
CA ILE E 34 -10.16 -28.79 15.40
C ILE E 34 -11.33 -28.19 14.64
N ASP E 35 -11.98 -27.18 15.24
CA ASP E 35 -13.03 -26.51 14.49
C ASP E 35 -12.83 -25.04 14.29
N TRP E 36 -13.58 -24.52 13.33
CA TRP E 36 -13.52 -23.14 12.91
C TRP E 36 -14.80 -22.37 13.18
N VAL E 37 -14.67 -21.30 13.94
CA VAL E 37 -15.77 -20.43 14.34
C VAL E 37 -15.44 -19.05 13.81
N ARG E 38 -16.42 -18.35 13.26
CA ARG E 38 -16.17 -16.99 12.77
C ARG E 38 -16.99 -15.92 13.47
N GLN E 39 -16.40 -14.75 13.65
CA GLN E 39 -17.02 -13.64 14.32
C GLN E 39 -17.03 -12.41 13.47
N ALA E 40 -18.20 -12.19 12.95
CA ALA E 40 -18.47 -11.02 12.18
C ALA E 40 -18.49 -9.82 13.19
N PRO E 41 -18.40 -8.56 12.72
CA PRO E 41 -18.30 -7.42 13.67
C PRO E 41 -19.50 -7.17 14.59
N GLY E 42 -19.30 -7.30 15.92
CA GLY E 42 -20.35 -7.10 16.93
C GLY E 42 -21.42 -8.17 17.00
N GLN E 43 -21.47 -9.04 15.98
CA GLN E 43 -22.42 -10.16 15.91
C GLN E 43 -21.83 -11.39 16.64
N GLY E 44 -22.66 -12.32 17.07
CA GLY E 44 -22.19 -13.51 17.81
C GLY E 44 -21.26 -14.44 17.05
N LEU E 45 -20.95 -15.56 17.69
CA LEU E 45 -20.09 -16.55 17.08
C LEU E 45 -20.89 -17.46 16.15
N GLU E 46 -20.30 -17.81 15.03
CA GLU E 46 -20.92 -18.65 14.01
C GLU E 46 -20.01 -19.84 13.65
N TRP E 47 -20.53 -21.05 13.92
CA TRP E 47 -19.87 -22.34 13.70
C TRP E 47 -19.79 -22.70 12.22
N MET E 48 -18.55 -22.89 11.75
CA MET E 48 -18.22 -23.17 10.35
C MET E 48 -18.08 -24.64 10.01
N GLY E 49 -17.53 -25.41 10.95
CA GLY E 49 -17.28 -26.83 10.77
C GLY E 49 -16.12 -27.33 11.59
N ARG E 50 -15.83 -28.65 11.50
CA ARG E 50 -14.78 -29.37 12.24
C ARG E 50 -13.70 -30.00 11.34
N ILE E 51 -12.72 -30.67 11.98
CA ILE E 51 -11.60 -31.40 11.39
C ILE E 51 -11.07 -32.45 12.37
N ASP E 52 -10.77 -33.67 11.87
CA ASP E 52 -10.12 -34.72 12.67
C ASP E 52 -8.70 -34.78 12.11
N PRO E 53 -7.70 -34.15 12.80
CA PRO E 53 -6.34 -34.11 12.25
C PRO E 53 -5.72 -35.49 12.08
N GLU E 54 -6.24 -36.48 12.87
CA GLU E 54 -5.88 -37.90 12.87
C GLU E 54 -5.67 -38.28 11.43
N ASP E 55 -6.74 -38.10 10.64
CA ASP E 55 -6.78 -38.27 9.20
C ASP E 55 -7.97 -37.51 8.62
N GLY E 56 -7.71 -36.24 8.32
CA GLY E 56 -8.59 -35.25 7.69
C GLY E 56 -10.06 -35.52 7.55
N GLY E 57 -10.71 -35.84 8.66
CA GLY E 57 -12.15 -36.06 8.68
C GLY E 57 -12.83 -34.73 8.87
N THR E 58 -13.70 -34.32 7.94
CA THR E 58 -14.32 -32.98 8.00
C THR E 58 -15.84 -32.97 8.00
N LYS E 59 -16.42 -31.89 8.55
CA LYS E 59 -17.87 -31.56 8.58
C LYS E 59 -18.03 -30.07 8.35
N TYR E 60 -19.06 -29.67 7.59
CA TYR E 60 -19.33 -28.25 7.33
C TYR E 60 -20.79 -27.93 7.64
N ALA E 61 -21.06 -26.73 8.15
CA ALA E 61 -22.43 -26.28 8.38
C ALA E 61 -22.90 -25.84 7.00
N GLN E 62 -24.05 -26.37 6.51
CA GLN E 62 -24.66 -26.11 5.18
C GLN E 62 -24.19 -24.81 4.48
N LYS E 63 -24.43 -23.66 5.12
CA LYS E 63 -24.08 -22.28 4.72
C LYS E 63 -22.57 -21.99 4.44
N PHE E 64 -21.69 -22.92 4.81
CA PHE E 64 -20.26 -22.83 4.61
C PHE E 64 -19.76 -23.87 3.63
N GLN E 65 -20.55 -24.94 3.45
CA GLN E 65 -20.30 -26.02 2.49
C GLN E 65 -20.39 -25.40 1.08
N GLY E 66 -19.34 -25.57 0.28
CA GLY E 66 -19.24 -25.10 -1.09
C GLY E 66 -18.28 -23.93 -1.32
N ARG E 67 -18.11 -23.10 -0.28
CA ARG E 67 -17.22 -21.92 -0.35
C ARG E 67 -15.96 -22.12 0.49
N VAL E 68 -16.05 -22.92 1.58
CA VAL E 68 -14.93 -23.20 2.50
C VAL E 68 -14.31 -24.61 2.25
N THR E 69 -13.08 -24.84 2.77
CA THR E 69 -12.33 -26.09 2.71
C THR E 69 -11.34 -26.17 3.90
N PHE E 70 -11.40 -27.24 4.70
CA PHE E 70 -10.39 -27.32 5.77
C PHE E 70 -9.40 -28.42 5.46
N THR E 71 -8.17 -28.00 5.31
CA THR E 71 -7.02 -28.87 5.09
C THR E 71 -6.33 -28.96 6.45
N ALA E 72 -5.33 -29.84 6.58
CA ALA E 72 -4.51 -30.01 7.78
C ALA E 72 -3.26 -30.75 7.38
N ASP E 73 -2.12 -30.34 7.95
CA ASP E 73 -0.84 -30.98 7.69
C ASP E 73 -0.28 -31.47 9.01
N THR E 74 -0.23 -32.79 9.14
CA THR E 74 0.25 -33.57 10.29
C THR E 74 1.73 -33.28 10.58
N SER E 75 2.50 -32.84 9.55
CA SER E 75 3.93 -32.57 9.64
C SER E 75 4.26 -31.37 10.50
N THR E 76 3.82 -30.17 10.08
CA THR E 76 4.09 -28.91 10.80
C THR E 76 3.10 -28.59 11.93
N SER E 77 2.14 -29.51 12.22
CA SER E 77 1.09 -29.35 13.24
C SER E 77 0.28 -28.07 12.97
N THR E 78 -0.03 -27.86 11.68
CA THR E 78 -0.75 -26.71 11.15
C THR E 78 -2.01 -27.18 10.44
N ALA E 79 -3.13 -26.51 10.75
CA ALA E 79 -4.47 -26.72 10.20
C ALA E 79 -4.86 -25.46 9.45
N TYR E 80 -5.63 -25.61 8.38
CA TYR E 80 -6.00 -24.49 7.51
C TYR E 80 -7.49 -24.36 7.21
N VAL E 81 -7.88 -23.17 6.69
CA VAL E 81 -9.21 -22.79 6.20
C VAL E 81 -9.02 -21.98 4.93
N GLU E 82 -9.60 -22.45 3.83
CA GLU E 82 -9.49 -21.79 2.54
C GLU E 82 -10.90 -21.37 2.06
N LEU E 83 -11.17 -20.06 2.09
CA LEU E 83 -12.45 -19.53 1.64
C LEU E 83 -12.28 -18.98 0.25
N ASN E 84 -13.17 -19.39 -0.66
CA ASN E 84 -13.19 -19.04 -2.08
C ASN E 84 -14.23 -17.98 -2.42
N SER E 85 -14.05 -17.33 -3.61
CA SER E 85 -14.92 -16.29 -4.16
C SER E 85 -15.31 -15.27 -3.08
N LEU E 86 -14.26 -14.70 -2.43
CA LEU E 86 -14.38 -13.74 -1.33
C LEU E 86 -15.29 -12.56 -1.65
N ARG E 87 -16.29 -12.34 -0.76
CA ARG E 87 -17.30 -11.28 -0.83
C ARG E 87 -17.08 -10.37 0.37
N SER E 88 -17.55 -9.10 0.30
CA SER E 88 -17.43 -8.14 1.40
C SER E 88 -18.09 -8.65 2.69
N GLU E 89 -19.03 -9.62 2.56
CA GLU E 89 -19.75 -10.25 3.67
C GLU E 89 -18.80 -11.09 4.51
N ASP E 90 -17.82 -11.71 3.84
CA ASP E 90 -16.82 -12.59 4.45
C ASP E 90 -15.84 -11.89 5.39
N THR E 91 -15.91 -10.54 5.48
CA THR E 91 -15.07 -9.73 6.35
C THR E 91 -15.44 -10.05 7.82
N ALA E 92 -14.62 -10.88 8.50
CA ALA E 92 -14.84 -11.32 9.88
C ALA E 92 -13.53 -11.77 10.53
N VAL E 93 -13.60 -12.18 11.81
CA VAL E 93 -12.48 -12.71 12.60
C VAL E 93 -12.65 -14.22 12.63
N TYR E 94 -11.67 -14.95 12.08
CA TYR E 94 -11.74 -16.41 11.99
C TYR E 94 -10.96 -17.12 13.09
N TYR E 95 -11.70 -17.78 14.00
CA TYR E 95 -11.15 -18.52 15.15
C TYR E 95 -10.85 -20.00 14.93
N CYS E 96 -9.71 -20.40 15.46
CA CYS E 96 -9.16 -21.73 15.46
C CYS E 96 -9.24 -22.16 16.91
N ALA E 97 -10.17 -23.07 17.19
CA ALA E 97 -10.36 -23.56 18.54
C ALA E 97 -10.19 -25.07 18.58
N ARG E 98 -9.51 -25.55 19.64
CA ARG E 98 -9.21 -26.95 19.88
C ARG E 98 -10.37 -27.65 20.61
N VAL E 99 -10.93 -28.70 19.97
CA VAL E 99 -12.07 -29.48 20.46
C VAL E 99 -11.62 -30.56 21.42
N ASP E 100 -12.13 -30.51 22.65
CA ASP E 100 -11.88 -31.59 23.59
C ASP E 100 -12.97 -32.63 23.33
N ASP E 101 -12.56 -33.92 23.35
CA ASP E 101 -13.33 -35.16 23.05
C ASP E 101 -14.54 -35.50 23.94
N TYR E 102 -14.67 -34.90 25.11
CA TYR E 102 -15.76 -35.12 26.09
C TYR E 102 -15.97 -33.73 26.62
N TYR E 103 -17.22 -33.21 26.62
CA TYR E 103 -17.59 -31.80 26.90
C TYR E 103 -17.12 -31.15 25.61
N LEU E 104 -18.03 -30.83 24.69
CA LEU E 104 -17.46 -30.42 23.41
C LEU E 104 -16.95 -29.00 23.24
N GLY E 105 -15.71 -28.94 22.74
CA GLY E 105 -14.90 -27.74 22.59
C GLY E 105 -14.57 -27.15 23.95
N TYR E 106 -13.83 -26.04 24.09
CA TYR E 106 -12.93 -25.26 23.25
C TYR E 106 -12.12 -24.60 24.34
N ASP E 107 -11.32 -25.42 25.02
CA ASP E 107 -10.43 -25.10 26.14
C ASP E 107 -9.37 -24.10 25.71
N TYR E 108 -8.86 -24.25 24.51
CA TYR E 108 -7.85 -23.36 24.01
C TYR E 108 -8.27 -22.84 22.69
N TRP E 109 -8.18 -21.53 22.54
CA TRP E 109 -8.65 -20.79 21.38
C TRP E 109 -7.50 -20.04 20.72
N GLY E 110 -7.71 -19.50 19.53
CA GLY E 110 -6.67 -18.77 18.86
C GLY E 110 -6.96 -17.30 18.77
N GLN E 111 -5.97 -16.51 18.39
CA GLN E 111 -5.99 -15.08 18.55
C GLN E 111 -6.95 -14.40 17.69
N GLY E 112 -7.27 -14.99 16.58
CA GLY E 112 -8.19 -14.40 15.65
C GLY E 112 -7.40 -14.08 14.44
N THR E 113 -8.00 -14.16 13.28
CA THR E 113 -7.35 -13.73 12.08
C THR E 113 -8.32 -12.94 11.23
N GLN E 114 -8.39 -11.66 11.50
CA GLN E 114 -9.26 -10.79 10.80
C GLN E 114 -9.02 -10.92 9.36
N VAL E 115 -10.07 -11.01 8.59
CA VAL E 115 -9.95 -11.06 7.16
C VAL E 115 -10.69 -9.86 6.59
N THR E 116 -9.97 -9.03 5.82
CA THR E 116 -10.59 -7.87 5.25
C THR E 116 -10.67 -8.02 3.75
N VAL E 117 -11.88 -7.92 3.24
CA VAL E 117 -12.14 -7.99 1.81
C VAL E 117 -12.29 -6.54 1.30
N SER E 118 -11.20 -6.00 0.68
CA SER E 118 -11.09 -4.62 0.16
C SER E 118 -10.14 -4.46 -1.04
N SER E 119 -10.55 -3.60 -2.00
CA SER E 119 -9.86 -3.23 -3.25
C SER E 119 -8.72 -2.24 -3.02
N ALA E 120 -8.80 -1.49 -1.89
CA ALA E 120 -7.85 -0.46 -1.44
C ALA E 120 -6.42 -0.99 -1.20
N SER E 121 -5.43 -0.08 -1.31
CA SER E 121 -3.99 -0.31 -1.19
C SER E 121 -3.47 -0.19 0.24
N THR E 122 -2.41 -0.96 0.57
CA THR E 122 -1.77 -0.93 1.88
C THR E 122 -1.08 0.42 2.08
N LYS E 123 -1.02 0.90 3.33
CA LYS E 123 -0.37 2.15 3.68
C LYS E 123 0.08 2.12 5.14
N GLY E 124 1.38 2.35 5.35
CA GLY E 124 2.00 2.40 6.67
C GLY E 124 1.61 3.64 7.46
N PRO E 125 1.60 3.54 8.81
CA PRO E 125 1.22 4.72 9.62
C PRO E 125 2.34 5.73 9.91
N SER E 126 1.94 6.90 10.43
CA SER E 126 2.83 7.98 10.84
C SER E 126 2.74 8.12 12.38
N VAL E 127 3.82 7.79 13.12
CA VAL E 127 3.83 7.81 14.60
C VAL E 127 4.36 9.13 15.18
N PHE E 128 3.49 9.85 15.92
CA PHE E 128 3.80 11.13 16.52
C PHE E 128 3.65 11.11 18.04
N PRO E 129 4.54 11.76 18.81
CA PRO E 129 4.37 11.76 20.26
C PRO E 129 3.27 12.73 20.72
N LEU E 130 2.69 12.41 21.88
CA LEU E 130 1.69 13.20 22.58
C LEU E 130 2.37 13.51 23.90
N ALA E 131 3.06 14.64 23.89
CA ALA E 131 3.90 15.11 24.97
C ALA E 131 3.19 15.53 26.27
N PRO E 132 3.71 15.11 27.45
CA PRO E 132 3.11 15.57 28.72
C PRO E 132 3.57 16.99 29.05
N SER E 133 2.74 17.78 29.80
CA SER E 133 3.09 19.16 30.18
C SER E 133 2.61 19.58 31.57
N GLY E 140 -0.75 15.17 40.48
CA GLY E 140 0.55 14.53 40.39
C GLY E 140 0.60 13.29 39.50
N THR E 141 -0.25 13.30 38.45
CA THR E 141 -0.38 12.24 37.44
C THR E 141 -0.40 12.88 36.06
N ALA E 142 0.61 12.53 35.25
CA ALA E 142 0.74 13.05 33.90
C ALA E 142 0.31 12.00 32.89
N ALA E 143 -0.17 12.46 31.72
CA ALA E 143 -0.61 11.58 30.65
C ALA E 143 0.20 11.85 29.39
N LEU E 144 0.81 10.81 28.85
CA LEU E 144 1.60 10.87 27.61
C LEU E 144 1.11 9.78 26.66
N GLY E 145 1.32 9.98 25.36
CA GLY E 145 0.85 9.02 24.37
C GLY E 145 1.48 9.06 22.99
N CYS E 146 0.89 8.27 22.07
CA CYS E 146 1.30 8.14 20.69
C CYS E 146 0.15 8.28 19.76
N LEU E 147 0.37 9.00 18.67
CA LEU E 147 -0.64 9.18 17.65
C LEU E 147 -0.23 8.38 16.42
N VAL E 148 -0.99 7.34 16.11
CA VAL E 148 -0.74 6.45 14.96
C VAL E 148 -1.70 6.89 13.85
N LYS E 149 -1.26 7.89 13.09
CA LYS E 149 -2.05 8.56 12.05
C LYS E 149 -1.84 8.04 10.65
N ASP E 150 -2.95 8.03 9.86
CA ASP E 150 -3.05 7.65 8.43
C ASP E 150 -2.47 6.29 8.05
N TYR E 151 -3.29 5.23 8.18
CA TYR E 151 -2.87 3.86 7.85
C TYR E 151 -4.00 2.99 7.35
N PHE E 152 -3.65 1.91 6.62
CA PHE E 152 -4.61 0.95 6.06
C PHE E 152 -3.93 -0.38 5.72
N PRO E 153 -4.53 -1.51 6.11
CA PRO E 153 -5.79 -1.68 6.84
C PRO E 153 -5.59 -1.89 8.34
N GLU E 154 -6.70 -2.07 9.06
CA GLU E 154 -6.71 -2.36 10.49
C GLU E 154 -6.23 -3.79 10.68
N PRO E 155 -5.48 -4.13 11.76
CA PRO E 155 -5.13 -3.31 12.94
C PRO E 155 -3.65 -2.91 13.04
N VAL E 156 -3.35 -2.17 14.12
CA VAL E 156 -2.00 -1.78 14.54
C VAL E 156 -1.86 -2.25 15.98
N THR E 157 -0.68 -2.72 16.35
CA THR E 157 -0.44 -3.15 17.73
C THR E 157 0.52 -2.18 18.38
N VAL E 158 0.06 -1.53 19.46
CA VAL E 158 0.86 -0.55 20.18
C VAL E 158 1.18 -1.08 21.56
N SER E 159 2.49 -1.15 21.87
CA SER E 159 3.00 -1.59 23.17
C SER E 159 3.90 -0.50 23.73
N TRP E 160 4.08 -0.46 25.05
CA TRP E 160 4.90 0.55 25.70
C TRP E 160 6.05 -0.08 26.45
N ASN E 161 7.26 0.50 26.26
CA ASN E 161 8.53 0.07 26.86
C ASN E 161 8.81 -1.42 26.61
N SER E 162 8.52 -1.87 25.38
CA SER E 162 8.66 -3.26 24.89
C SER E 162 7.74 -4.22 25.65
N GLY E 163 6.54 -3.72 26.02
CA GLY E 163 5.52 -4.48 26.75
C GLY E 163 5.61 -4.44 28.27
N ALA E 164 6.73 -3.90 28.81
CA ALA E 164 6.99 -3.79 30.25
C ALA E 164 6.00 -2.85 30.96
N LEU E 165 5.48 -1.84 30.22
CA LEU E 165 4.49 -0.90 30.74
C LEU E 165 3.10 -1.34 30.27
N THR E 166 2.22 -1.68 31.24
CA THR E 166 0.85 -2.15 30.99
C THR E 166 -0.21 -1.40 31.79
N SER E 167 0.13 -0.96 33.02
CA SER E 167 -0.79 -0.24 33.91
C SER E 167 -1.16 1.14 33.40
N GLY E 168 -2.45 1.38 33.27
CA GLY E 168 -3.02 2.65 32.80
C GLY E 168 -2.92 2.91 31.32
N VAL E 169 -2.55 1.90 30.54
CA VAL E 169 -2.42 2.02 29.09
C VAL E 169 -3.81 1.93 28.45
N HIS E 170 -4.13 2.89 27.57
CA HIS E 170 -5.40 2.93 26.86
C HIS E 170 -5.18 3.08 25.37
N THR E 171 -5.29 1.98 24.62
CA THR E 171 -5.17 2.02 23.17
C THR E 171 -6.60 2.15 22.66
N PHE E 172 -6.91 3.33 22.13
CA PHE E 172 -8.24 3.68 21.65
C PHE E 172 -8.68 2.90 20.42
N PRO E 173 -10.00 2.73 20.23
CA PRO E 173 -10.47 2.07 18.99
C PRO E 173 -10.25 3.00 17.81
N ALA E 174 -9.67 2.47 16.73
CA ALA E 174 -9.36 3.21 15.53
C ALA E 174 -10.58 3.82 14.87
N VAL E 175 -10.39 5.00 14.29
CA VAL E 175 -11.45 5.73 13.61
C VAL E 175 -11.16 5.92 12.15
N LEU E 176 -12.22 5.88 11.34
CA LEU E 176 -12.11 6.05 9.91
C LEU E 176 -12.16 7.52 9.57
N GLN E 177 -11.11 8.01 8.93
CA GLN E 177 -11.02 9.39 8.49
C GLN E 177 -11.70 9.51 7.13
N SER E 178 -11.96 10.76 6.67
CA SER E 178 -12.57 11.08 5.36
C SER E 178 -11.74 10.49 4.19
N SER E 179 -10.41 10.37 4.42
CA SER E 179 -9.39 9.83 3.53
C SER E 179 -9.53 8.32 3.33
N GLY E 180 -10.32 7.66 4.19
CA GLY E 180 -10.51 6.22 4.15
C GLY E 180 -9.39 5.47 4.86
N LEU E 181 -8.52 6.23 5.56
CA LEU E 181 -7.38 5.71 6.30
C LEU E 181 -7.74 5.74 7.75
N TYR E 182 -7.29 4.75 8.49
CA TYR E 182 -7.60 4.72 9.91
C TYR E 182 -6.61 5.57 10.68
N SER E 183 -7.04 6.02 11.85
CA SER E 183 -6.22 6.75 12.77
C SER E 183 -6.57 6.29 14.17
N LEU E 184 -5.54 6.18 14.99
CA LEU E 184 -5.58 5.63 16.33
C LEU E 184 -4.68 6.44 17.23
N SER E 185 -4.90 6.31 18.54
CA SER E 185 -4.11 6.98 19.56
C SER E 185 -4.01 6.11 20.81
N SER E 186 -2.80 5.98 21.38
CA SER E 186 -2.57 5.16 22.57
C SER E 186 -1.96 6.00 23.65
N VAL E 187 -2.57 5.99 24.85
CA VAL E 187 -2.12 6.79 26.01
C VAL E 187 -1.78 5.95 27.23
N VAL E 188 -1.19 6.61 28.25
CA VAL E 188 -0.81 6.01 29.53
C VAL E 188 -0.61 7.08 30.59
N THR E 189 -1.32 6.95 31.71
CA THR E 189 -1.20 7.84 32.85
C THR E 189 -0.06 7.34 33.72
N VAL E 190 0.90 8.22 33.98
CA VAL E 190 2.08 7.90 34.78
C VAL E 190 2.20 8.94 35.94
N PRO E 191 2.94 8.66 37.05
CA PRO E 191 3.11 9.71 38.06
C PRO E 191 4.02 10.82 37.52
N SER E 192 3.81 12.08 37.95
CA SER E 192 4.61 13.22 37.51
C SER E 192 6.08 13.08 37.91
N SER E 193 6.33 12.39 39.05
CA SER E 193 7.64 12.12 39.64
C SER E 193 8.57 11.31 38.71
N SER E 194 8.02 10.33 37.97
CA SER E 194 8.80 9.48 37.08
C SER E 194 9.20 10.09 35.74
N LEU E 195 8.69 11.29 35.39
CA LEU E 195 9.00 11.96 34.12
C LEU E 195 10.50 12.25 33.90
N GLY E 196 11.20 12.62 34.96
CA GLY E 196 12.64 12.89 34.93
C GLY E 196 13.46 11.61 34.90
N THR E 197 13.02 10.59 35.67
CA THR E 197 13.65 9.27 35.80
C THR E 197 13.43 8.37 34.56
N GLN E 198 12.22 7.82 34.45
CA GLN E 198 11.77 6.89 33.42
C GLN E 198 11.75 7.44 31.99
N THR E 199 12.02 6.54 31.01
CA THR E 199 12.00 6.77 29.56
C THR E 199 10.77 6.05 29.02
N TYR E 200 9.93 6.75 28.24
CA TYR E 200 8.71 6.17 27.67
C TYR E 200 8.78 6.09 26.14
N ILE E 201 8.73 4.88 25.56
CA ILE E 201 8.83 4.69 24.10
C ILE E 201 7.72 3.78 23.63
N CYS E 202 6.88 4.24 22.70
CA CYS E 202 5.81 3.38 22.18
C CYS E 202 6.26 2.53 20.97
N ASN E 203 6.05 1.22 21.02
CA ASN E 203 6.38 0.38 19.88
C ASN E 203 5.11 0.27 19.09
N VAL E 204 5.19 0.59 17.82
CA VAL E 204 4.08 0.53 16.88
C VAL E 204 4.40 -0.52 15.80
N ASN E 205 3.44 -1.43 15.55
CA ASN E 205 3.56 -2.48 14.55
C ASN E 205 2.36 -2.49 13.62
N HIS E 206 2.64 -2.50 12.33
CA HIS E 206 1.65 -2.64 11.28
C HIS E 206 2.26 -3.66 10.34
N LYS E 207 1.81 -4.91 10.49
CA LYS E 207 2.30 -6.04 9.71
C LYS E 207 1.91 -5.94 8.23
N PRO E 208 0.68 -5.46 7.85
CA PRO E 208 0.34 -5.39 6.40
C PRO E 208 1.34 -4.66 5.51
N SER E 209 1.87 -3.52 5.98
CA SER E 209 2.84 -2.70 5.27
C SER E 209 4.27 -2.98 5.77
N ASN E 210 4.42 -3.93 6.74
CA ASN E 210 5.68 -4.31 7.38
C ASN E 210 6.39 -3.08 7.94
N THR E 211 5.70 -2.39 8.88
CA THR E 211 6.14 -1.16 9.54
C THR E 211 6.37 -1.44 11.03
N LYS E 212 7.56 -1.03 11.54
CA LYS E 212 7.96 -1.20 12.94
C LYS E 212 8.64 0.07 13.44
N VAL E 213 7.93 0.88 14.22
CA VAL E 213 8.42 2.16 14.73
C VAL E 213 8.48 2.17 16.26
N ASP E 214 9.53 2.81 16.81
CA ASP E 214 9.70 2.99 18.26
C ASP E 214 9.91 4.47 18.53
N LYS E 215 8.82 5.17 18.88
CA LYS E 215 8.83 6.61 19.15
C LYS E 215 9.03 6.90 20.64
N LYS E 216 10.03 7.75 20.95
CA LYS E 216 10.33 8.12 22.33
C LYS E 216 9.57 9.39 22.68
N VAL E 217 8.63 9.28 23.64
CA VAL E 217 7.80 10.41 24.10
C VAL E 217 8.55 11.20 25.19
N GLU E 218 8.93 12.46 24.86
CA GLU E 218 9.66 13.39 25.73
C GLU E 218 8.72 14.52 26.23
N PRO E 219 8.98 15.12 27.43
CA PRO E 219 8.10 16.21 27.91
C PRO E 219 8.13 17.52 27.12
N GLU F 1 11.81 -32.86 -15.79
CA GLU F 1 11.83 -34.30 -15.99
C GLU F 1 12.47 -34.65 -17.37
N VAL F 2 11.78 -34.21 -18.46
CA VAL F 2 12.10 -34.37 -19.89
C VAL F 2 12.30 -32.96 -20.45
N GLN F 3 13.14 -32.77 -21.50
CA GLN F 3 13.31 -31.45 -22.15
C GLN F 3 13.61 -31.46 -23.65
N LEU F 4 12.66 -31.01 -24.47
CA LEU F 4 12.91 -30.93 -25.91
C LEU F 4 13.62 -29.61 -26.21
N VAL F 5 14.95 -29.64 -26.06
CA VAL F 5 15.83 -28.47 -26.25
C VAL F 5 16.12 -28.20 -27.73
N GLN F 6 15.61 -27.05 -28.19
CA GLN F 6 15.80 -26.58 -29.54
C GLN F 6 16.28 -25.14 -29.50
N PRO F 7 17.25 -24.78 -30.36
CA PRO F 7 17.80 -23.43 -30.30
C PRO F 7 17.16 -22.41 -31.25
N GLY F 8 17.22 -21.18 -30.78
CA GLY F 8 16.88 -19.98 -31.51
C GLY F 8 18.20 -19.27 -31.76
N VAL F 9 18.36 -18.48 -32.84
CA VAL F 9 17.40 -18.07 -33.87
C VAL F 9 18.18 -18.12 -35.20
N GLU F 10 17.78 -19.00 -36.12
CA GLU F 10 18.49 -19.04 -37.40
C GLU F 10 17.92 -17.94 -38.28
N LEU F 11 18.78 -17.15 -38.92
CA LEU F 11 18.39 -16.07 -39.83
C LEU F 11 18.92 -16.44 -41.21
N ARG F 12 18.05 -16.41 -42.23
CA ARG F 12 18.43 -16.81 -43.59
C ARG F 12 17.88 -15.84 -44.67
N ASN F 13 18.47 -15.89 -45.90
CA ASN F 13 18.13 -15.05 -47.06
C ASN F 13 17.04 -15.74 -47.89
N PRO F 14 16.19 -15.03 -48.68
CA PRO F 14 15.15 -15.73 -49.46
C PRO F 14 15.70 -16.75 -50.46
N GLY F 15 14.97 -17.86 -50.63
CA GLY F 15 15.34 -18.95 -51.53
C GLY F 15 16.31 -19.96 -50.94
N ALA F 16 16.65 -19.80 -49.65
CA ALA F 16 17.61 -20.61 -48.92
C ALA F 16 17.05 -21.78 -48.13
N SER F 17 17.90 -22.36 -47.28
CA SER F 17 17.53 -23.47 -46.41
C SER F 17 17.94 -23.26 -44.96
N VAL F 18 17.08 -23.72 -44.06
CA VAL F 18 17.23 -23.66 -42.60
C VAL F 18 17.00 -25.04 -41.95
N LYS F 19 17.95 -25.48 -41.09
CA LYS F 19 17.80 -26.76 -40.39
C LYS F 19 17.60 -26.52 -38.91
N VAL F 20 16.36 -26.75 -38.45
CA VAL F 20 15.98 -26.55 -37.04
C VAL F 20 16.09 -27.87 -36.31
N SER F 21 17.01 -27.90 -35.33
CA SER F 21 17.30 -29.06 -34.51
C SER F 21 16.48 -29.11 -33.25
N CYS F 22 16.28 -30.31 -32.75
CA CYS F 22 15.60 -30.57 -31.50
C CYS F 22 16.07 -31.84 -30.89
N LYS F 23 16.50 -31.75 -29.65
CA LYS F 23 16.93 -32.87 -28.85
C LYS F 23 16.48 -32.57 -27.41
N ALA F 24 15.57 -33.35 -26.75
CA ALA F 24 15.06 -34.74 -26.79
C ALA F 24 15.96 -35.43 -25.76
N SER F 25 15.61 -35.22 -24.47
CA SER F 25 16.46 -35.61 -23.35
C SER F 25 16.07 -36.70 -22.32
N GLY F 26 15.10 -36.41 -21.45
CA GLY F 26 14.81 -37.31 -20.33
C GLY F 26 13.90 -38.50 -20.53
N TYR F 27 14.11 -39.33 -21.57
CA TYR F 27 13.22 -40.48 -21.74
C TYR F 27 13.61 -41.57 -22.73
N ILE F 28 14.55 -41.30 -23.65
CA ILE F 28 14.89 -42.18 -24.77
C ILE F 28 13.73 -42.23 -25.78
N PHE F 29 13.80 -41.32 -26.75
CA PHE F 29 12.83 -41.20 -27.82
C PHE F 29 13.06 -42.36 -28.74
N THR F 30 12.03 -43.12 -29.01
CA THR F 30 12.07 -44.30 -29.88
C THR F 30 10.64 -44.71 -30.09
N MET F 31 9.74 -44.40 -29.12
CA MET F 31 8.33 -44.73 -29.25
C MET F 31 7.44 -43.53 -28.87
N ASN F 32 7.90 -42.33 -29.25
CA ASN F 32 7.23 -41.05 -29.05
C ASN F 32 7.43 -40.25 -30.30
N SER F 33 6.49 -40.37 -31.24
CA SER F 33 6.46 -39.63 -32.50
C SER F 33 6.74 -38.13 -32.21
N ILE F 34 7.45 -37.43 -33.08
CA ILE F 34 7.70 -36.00 -32.83
C ILE F 34 7.14 -35.20 -34.00
N ASP F 35 6.51 -34.07 -33.70
CA ASP F 35 5.95 -33.23 -34.75
C ASP F 35 6.25 -31.76 -34.60
N TRP F 36 6.20 -31.11 -35.73
CA TRP F 36 6.53 -29.72 -35.83
C TRP F 36 5.30 -28.94 -36.14
N VAL F 37 5.12 -27.84 -35.42
CA VAL F 37 3.99 -26.91 -35.49
C VAL F 37 4.54 -25.49 -35.47
N ARG F 38 4.17 -24.68 -36.47
CA ARG F 38 4.65 -23.30 -36.60
C ARG F 38 3.58 -22.25 -36.23
N GLN F 39 4.04 -21.14 -35.64
CA GLN F 39 3.25 -20.00 -35.18
C GLN F 39 3.72 -18.68 -35.83
N ALA F 40 3.02 -18.24 -36.87
CA ALA F 40 3.33 -16.92 -37.48
C ALA F 40 2.83 -15.84 -36.51
N PRO F 41 3.59 -14.72 -36.28
CA PRO F 41 3.12 -13.66 -35.36
C PRO F 41 1.62 -13.33 -35.41
N GLY F 42 0.97 -13.52 -34.27
CA GLY F 42 -0.45 -13.27 -34.06
C GLY F 42 -1.36 -14.31 -34.68
N GLN F 43 -0.80 -15.15 -35.60
CA GLN F 43 -1.55 -16.20 -36.27
C GLN F 43 -1.63 -17.46 -35.44
N GLY F 44 -2.16 -18.49 -36.12
CA GLY F 44 -2.46 -19.80 -35.57
C GLY F 44 -1.25 -20.64 -35.27
N LEU F 45 -1.48 -21.94 -35.22
CA LEU F 45 -0.46 -22.92 -34.92
C LEU F 45 -0.48 -23.95 -36.01
N GLU F 46 -0.39 -23.46 -37.26
CA GLU F 46 -0.39 -24.25 -38.49
C GLU F 46 0.52 -25.49 -38.35
N TRP F 47 -0.12 -26.67 -38.27
CA TRP F 47 0.56 -27.98 -38.14
C TRP F 47 1.35 -28.32 -39.42
N MET F 48 2.58 -28.83 -39.25
CA MET F 48 3.45 -29.12 -40.38
C MET F 48 3.61 -30.58 -40.73
N GLY F 49 3.88 -31.39 -39.73
CA GLY F 49 4.10 -32.80 -39.93
C GLY F 49 4.38 -33.52 -38.65
N ARG F 50 4.89 -34.75 -38.79
CA ARG F 50 5.23 -35.70 -37.73
C ARG F 50 6.25 -36.71 -38.22
N ILE F 51 7.28 -36.92 -37.41
CA ILE F 51 8.32 -37.91 -37.62
C ILE F 51 8.47 -38.80 -36.40
N ASP F 52 8.06 -40.04 -36.56
CA ASP F 52 8.29 -41.01 -35.50
C ASP F 52 9.74 -41.43 -35.72
N PRO F 53 10.59 -41.25 -34.69
CA PRO F 53 12.01 -41.53 -34.85
C PRO F 53 12.33 -43.00 -35.06
N GLU F 54 11.63 -43.91 -34.33
CA GLU F 54 11.83 -45.36 -34.40
C GLU F 54 12.23 -45.78 -35.80
N ASP F 55 11.39 -45.47 -36.81
CA ASP F 55 11.71 -45.78 -38.20
C ASP F 55 11.20 -44.82 -39.24
N GLY F 56 11.82 -43.65 -39.29
CA GLY F 56 11.60 -42.54 -40.23
C GLY F 56 10.22 -42.18 -40.73
N GLY F 57 9.18 -42.91 -40.30
CA GLY F 57 7.79 -42.72 -40.71
C GLY F 57 7.31 -41.29 -40.70
N THR F 58 7.38 -40.63 -41.86
CA THR F 58 7.01 -39.21 -41.93
C THR F 58 5.66 -38.96 -42.59
N LYS F 59 4.95 -37.94 -42.08
CA LYS F 59 3.70 -37.42 -42.65
C LYS F 59 3.85 -35.92 -42.65
N TYR F 60 4.00 -35.32 -43.83
CA TYR F 60 4.10 -33.88 -43.99
C TYR F 60 2.68 -33.37 -44.16
N ALA F 61 2.41 -32.08 -43.87
CA ALA F 61 1.07 -31.53 -44.04
C ALA F 61 0.85 -31.30 -45.53
N GLN F 62 -0.13 -30.49 -45.89
CA GLN F 62 -0.40 -30.23 -47.30
C GLN F 62 0.23 -28.95 -47.82
N LYS F 63 0.44 -27.99 -46.93
CA LYS F 63 1.02 -26.70 -47.26
C LYS F 63 2.54 -26.76 -47.25
N PHE F 64 3.13 -27.94 -47.05
CA PHE F 64 4.59 -28.07 -46.95
C PHE F 64 5.23 -29.15 -47.79
N GLN F 65 4.43 -30.00 -48.48
CA GLN F 65 5.04 -31.03 -49.31
C GLN F 65 5.87 -30.44 -50.44
N GLY F 66 7.09 -30.97 -50.53
CA GLY F 66 8.10 -30.51 -51.47
C GLY F 66 8.97 -29.41 -50.88
N ARG F 67 8.50 -28.75 -49.79
CA ARG F 67 9.20 -27.66 -49.12
C ARG F 67 9.93 -28.06 -47.85
N VAL F 68 9.39 -29.00 -47.11
CA VAL F 68 9.97 -29.45 -45.86
C VAL F 68 10.49 -30.90 -45.92
N THR F 69 11.38 -31.26 -44.97
CA THR F 69 12.02 -32.57 -44.81
C THR F 69 12.23 -32.84 -43.33
N PHE F 70 11.88 -34.06 -42.93
CA PHE F 70 12.00 -34.51 -41.57
C PHE F 70 13.08 -35.58 -41.47
N THR F 71 13.98 -35.39 -40.50
CA THR F 71 15.05 -36.34 -40.20
C THR F 71 15.09 -36.49 -38.68
N ALA F 72 15.72 -37.57 -38.22
CA ALA F 72 15.89 -37.89 -36.80
C ALA F 72 17.08 -38.78 -36.62
N ASP F 73 17.86 -38.55 -35.55
CA ASP F 73 19.03 -39.37 -35.25
C ASP F 73 18.88 -40.04 -33.92
N THR F 74 18.69 -41.35 -33.95
CA THR F 74 18.51 -42.19 -32.76
C THR F 74 19.76 -42.25 -31.86
N SER F 75 20.95 -42.00 -32.46
CA SER F 75 22.24 -41.98 -31.79
C SER F 75 22.40 -40.79 -30.85
N THR F 76 22.30 -39.56 -31.39
CA THR F 76 22.43 -38.29 -30.63
C THR F 76 21.17 -37.86 -29.85
N SER F 77 20.03 -38.61 -30.00
CA SER F 77 18.70 -38.33 -29.44
C SER F 77 18.18 -36.99 -29.96
N THR F 78 18.24 -36.78 -31.30
CA THR F 78 17.90 -35.52 -31.99
C THR F 78 16.95 -35.67 -33.20
N ALA F 79 16.11 -34.65 -33.45
CA ALA F 79 15.16 -34.58 -34.57
C ALA F 79 15.33 -33.26 -35.30
N TYR F 80 15.21 -33.28 -36.64
CA TYR F 80 15.46 -32.12 -37.49
C TYR F 80 14.33 -31.75 -38.46
N VAL F 81 14.32 -30.48 -38.90
CA VAL F 81 13.41 -29.88 -39.88
C VAL F 81 14.22 -29.05 -40.87
N GLU F 82 14.08 -29.35 -42.16
CA GLU F 82 14.77 -28.60 -43.20
C GLU F 82 13.80 -27.95 -44.20
N LEU F 83 13.62 -26.63 -44.10
CA LEU F 83 12.70 -25.92 -44.99
C LEU F 83 13.49 -25.29 -46.14
N ASN F 84 13.03 -25.55 -47.36
CA ASN F 84 13.63 -25.12 -48.63
C ASN F 84 12.85 -23.97 -49.27
N SER F 85 13.48 -23.28 -50.26
CA SER F 85 12.91 -22.13 -51.02
C SER F 85 12.27 -21.13 -50.06
N LEU F 86 13.04 -20.71 -49.03
CA LEU F 86 12.57 -19.80 -47.98
C LEU F 86 11.99 -18.53 -48.53
N ARG F 87 10.73 -18.27 -48.24
CA ARG F 87 10.16 -17.02 -48.69
C ARG F 87 10.10 -16.06 -47.53
N SER F 88 9.35 -14.97 -47.64
CA SER F 88 9.28 -13.97 -46.58
C SER F 88 8.25 -14.36 -45.56
N GLU F 89 7.22 -15.07 -46.02
CA GLU F 89 6.11 -15.50 -45.19
C GLU F 89 6.47 -16.74 -44.39
N ASP F 90 7.74 -17.18 -44.44
CA ASP F 90 8.16 -18.37 -43.69
C ASP F 90 8.88 -18.00 -42.37
N THR F 91 8.73 -16.73 -41.97
CA THR F 91 9.33 -16.15 -40.77
C THR F 91 8.41 -16.37 -39.58
N ALA F 92 8.78 -17.29 -38.65
CA ALA F 92 7.97 -17.61 -37.47
C ALA F 92 8.71 -18.42 -36.38
N VAL F 93 7.95 -18.84 -35.34
CA VAL F 93 8.44 -19.67 -34.23
C VAL F 93 8.29 -21.10 -34.71
N TYR F 94 9.29 -21.94 -34.44
CA TYR F 94 9.21 -23.34 -34.86
C TYR F 94 9.18 -24.25 -33.67
N TYR F 95 8.07 -24.99 -33.49
CA TYR F 95 7.89 -25.86 -32.33
C TYR F 95 8.08 -27.35 -32.51
N CYS F 96 8.87 -27.89 -31.58
CA CYS F 96 9.23 -29.27 -31.40
C CYS F 96 8.51 -29.74 -30.18
N ALA F 97 7.57 -30.66 -30.35
CA ALA F 97 6.80 -31.23 -29.24
C ALA F 97 6.72 -32.73 -29.35
N ARG F 98 6.64 -33.41 -28.18
CA ARG F 98 6.46 -34.88 -28.09
C ARG F 98 5.00 -35.13 -28.53
N VAL F 99 4.49 -36.34 -28.36
CA VAL F 99 3.13 -36.65 -28.73
C VAL F 99 2.81 -37.99 -28.12
N ASP F 100 1.55 -38.13 -27.73
CA ASP F 100 1.04 -39.35 -27.16
C ASP F 100 0.04 -39.96 -28.09
N ASP F 101 0.14 -41.28 -28.27
CA ASP F 101 -0.73 -42.15 -29.08
C ASP F 101 -2.04 -42.19 -28.29
N TYR F 102 -1.95 -42.54 -27.01
CA TYR F 102 -3.08 -42.48 -26.11
C TYR F 102 -3.18 -40.98 -25.97
N TYR F 103 -4.18 -40.36 -26.66
CA TYR F 103 -4.63 -38.95 -26.75
C TYR F 103 -5.33 -38.69 -28.14
N LEU F 104 -4.65 -38.21 -29.23
CA LEU F 104 -3.24 -37.84 -29.36
C LEU F 104 -2.98 -36.33 -29.30
N GLY F 105 -2.04 -35.96 -28.44
CA GLY F 105 -1.67 -34.57 -28.12
C GLY F 105 -0.34 -34.34 -27.42
N TYR F 106 0.15 -33.09 -27.52
CA TYR F 106 1.46 -32.60 -27.06
C TYR F 106 1.61 -32.25 -25.59
N ASP F 107 2.39 -33.07 -24.89
CA ASP F 107 2.64 -32.97 -23.44
C ASP F 107 3.86 -32.16 -23.08
N TYR F 108 4.97 -32.34 -23.83
CA TYR F 108 6.22 -31.62 -23.62
C TYR F 108 6.63 -30.88 -24.89
N TRP F 109 6.82 -29.56 -24.76
CA TRP F 109 7.15 -28.66 -25.87
C TRP F 109 8.61 -28.13 -25.88
N GLY F 110 8.94 -27.33 -26.92
CA GLY F 110 10.23 -26.70 -27.15
C GLY F 110 10.23 -25.18 -27.27
N GLN F 111 11.17 -24.63 -28.07
CA GLN F 111 11.41 -23.19 -28.24
C GLN F 111 11.03 -22.48 -29.60
N GLY F 112 11.96 -22.34 -30.57
CA GLY F 112 11.67 -21.67 -31.84
C GLY F 112 12.66 -21.83 -32.99
N THR F 113 13.06 -20.76 -33.71
CA THR F 113 12.69 -19.32 -33.57
C THR F 113 13.02 -18.40 -34.79
N GLN F 114 13.43 -19.00 -35.92
CA GLN F 114 13.81 -18.43 -37.23
C GLN F 114 13.27 -17.06 -37.70
N VAL F 115 13.98 -16.45 -38.72
CA VAL F 115 13.75 -15.20 -39.49
C VAL F 115 14.30 -15.28 -40.91
N THR F 116 13.48 -15.20 -41.91
CA THR F 116 13.97 -15.15 -43.31
C THR F 116 13.81 -13.77 -43.80
N VAL F 117 14.85 -13.08 -44.16
CA VAL F 117 14.74 -11.70 -44.69
C VAL F 117 15.82 -11.38 -45.72
N SER F 118 15.47 -10.49 -46.68
CA SER F 118 16.24 -9.86 -47.80
C SER F 118 17.72 -9.59 -47.40
N SER F 119 18.36 -8.58 -48.00
CA SER F 119 19.75 -8.14 -47.72
C SER F 119 19.99 -8.28 -46.24
N ALA F 120 18.97 -7.92 -45.35
CA ALA F 120 18.92 -8.05 -43.89
C ALA F 120 19.98 -8.94 -43.37
N SER F 121 20.90 -8.27 -42.74
CA SER F 121 22.02 -8.82 -42.07
C SER F 121 21.91 -8.47 -40.61
N THR F 122 22.63 -9.19 -39.80
CA THR F 122 22.66 -8.94 -38.37
C THR F 122 23.33 -7.60 -38.09
N LYS F 123 22.72 -6.86 -37.18
CA LYS F 123 23.25 -5.58 -36.71
C LYS F 123 22.92 -5.32 -35.27
N GLY F 124 23.93 -4.79 -34.59
CA GLY F 124 23.88 -4.51 -33.15
C GLY F 124 23.08 -3.29 -32.81
N PRO F 125 22.35 -3.29 -31.69
CA PRO F 125 21.54 -2.11 -31.36
C PRO F 125 22.35 -0.93 -30.88
N SER F 126 21.64 0.13 -30.51
CA SER F 126 22.17 1.36 -29.93
C SER F 126 21.43 1.50 -28.59
N VAL F 127 22.20 1.57 -27.49
CA VAL F 127 21.62 1.68 -26.13
C VAL F 127 21.74 3.12 -25.63
N PHE F 128 20.59 3.75 -25.36
CA PHE F 128 20.49 5.12 -24.88
C PHE F 128 19.78 5.18 -23.54
N PRO F 129 20.24 6.03 -22.59
CA PRO F 129 19.52 6.14 -21.31
C PRO F 129 18.22 6.96 -21.43
N LEU F 130 17.28 6.66 -20.53
CA LEU F 130 15.99 7.33 -20.38
C LEU F 130 16.09 7.87 -18.97
N ALA F 131 16.59 9.10 -18.89
CA ALA F 131 16.93 9.79 -17.65
C ALA F 131 15.75 10.21 -16.77
N PRO F 132 15.87 10.00 -15.44
CA PRO F 132 14.82 10.48 -14.53
C PRO F 132 14.97 11.98 -14.25
N SER F 133 13.86 12.69 -13.95
CA SER F 133 13.89 14.14 -13.68
C SER F 133 12.92 14.60 -12.59
N GLY F 140 7.04 10.65 -4.90
CA GLY F 140 8.35 10.20 -4.45
C GLY F 140 8.84 8.93 -5.11
N THR F 141 8.43 8.71 -6.38
CA THR F 141 8.78 7.56 -7.21
C THR F 141 9.17 8.05 -8.59
N ALA F 142 10.43 7.79 -8.97
CA ALA F 142 11.00 8.17 -10.25
C ALA F 142 11.05 6.98 -11.20
N ALA F 143 10.97 7.26 -12.51
CA ALA F 143 11.05 6.23 -13.53
C ALA F 143 12.23 6.47 -14.47
N LEU F 144 13.11 5.49 -14.59
CA LEU F 144 14.29 5.54 -15.46
C LEU F 144 14.30 4.30 -16.34
N GLY F 145 14.96 4.38 -17.49
CA GLY F 145 15.02 3.27 -18.43
C GLY F 145 16.12 3.27 -19.47
N CYS F 146 16.01 2.32 -20.41
CA CYS F 146 16.95 2.13 -21.52
C CYS F 146 16.22 2.02 -22.82
N LEU F 147 16.77 2.66 -23.85
CA LEU F 147 16.20 2.59 -25.19
C LEU F 147 17.15 1.75 -26.04
N VAL F 148 16.70 0.56 -26.46
CA VAL F 148 17.46 -0.36 -27.30
C VAL F 148 16.95 -0.18 -28.75
N LYS F 149 17.54 0.82 -29.43
CA LYS F 149 17.14 1.25 -30.76
C LYS F 149 17.93 0.65 -31.88
N ASP F 150 17.22 0.44 -33.02
CA ASP F 150 17.70 -0.06 -34.29
C ASP F 150 18.58 -1.30 -34.15
N TYR F 151 17.95 -2.47 -34.10
CA TYR F 151 18.67 -3.75 -34.01
C TYR F 151 18.01 -4.76 -34.92
N PHE F 152 18.77 -5.79 -35.33
CA PHE F 152 18.28 -6.88 -36.16
C PHE F 152 19.16 -8.12 -36.07
N PRO F 153 18.59 -9.31 -35.86
CA PRO F 153 17.16 -9.63 -35.68
C PRO F 153 16.76 -9.74 -34.20
N GLU F 154 15.48 -10.06 -33.97
CA GLU F 154 14.95 -10.27 -32.63
C GLU F 154 15.49 -11.62 -32.09
N PRO F 155 15.78 -11.76 -30.78
CA PRO F 155 15.51 -10.84 -29.66
C PRO F 155 16.72 -10.18 -29.00
N VAL F 156 16.45 -9.33 -27.99
CA VAL F 156 17.43 -8.69 -27.11
C VAL F 156 17.00 -9.00 -25.67
N THR F 157 17.97 -9.22 -24.79
CA THR F 157 17.65 -9.48 -23.38
C THR F 157 18.17 -8.34 -22.55
N VAL F 158 17.25 -7.68 -21.84
CA VAL F 158 17.57 -6.54 -20.99
C VAL F 158 17.39 -6.89 -19.52
N SER F 159 18.43 -6.71 -18.72
CA SER F 159 18.38 -6.91 -17.28
C SER F 159 18.74 -5.57 -16.61
N TRP F 160 18.69 -5.51 -15.27
CA TRP F 160 19.08 -4.32 -14.52
C TRP F 160 19.93 -4.69 -13.33
N ASN F 161 21.06 -3.96 -13.16
CA ASN F 161 22.07 -4.14 -12.11
C ASN F 161 22.57 -5.59 -12.01
N SER F 162 22.78 -6.21 -13.19
CA SER F 162 23.22 -7.60 -13.39
C SER F 162 22.20 -8.60 -12.85
N GLY F 163 20.92 -8.26 -12.99
CA GLY F 163 19.79 -9.07 -12.56
C GLY F 163 19.32 -8.85 -11.14
N ALA F 164 20.10 -8.11 -10.32
CA ALA F 164 19.80 -7.79 -8.91
C ALA F 164 18.53 -6.96 -8.74
N LEU F 165 18.21 -6.12 -9.76
CA LEU F 165 17.00 -5.28 -9.78
C LEU F 165 15.95 -5.98 -10.64
N THR F 166 14.81 -6.36 -10.02
CA THR F 166 13.71 -7.05 -10.69
C THR F 166 12.35 -6.38 -10.46
N SER F 167 12.16 -5.77 -9.26
CA SER F 167 10.90 -5.11 -8.88
C SER F 167 10.62 -3.86 -9.69
N GLY F 168 9.44 -3.82 -10.29
CA GLY F 168 8.99 -2.70 -11.11
C GLY F 168 9.61 -2.58 -12.50
N VAL F 169 10.32 -3.63 -12.96
CA VAL F 169 10.96 -3.64 -14.28
C VAL F 169 9.94 -4.01 -15.36
N HIS F 170 9.88 -3.19 -16.43
CA HIS F 170 8.98 -3.42 -17.55
C HIS F 170 9.71 -3.38 -18.88
N THR F 171 10.02 -4.57 -19.45
CA THR F 171 10.69 -4.64 -20.74
C THR F 171 9.58 -4.79 -21.77
N PHE F 172 9.39 -3.75 -22.57
CA PHE F 172 8.33 -3.67 -23.56
C PHE F 172 8.50 -4.63 -24.73
N PRO F 173 7.39 -5.08 -25.38
CA PRO F 173 7.52 -5.90 -26.60
C PRO F 173 8.11 -5.07 -27.73
N ALA F 174 9.12 -5.60 -28.43
CA ALA F 174 9.79 -4.91 -29.51
C ALA F 174 8.86 -4.57 -30.67
N VAL F 175 9.11 -3.44 -31.30
CA VAL F 175 8.32 -2.98 -32.44
C VAL F 175 9.20 -2.88 -33.68
N LEU F 176 8.68 -3.32 -34.83
CA LEU F 176 9.43 -3.25 -36.08
C LEU F 176 9.15 -1.88 -36.67
N GLN F 177 10.24 -1.13 -36.98
CA GLN F 177 10.16 0.22 -37.54
C GLN F 177 10.03 0.13 -39.06
N SER F 178 9.65 1.24 -39.73
CA SER F 178 9.53 1.32 -41.20
C SER F 178 10.89 0.98 -41.91
N SER F 179 12.00 1.27 -41.21
CA SER F 179 13.39 1.02 -41.54
C SER F 179 13.74 -0.46 -41.60
N GLY F 180 12.87 -1.30 -41.04
CA GLY F 180 13.08 -2.73 -41.00
C GLY F 180 13.89 -3.16 -39.79
N LEU F 181 14.18 -2.21 -38.90
CA LEU F 181 14.94 -2.48 -37.70
C LEU F 181 14.00 -2.55 -36.55
N TYR F 182 14.42 -3.26 -35.49
CA TYR F 182 13.61 -3.43 -34.31
C TYR F 182 13.95 -2.45 -33.22
N SER F 183 12.92 -1.93 -32.52
CA SER F 183 13.11 -1.01 -31.41
C SER F 183 12.44 -1.55 -30.18
N LEU F 184 13.05 -1.32 -29.01
CA LEU F 184 12.60 -1.80 -27.71
C LEU F 184 12.98 -0.78 -26.66
N SER F 185 12.28 -0.80 -25.53
CA SER F 185 12.54 0.07 -24.38
C SER F 185 12.22 -0.66 -23.09
N SER F 186 13.12 -0.54 -22.10
CA SER F 186 12.96 -1.20 -20.79
C SER F 186 13.02 -0.18 -19.68
N VAL F 187 12.00 -0.16 -18.80
CA VAL F 187 11.89 0.80 -17.69
C VAL F 187 11.83 0.15 -16.31
N VAL F 188 11.95 0.97 -15.25
CA VAL F 188 11.89 0.58 -13.85
C VAL F 188 11.57 1.78 -12.94
N THR F 189 10.50 1.66 -12.14
CA THR F 189 10.11 2.66 -11.16
C THR F 189 10.91 2.42 -9.88
N VAL F 190 11.63 3.46 -9.42
CA VAL F 190 12.45 3.41 -8.22
C VAL F 190 12.06 4.55 -7.25
N PRO F 191 12.39 4.51 -5.93
CA PRO F 191 12.08 5.69 -5.09
C PRO F 191 13.00 6.86 -5.44
N SER F 192 12.51 8.10 -5.30
CA SER F 192 13.29 9.31 -5.61
C SER F 192 14.51 9.45 -4.69
N SER F 193 14.39 8.93 -3.45
CA SER F 193 15.42 8.93 -2.41
C SER F 193 16.70 8.18 -2.79
N SER F 194 16.58 7.06 -3.53
CA SER F 194 17.70 6.24 -3.94
C SER F 194 18.52 6.77 -5.14
N LEU F 195 18.05 7.86 -5.80
CA LEU F 195 18.75 8.44 -6.96
C LEU F 195 20.19 8.89 -6.69
N GLY F 196 20.44 9.48 -5.52
CA GLY F 196 21.75 9.92 -5.08
C GLY F 196 22.64 8.77 -4.66
N THR F 197 22.03 7.79 -3.95
CA THR F 197 22.69 6.59 -3.41
C THR F 197 23.01 5.53 -4.49
N GLN F 198 21.96 4.81 -4.94
CA GLN F 198 22.01 3.71 -5.89
C GLN F 198 22.45 4.10 -7.30
N THR F 199 23.13 3.14 -7.97
CA THR F 199 23.62 3.20 -9.34
C THR F 199 22.74 2.27 -10.17
N TYR F 200 22.19 2.78 -11.29
CA TYR F 200 21.32 1.98 -12.16
C TYR F 200 21.94 1.75 -13.53
N ILE F 201 22.24 0.47 -13.85
CA ILE F 201 22.90 0.06 -15.10
C ILE F 201 22.10 -1.04 -15.80
N CYS F 202 21.58 -0.77 -17.01
CA CYS F 202 20.87 -1.81 -17.77
C CYS F 202 21.88 -2.70 -18.55
N ASN F 203 21.71 -4.02 -18.47
CA ASN F 203 22.59 -4.93 -19.18
C ASN F 203 21.89 -5.46 -20.44
N VAL F 204 22.32 -4.98 -21.61
CA VAL F 204 21.73 -5.32 -22.90
C VAL F 204 22.57 -6.40 -23.60
N ASN F 205 21.91 -7.47 -24.08
CA ASN F 205 22.53 -8.57 -24.81
C ASN F 205 21.83 -8.86 -26.12
N HIS F 206 22.62 -8.91 -27.19
CA HIS F 206 22.18 -9.25 -28.54
C HIS F 206 23.20 -10.24 -29.02
N LYS F 207 22.86 -11.53 -28.92
CA LYS F 207 23.71 -12.63 -29.32
C LYS F 207 23.97 -12.68 -30.83
N PRO F 208 22.98 -12.40 -31.74
CA PRO F 208 23.27 -12.47 -33.19
C PRO F 208 24.47 -11.65 -33.70
N SER F 209 24.64 -10.44 -33.15
CA SER F 209 25.73 -9.54 -33.50
C SER F 209 26.85 -9.60 -32.45
N ASN F 210 26.67 -10.45 -31.40
CA ASN F 210 27.57 -10.62 -30.26
C ASN F 210 27.86 -9.25 -29.62
N THR F 211 26.78 -8.60 -29.14
CA THR F 211 26.78 -7.28 -28.52
C THR F 211 26.40 -7.38 -27.05
N LYS F 212 27.21 -6.76 -26.18
CA LYS F 212 27.03 -6.76 -24.73
C LYS F 212 27.31 -5.34 -24.21
N VAL F 213 26.24 -4.59 -23.89
CA VAL F 213 26.32 -3.20 -23.43
C VAL F 213 25.80 -3.03 -22.03
N ASP F 214 26.48 -2.19 -21.23
CA ASP F 214 26.08 -1.82 -19.88
C ASP F 214 26.04 -0.31 -19.82
N LYS F 215 24.83 0.26 -20.02
CA LYS F 215 24.61 1.71 -19.99
C LYS F 215 24.18 2.13 -18.59
N LYS F 216 24.90 3.12 -18.04
CA LYS F 216 24.60 3.65 -16.71
C LYS F 216 23.64 4.82 -16.85
N VAL F 217 22.42 4.68 -16.30
CA VAL F 217 21.38 5.69 -16.36
C VAL F 217 21.57 6.69 -15.21
N GLU F 218 21.92 7.95 -15.57
CA GLU F 218 22.19 9.09 -14.67
C GLU F 218 21.03 10.10 -14.73
N PRO F 219 20.77 10.87 -13.63
CA PRO F 219 19.66 11.83 -13.64
C PRO F 219 19.83 13.05 -14.58
N GLU G 1 16.21 15.00 6.03
CA GLU G 1 16.38 16.04 7.04
C GLU G 1 17.68 16.82 6.75
N VAL G 2 18.74 16.53 7.51
CA VAL G 2 20.08 17.10 7.46
C VAL G 2 20.94 16.13 6.65
N GLN G 3 21.74 16.63 5.70
CA GLN G 3 22.56 15.73 4.88
C GLN G 3 24.01 16.16 4.68
N LEU G 4 24.95 15.26 5.01
CA LEU G 4 26.36 15.49 4.79
C LEU G 4 26.69 14.66 3.55
N VAL G 5 26.62 15.29 2.38
CA VAL G 5 26.86 14.63 1.09
C VAL G 5 28.33 14.66 0.69
N GLN G 6 28.97 13.48 0.62
CA GLN G 6 30.39 13.32 0.24
C GLN G 6 30.61 12.31 -0.94
N PRO G 7 31.74 12.35 -1.71
CA PRO G 7 31.83 11.49 -2.92
C PRO G 7 32.07 9.98 -2.80
N GLY G 8 31.73 9.30 -3.90
CA GLY G 8 31.86 7.86 -4.11
C GLY G 8 33.25 7.31 -3.84
N VAL G 9 34.25 7.62 -4.73
CA VAL G 9 35.65 7.19 -4.65
C VAL G 9 36.56 8.01 -5.53
N GLU G 10 37.81 8.07 -5.13
CA GLU G 10 38.85 8.66 -5.92
C GLU G 10 39.99 7.64 -5.85
N LEU G 11 40.72 7.46 -6.98
CA LEU G 11 41.87 6.58 -7.06
C LEU G 11 43.11 7.39 -7.27
N ARG G 12 44.09 7.18 -6.39
CA ARG G 12 45.37 7.84 -6.47
C ARG G 12 46.48 6.77 -6.41
N ASN G 13 47.67 7.15 -6.89
CA ASN G 13 48.89 6.32 -6.88
C ASN G 13 49.71 6.76 -5.66
N PRO G 14 50.62 5.92 -5.06
CA PRO G 14 51.37 6.38 -3.88
C PRO G 14 52.17 7.68 -4.09
N GLY G 15 52.17 8.54 -3.08
CA GLY G 15 52.86 9.83 -3.13
C GLY G 15 52.02 10.99 -3.62
N ALA G 16 50.81 10.72 -4.17
CA ALA G 16 49.89 11.74 -4.68
C ALA G 16 49.07 12.40 -3.55
N SER G 17 48.13 13.29 -3.94
CA SER G 17 47.24 14.02 -3.04
C SER G 17 45.79 13.90 -3.47
N VAL G 18 44.89 13.85 -2.46
CA VAL G 18 43.44 13.67 -2.61
C VAL G 18 42.65 14.70 -1.81
N LYS G 19 41.67 15.37 -2.45
CA LYS G 19 40.80 16.32 -1.75
C LYS G 19 39.38 15.78 -1.63
N VAL G 20 39.00 15.35 -0.41
CA VAL G 20 37.69 14.77 -0.13
C VAL G 20 36.78 15.86 0.39
N SER G 21 35.69 16.10 -0.36
CA SER G 21 34.67 17.11 -0.07
C SER G 21 33.47 16.54 0.72
N CYS G 22 32.59 17.42 1.28
CA CYS G 22 31.40 17.02 2.07
C CYS G 22 30.38 18.19 2.21
N LYS G 23 29.40 18.27 1.29
CA LYS G 23 28.40 19.35 1.23
C LYS G 23 27.23 19.27 2.24
N ALA G 24 27.14 20.31 3.12
CA ALA G 24 26.09 20.44 4.13
C ALA G 24 24.75 20.89 3.51
N SER G 25 23.68 20.23 3.93
CA SER G 25 22.30 20.43 3.51
C SER G 25 21.50 20.60 4.80
N GLY G 26 20.17 20.78 4.67
CA GLY G 26 19.23 20.89 5.77
C GLY G 26 19.29 22.12 6.66
N TYR G 27 20.53 22.59 6.95
CA TYR G 27 20.90 23.72 7.78
C TYR G 27 22.06 24.42 7.09
N ILE G 28 22.19 25.74 7.21
CA ILE G 28 23.35 26.39 6.57
C ILE G 28 24.47 26.23 7.62
N PHE G 29 25.49 25.33 7.39
CA PHE G 29 26.54 25.08 8.41
C PHE G 29 26.97 26.30 9.16
N THR G 30 26.79 26.25 10.46
CA THR G 30 26.85 27.44 11.27
C THR G 30 28.04 27.54 12.25
N MET G 31 27.91 27.42 13.63
CA MET G 31 26.91 26.96 14.65
C MET G 31 27.15 25.49 14.91
N ASN G 32 27.88 24.83 14.01
CA ASN G 32 28.19 23.41 14.11
C ASN G 32 29.51 23.01 13.50
N SER G 33 30.37 22.35 14.31
CA SER G 33 31.67 21.85 13.86
C SER G 33 31.47 20.66 12.89
N ILE G 34 32.57 20.05 12.37
CA ILE G 34 32.58 18.90 11.45
C ILE G 34 33.81 18.02 11.79
N ASP G 35 33.68 16.71 11.68
CA ASP G 35 34.78 15.83 11.97
C ASP G 35 35.06 14.83 10.85
N TRP G 36 36.28 14.30 10.84
CA TRP G 36 36.71 13.33 9.85
C TRP G 36 37.23 12.09 10.56
N VAL G 37 36.53 10.99 10.39
CA VAL G 37 36.84 9.69 10.96
C VAL G 37 37.13 8.77 9.79
N ARG G 38 38.12 7.89 9.91
CA ARG G 38 38.41 6.99 8.81
C ARG G 38 38.33 5.53 9.21
N GLN G 39 37.90 4.70 8.26
CA GLN G 39 37.76 3.29 8.51
C GLN G 39 38.54 2.44 7.48
N ALA G 40 39.60 1.70 7.95
CA ALA G 40 40.44 0.80 7.12
C ALA G 40 39.67 -0.51 6.86
N PRO G 41 39.82 -1.19 5.68
CA PRO G 41 39.03 -2.42 5.44
C PRO G 41 39.07 -3.44 6.59
N GLY G 42 37.87 -3.71 7.13
CA GLY G 42 37.67 -4.64 8.24
C GLY G 42 38.09 -4.13 9.61
N GLN G 43 38.90 -3.06 9.61
CA GLN G 43 39.45 -2.41 10.80
C GLN G 43 38.45 -1.41 11.39
N GLY G 44 38.65 -1.06 12.66
CA GLY G 44 37.80 -0.14 13.39
C GLY G 44 37.86 1.31 12.94
N LEU G 45 37.16 2.19 13.71
CA LEU G 45 37.05 3.63 13.47
C LEU G 45 38.14 4.44 14.11
N GLU G 46 38.73 5.34 13.32
CA GLU G 46 39.87 6.12 13.76
C GLU G 46 39.66 7.62 13.52
N TRP G 47 39.73 8.40 14.62
CA TRP G 47 39.55 9.87 14.62
C TRP G 47 40.76 10.62 14.06
N MET G 48 40.54 11.43 13.01
CA MET G 48 41.60 12.19 12.33
C MET G 48 41.74 13.60 12.86
N GLY G 49 40.61 14.20 13.21
CA GLY G 49 40.58 15.56 13.74
C GLY G 49 39.38 16.42 13.44
N ARG G 50 39.19 17.43 14.30
CA ARG G 50 38.10 18.41 14.21
C ARG G 50 38.41 19.67 13.44
N ILE G 51 37.33 20.25 12.90
CA ILE G 51 37.26 21.45 12.07
C ILE G 51 35.97 22.29 12.39
N ASP G 52 36.15 23.54 12.83
CA ASP G 52 35.04 24.48 13.12
C ASP G 52 34.89 25.44 11.90
N PRO G 53 33.79 25.34 11.10
CA PRO G 53 33.64 26.19 9.90
C PRO G 53 33.41 27.67 10.15
N GLU G 54 32.87 28.04 11.34
CA GLU G 54 32.62 29.44 11.71
C GLU G 54 33.91 30.24 11.45
N ASP G 55 34.99 29.94 12.21
CA ASP G 55 36.30 30.57 11.99
C ASP G 55 37.47 29.58 11.97
N GLY G 56 37.53 28.85 10.85
CA GLY G 56 38.49 27.82 10.44
C GLY G 56 39.45 27.18 11.43
N GLY G 57 39.04 27.03 12.69
CA GLY G 57 39.78 26.44 13.79
C GLY G 57 39.89 24.93 13.63
N THR G 58 41.12 24.43 13.65
CA THR G 58 41.39 23.01 13.42
C THR G 58 42.15 22.35 14.55
N LYS G 59 41.91 21.05 14.76
CA LYS G 59 42.67 20.21 15.70
C LYS G 59 42.91 18.91 14.98
N TYR G 60 44.15 18.67 14.56
CA TYR G 60 44.50 17.45 13.88
C TYR G 60 44.95 16.48 14.97
N ALA G 61 44.69 15.17 14.79
CA ALA G 61 45.18 14.16 15.71
C ALA G 61 46.68 13.99 15.41
N GLN G 62 47.55 14.05 16.47
CA GLN G 62 49.02 13.98 16.40
C GLN G 62 49.61 13.15 15.24
N LYS G 63 49.05 11.95 14.98
CA LYS G 63 49.48 11.05 13.91
C LYS G 63 49.16 11.49 12.47
N PHE G 64 48.11 12.30 12.28
CA PHE G 64 47.72 12.83 10.97
C PHE G 64 48.21 14.26 10.76
N GLN G 65 48.65 14.88 11.86
CA GLN G 65 49.18 16.23 11.84
C GLN G 65 50.40 16.27 10.92
N GLY G 66 50.31 17.13 9.92
CA GLY G 66 51.34 17.32 8.91
C GLY G 66 51.03 16.68 7.58
N ARG G 67 50.21 15.61 7.58
CA ARG G 67 49.83 14.91 6.35
C ARG G 67 48.45 15.28 5.84
N VAL G 68 47.51 15.55 6.75
CA VAL G 68 46.15 15.92 6.41
C VAL G 68 45.96 17.44 6.61
N THR G 69 45.05 18.05 5.83
CA THR G 69 44.78 19.51 5.86
C THR G 69 43.27 19.74 5.85
N PHE G 70 42.70 20.29 6.93
CA PHE G 70 41.25 20.54 6.92
C PHE G 70 40.98 21.97 6.54
N THR G 71 40.12 22.14 5.53
CA THR G 71 39.63 23.43 5.04
C THR G 71 38.12 23.39 5.05
N ALA G 72 37.49 24.56 4.98
CA ALA G 72 36.05 24.72 4.94
C ALA G 72 35.69 26.03 4.25
N ASP G 73 34.61 26.00 3.44
CA ASP G 73 34.13 27.20 2.77
C ASP G 73 32.72 27.49 3.24
N THR G 74 32.57 28.59 3.99
CA THR G 74 31.29 29.05 4.55
C THR G 74 30.25 29.40 3.48
N SER G 75 30.73 29.77 2.28
CA SER G 75 29.90 30.14 1.14
C SER G 75 29.17 28.94 0.54
N THR G 76 29.91 27.90 0.08
CA THR G 76 29.38 26.68 -0.54
C THR G 76 28.86 25.60 0.45
N SER G 77 29.02 25.84 1.78
CA SER G 77 28.68 24.94 2.90
C SER G 77 29.41 23.60 2.74
N THR G 78 30.73 23.64 2.41
CA THR G 78 31.52 22.41 2.18
C THR G 78 32.83 22.37 2.97
N ALA G 79 33.08 21.24 3.63
CA ALA G 79 34.30 20.97 4.37
C ALA G 79 35.18 20.09 3.49
N TYR G 80 36.51 20.27 3.60
CA TYR G 80 37.45 19.52 2.78
C TYR G 80 38.54 18.85 3.59
N VAL G 81 39.05 17.74 3.03
CA VAL G 81 40.14 16.94 3.57
C VAL G 81 41.16 16.79 2.44
N GLU G 82 42.42 17.07 2.76
CA GLU G 82 43.50 16.97 1.80
C GLU G 82 44.57 16.14 2.44
N LEU G 83 44.83 14.96 1.88
CA LEU G 83 45.86 14.08 2.40
C LEU G 83 47.03 14.02 1.41
N ASN G 84 48.25 14.26 1.93
CA ASN G 84 49.49 14.32 1.16
C ASN G 84 50.33 13.04 1.34
N SER G 85 51.33 12.82 0.43
CA SER G 85 52.25 11.68 0.46
C SER G 85 51.50 10.37 0.67
N LEU G 86 50.43 10.15 -0.13
CA LEU G 86 49.55 8.98 -0.05
C LEU G 86 50.28 7.66 -0.03
N ARG G 87 49.96 6.84 0.96
CA ARG G 87 50.57 5.52 1.15
C ARG G 87 49.48 4.43 1.02
N SER G 88 49.90 3.16 0.84
CA SER G 88 48.96 2.04 0.73
C SER G 88 48.15 1.85 2.01
N GLU G 89 48.67 2.33 3.16
CA GLU G 89 48.00 2.28 4.46
C GLU G 89 46.80 3.21 4.46
N ASP G 90 46.91 4.34 3.73
CA ASP G 90 45.87 5.37 3.64
C ASP G 90 44.59 4.88 2.93
N THR G 91 44.61 3.66 2.34
CA THR G 91 43.49 3.03 1.64
C THR G 91 42.41 2.73 2.67
N ALA G 92 41.42 3.62 2.77
CA ALA G 92 40.35 3.52 3.74
C ALA G 92 39.07 4.21 3.26
N VAL G 93 38.02 4.13 4.08
CA VAL G 93 36.73 4.79 3.89
C VAL G 93 36.75 6.03 4.77
N TYR G 94 36.64 7.22 4.16
CA TYR G 94 36.72 8.49 4.86
C TYR G 94 35.35 9.09 5.15
N TYR G 95 35.00 9.17 6.45
CA TYR G 95 33.74 9.71 6.94
C TYR G 95 33.81 11.16 7.35
N CYS G 96 32.76 11.88 7.00
CA CYS G 96 32.54 13.29 7.31
C CYS G 96 31.35 13.25 8.29
N ALA G 97 31.60 13.61 9.56
CA ALA G 97 30.57 13.50 10.59
C ALA G 97 30.35 14.76 11.41
N ARG G 98 29.09 15.28 11.43
CA ARG G 98 28.75 16.47 12.22
C ARG G 98 28.88 16.19 13.70
N VAL G 99 29.84 16.91 14.33
CA VAL G 99 30.05 16.86 15.80
C VAL G 99 29.02 17.80 16.34
N ASP G 100 28.54 17.53 17.55
CA ASP G 100 27.59 18.45 18.12
C ASP G 100 27.71 18.76 19.61
N ASP G 101 27.67 20.08 19.91
CA ASP G 101 27.87 20.73 21.19
C ASP G 101 26.79 20.58 22.26
N TYR G 102 26.64 19.37 22.76
CA TYR G 102 25.75 18.97 23.84
C TYR G 102 26.44 17.69 24.29
N TYR G 103 26.05 16.54 23.71
CA TYR G 103 26.68 15.25 23.85
C TYR G 103 27.65 15.30 22.67
N LEU G 104 28.94 15.49 22.92
CA LEU G 104 29.91 15.63 21.82
C LEU G 104 29.99 14.32 21.00
N GLY G 105 28.98 14.12 20.14
CA GLY G 105 28.83 12.96 19.29
C GLY G 105 28.37 13.25 17.89
N TYR G 106 28.40 12.23 17.00
CA TYR G 106 28.03 12.36 15.60
C TYR G 106 26.65 11.79 15.27
N ASP G 107 25.66 12.70 15.30
CA ASP G 107 24.24 12.47 15.03
C ASP G 107 23.98 12.33 13.53
N TYR G 108 24.77 13.05 12.68
CA TYR G 108 24.68 12.98 11.23
C TYR G 108 26.04 12.73 10.58
N TRP G 109 26.14 11.63 9.83
CA TRP G 109 27.33 11.15 9.15
C TRP G 109 27.25 11.30 7.62
N GLY G 110 28.37 11.08 6.97
CA GLY G 110 28.48 11.13 5.52
C GLY G 110 28.35 9.74 4.91
N GLN G 111 28.06 9.67 3.59
CA GLN G 111 27.89 8.38 2.90
C GLN G 111 29.18 7.55 2.81
N GLY G 112 30.32 8.25 2.90
CA GLY G 112 31.64 7.65 2.88
C GLY G 112 32.37 7.83 1.57
N THR G 113 33.70 7.80 1.65
CA THR G 113 34.57 7.91 0.51
C THR G 113 35.66 6.90 0.70
N GLN G 114 35.56 5.79 -0.03
CA GLN G 114 36.67 4.84 0.02
C GLN G 114 37.78 5.48 -0.83
N VAL G 115 38.97 5.48 -0.33
CA VAL G 115 40.04 6.03 -1.12
C VAL G 115 40.98 4.89 -1.46
N THR G 116 41.29 4.71 -2.75
CA THR G 116 42.15 3.61 -3.16
C THR G 116 43.54 4.10 -3.62
N VAL G 117 44.58 3.63 -2.90
CA VAL G 117 45.98 3.93 -3.18
C VAL G 117 46.59 2.67 -3.81
N SER G 118 46.57 2.61 -5.15
CA SER G 118 47.11 1.47 -5.89
C SER G 118 47.68 1.89 -7.23
N SER G 119 48.82 1.30 -7.57
CA SER G 119 49.57 1.53 -8.80
C SER G 119 48.81 0.97 -10.02
N ALA G 120 47.93 0.05 -9.74
CA ALA G 120 47.31 -0.69 -10.75
C ALA G 120 46.67 0.33 -11.56
N SER G 121 46.23 -0.06 -12.73
CA SER G 121 45.73 0.84 -13.73
C SER G 121 44.44 0.22 -14.05
N THR G 122 43.40 0.96 -13.78
CA THR G 122 42.03 0.55 -13.99
C THR G 122 41.80 -0.40 -15.14
N LYS G 123 42.11 -1.67 -14.83
CA LYS G 123 42.18 -2.84 -15.74
C LYS G 123 41.13 -3.93 -15.41
N GLY G 124 40.91 -4.85 -16.35
CA GLY G 124 39.82 -5.80 -16.25
C GLY G 124 40.11 -7.28 -16.12
N PRO G 125 39.04 -8.11 -15.73
CA PRO G 125 39.47 -9.39 -15.17
C PRO G 125 39.48 -10.65 -16.01
N SER G 126 40.13 -11.69 -15.49
CA SER G 126 40.31 -12.95 -16.21
C SER G 126 39.32 -13.91 -15.54
N VAL G 127 38.39 -14.49 -16.34
CA VAL G 127 37.37 -15.41 -15.82
C VAL G 127 37.75 -16.86 -16.17
N PHE G 128 37.95 -17.68 -15.12
CA PHE G 128 38.33 -19.08 -15.24
C PHE G 128 37.30 -19.99 -14.59
N PRO G 129 36.96 -21.14 -15.21
CA PRO G 129 36.01 -22.05 -14.55
C PRO G 129 36.62 -22.83 -13.40
N LEU G 130 35.76 -23.19 -12.44
CA LEU G 130 36.07 -24.02 -11.27
C LEU G 130 35.19 -25.22 -11.49
N ALA G 131 35.77 -26.21 -12.18
CA ALA G 131 35.11 -27.42 -12.64
C ALA G 131 34.67 -28.42 -11.57
N PRO G 132 33.43 -28.94 -11.70
CA PRO G 132 32.99 -29.98 -10.75
C PRO G 132 33.56 -31.36 -11.13
N SER G 133 33.71 -32.28 -10.14
CA SER G 133 34.23 -33.63 -10.35
C SER G 133 33.63 -34.67 -9.39
N GLY G 140 25.69 -36.56 -3.59
CA GLY G 140 24.92 -36.25 -4.78
C GLY G 140 24.70 -34.77 -5.02
N THR G 141 25.62 -33.93 -4.53
CA THR G 141 25.63 -32.47 -4.67
C THR G 141 27.04 -32.04 -5.09
N ALA G 142 27.12 -31.44 -6.27
CA ALA G 142 28.36 -30.97 -6.84
C ALA G 142 28.48 -29.45 -6.69
N ALA G 143 29.72 -28.97 -6.59
CA ALA G 143 29.98 -27.54 -6.49
C ALA G 143 30.82 -27.07 -7.66
N LEU G 144 30.34 -26.07 -8.40
CA LEU G 144 31.03 -25.47 -9.52
C LEU G 144 31.08 -23.97 -9.33
N GLY G 145 32.07 -23.32 -9.95
CA GLY G 145 32.24 -21.88 -9.80
C GLY G 145 33.06 -21.16 -10.84
N CYS G 146 33.33 -19.89 -10.57
CA CYS G 146 34.09 -18.99 -11.41
C CYS G 146 35.16 -18.29 -10.63
N LEU G 147 36.33 -18.16 -11.23
CA LEU G 147 37.42 -17.44 -10.62
C LEU G 147 37.61 -16.15 -11.41
N VAL G 148 37.32 -15.00 -10.76
CA VAL G 148 37.45 -13.67 -11.37
C VAL G 148 38.77 -13.09 -10.85
N LYS G 149 39.86 -13.43 -11.55
CA LYS G 149 41.22 -13.09 -11.19
C LYS G 149 41.77 -11.85 -11.89
N ASP G 150 42.65 -11.13 -11.17
CA ASP G 150 43.38 -9.95 -11.63
C ASP G 150 42.50 -8.86 -12.27
N TYR G 151 41.86 -8.04 -11.43
CA TYR G 151 41.04 -6.95 -11.89
C TYR G 151 41.23 -5.73 -11.04
N PHE G 152 41.01 -4.53 -11.62
CA PHE G 152 41.07 -3.26 -10.90
C PHE G 152 40.26 -2.18 -11.60
N PRO G 153 39.43 -1.41 -10.87
CA PRO G 153 39.17 -1.46 -9.41
C PRO G 153 37.93 -2.26 -9.05
N GLU G 154 37.61 -2.31 -7.75
CA GLU G 154 36.40 -2.95 -7.24
C GLU G 154 35.18 -2.06 -7.64
N PRO G 155 34.00 -2.64 -7.95
CA PRO G 155 33.60 -4.05 -7.83
C PRO G 155 33.40 -4.80 -9.14
N VAL G 156 33.06 -6.09 -9.03
CA VAL G 156 32.64 -6.97 -10.12
C VAL G 156 31.30 -7.56 -9.71
N THR G 157 30.39 -7.72 -10.67
CA THR G 157 29.09 -8.31 -10.35
C THR G 157 29.01 -9.64 -11.06
N VAL G 158 28.82 -10.71 -10.28
CA VAL G 158 28.73 -12.06 -10.80
C VAL G 158 27.31 -12.60 -10.58
N SER G 159 26.66 -13.01 -11.69
CA SER G 159 25.34 -13.62 -11.70
C SER G 159 25.44 -14.95 -12.43
N TRP G 160 24.52 -15.89 -12.15
CA TRP G 160 24.53 -17.21 -12.78
C TRP G 160 23.29 -17.43 -13.62
N ASN G 161 23.49 -17.96 -14.85
CA ASN G 161 22.47 -18.25 -15.86
C ASN G 161 21.55 -17.04 -16.12
N SER G 162 22.19 -15.84 -16.20
CA SER G 162 21.58 -14.53 -16.41
C SER G 162 20.61 -14.16 -15.27
N GLY G 163 21.00 -14.54 -14.04
CA GLY G 163 20.25 -14.28 -12.82
C GLY G 163 19.21 -15.31 -12.43
N ALA G 164 18.90 -16.26 -13.35
CA ALA G 164 17.93 -17.33 -13.14
C ALA G 164 18.33 -18.30 -12.02
N LEU G 165 19.65 -18.49 -11.81
CA LEU G 165 20.19 -19.32 -10.74
C LEU G 165 20.58 -18.43 -9.56
N THR G 166 19.94 -18.64 -8.40
CA THR G 166 20.19 -17.87 -7.18
C THR G 166 20.43 -18.75 -5.94
N SER G 167 19.80 -19.93 -5.89
CA SER G 167 19.91 -20.84 -4.75
C SER G 167 21.29 -21.45 -4.63
N GLY G 168 21.90 -21.28 -3.46
CA GLY G 168 23.22 -21.82 -3.12
C GLY G 168 24.40 -21.09 -3.72
N VAL G 169 24.16 -19.89 -4.30
CA VAL G 169 25.20 -19.07 -4.91
C VAL G 169 25.96 -18.32 -3.81
N HIS G 170 27.29 -18.39 -3.84
CA HIS G 170 28.14 -17.70 -2.88
C HIS G 170 29.22 -16.90 -3.59
N THR G 171 29.01 -15.57 -3.70
CA THR G 171 30.01 -14.67 -4.30
C THR G 171 30.85 -14.15 -3.13
N PHE G 172 32.09 -14.59 -3.06
CA PHE G 172 33.00 -14.26 -1.98
C PHE G 172 33.45 -12.80 -1.96
N PRO G 173 33.86 -12.27 -0.78
CA PRO G 173 34.36 -10.88 -0.74
C PRO G 173 35.72 -10.83 -1.43
N ALA G 174 35.91 -9.82 -2.31
CA ALA G 174 37.17 -9.67 -3.05
C ALA G 174 38.37 -9.40 -2.14
N VAL G 175 39.52 -9.94 -2.55
CA VAL G 175 40.77 -9.77 -1.80
C VAL G 175 41.81 -9.04 -2.64
N LEU G 176 42.51 -8.09 -2.00
CA LEU G 176 43.54 -7.30 -2.65
C LEU G 176 44.82 -8.09 -2.58
N GLN G 177 45.38 -8.41 -3.74
CA GLN G 177 46.58 -9.22 -3.80
C GLN G 177 47.84 -8.37 -3.64
N SER G 178 48.99 -9.03 -3.71
CA SER G 178 50.35 -8.46 -3.69
C SER G 178 50.54 -7.49 -4.88
N SER G 179 49.87 -7.83 -6.02
CA SER G 179 49.83 -7.13 -7.30
C SER G 179 49.14 -5.79 -7.25
N GLY G 180 48.39 -5.55 -6.19
CA GLY G 180 47.59 -4.34 -6.02
C GLY G 180 46.28 -4.48 -6.79
N LEU G 181 46.04 -5.67 -7.39
CA LEU G 181 44.83 -6.00 -8.14
C LEU G 181 43.95 -6.82 -7.21
N TYR G 182 42.63 -6.85 -7.47
CA TYR G 182 41.70 -7.60 -6.65
C TYR G 182 41.38 -8.95 -7.28
N SER G 183 41.15 -9.98 -6.45
CA SER G 183 40.74 -11.32 -6.86
C SER G 183 39.47 -11.67 -6.15
N LEU G 184 38.62 -12.47 -6.81
CA LEU G 184 37.29 -12.87 -6.33
C LEU G 184 36.96 -14.25 -6.89
N SER G 185 36.03 -14.96 -6.23
CA SER G 185 35.55 -16.28 -6.66
C SER G 185 34.07 -16.43 -6.30
N SER G 186 33.27 -16.96 -7.24
CA SER G 186 31.83 -17.17 -7.04
C SER G 186 31.47 -18.62 -7.30
N VAL G 187 30.82 -19.26 -6.32
CA VAL G 187 30.43 -20.68 -6.38
C VAL G 187 28.93 -20.92 -6.27
N VAL G 188 28.49 -22.18 -6.54
CA VAL G 188 27.10 -22.64 -6.46
C VAL G 188 27.03 -24.16 -6.35
N THR G 189 26.34 -24.66 -5.30
CA THR G 189 26.10 -26.08 -5.10
C THR G 189 24.86 -26.48 -5.88
N VAL G 190 25.00 -27.48 -6.76
CA VAL G 190 23.93 -27.98 -7.62
C VAL G 190 23.80 -29.51 -7.44
N PRO G 191 22.68 -30.18 -7.82
CA PRO G 191 22.65 -31.65 -7.72
C PRO G 191 23.54 -32.27 -8.79
N SER G 192 24.15 -33.45 -8.50
CA SER G 192 25.02 -34.15 -9.45
C SER G 192 24.28 -34.59 -10.70
N SER G 193 22.97 -34.88 -10.56
CA SER G 193 22.04 -35.31 -11.63
C SER G 193 21.89 -34.30 -12.77
N SER G 194 21.88 -32.99 -12.43
CA SER G 194 21.70 -31.92 -13.41
C SER G 194 22.96 -31.56 -14.24
N LEU G 195 24.13 -32.15 -13.92
CA LEU G 195 25.39 -31.86 -14.64
C LEU G 195 25.37 -32.14 -16.14
N GLY G 196 24.73 -33.25 -16.52
CA GLY G 196 24.59 -33.64 -17.93
C GLY G 196 23.54 -32.82 -18.66
N THR G 197 22.42 -32.55 -17.95
CA THR G 197 21.25 -31.80 -18.44
C THR G 197 21.50 -30.29 -18.54
N GLN G 198 21.51 -29.60 -17.38
CA GLN G 198 21.66 -28.15 -17.23
C GLN G 198 23.02 -27.60 -17.67
N THR G 199 22.99 -26.36 -18.17
CA THR G 199 24.13 -25.56 -18.62
C THR G 199 24.35 -24.48 -17.56
N TYR G 200 25.60 -24.36 -17.07
CA TYR G 200 25.93 -23.37 -16.05
C TYR G 200 26.90 -22.35 -16.57
N ILE G 201 26.39 -21.12 -16.68
CA ILE G 201 27.08 -19.94 -17.19
C ILE G 201 27.12 -18.83 -16.13
N CYS G 202 28.34 -18.36 -15.81
CA CYS G 202 28.52 -17.25 -14.88
C CYS G 202 28.75 -15.99 -15.68
N ASN G 203 27.87 -15.01 -15.48
CA ASN G 203 27.88 -13.74 -16.17
C ASN G 203 28.61 -12.71 -15.30
N VAL G 204 29.88 -12.40 -15.69
CA VAL G 204 30.80 -11.47 -15.00
C VAL G 204 30.75 -10.09 -15.66
N ASN G 205 30.59 -9.04 -14.83
CA ASN G 205 30.54 -7.65 -15.27
C ASN G 205 31.51 -6.79 -14.49
N HIS G 206 32.33 -6.03 -15.22
CA HIS G 206 33.27 -5.07 -14.70
C HIS G 206 33.07 -3.84 -15.56
N LYS G 207 32.28 -2.90 -15.04
CA LYS G 207 31.95 -1.65 -15.72
C LYS G 207 33.16 -0.74 -15.90
N PRO G 208 34.12 -0.61 -14.93
CA PRO G 208 35.26 0.31 -15.13
C PRO G 208 36.07 0.09 -16.41
N SER G 209 36.31 -1.17 -16.77
CA SER G 209 37.05 -1.54 -17.98
C SER G 209 36.10 -1.93 -19.11
N ASN G 210 34.77 -1.85 -18.86
CA ASN G 210 33.70 -2.23 -19.79
C ASN G 210 33.90 -3.67 -20.29
N THR G 211 33.91 -4.61 -19.32
CA THR G 211 34.11 -6.04 -19.53
C THR G 211 32.83 -6.82 -19.19
N LYS G 212 32.40 -7.70 -20.11
CA LYS G 212 31.22 -8.55 -19.97
C LYS G 212 31.55 -9.96 -20.48
N VAL G 213 31.79 -10.90 -19.53
CA VAL G 213 32.17 -12.27 -19.83
C VAL G 213 31.10 -13.27 -19.38
N ASP G 214 30.87 -14.30 -20.20
CA ASP G 214 29.95 -15.40 -19.93
C ASP G 214 30.74 -16.70 -20.08
N LYS G 215 31.30 -17.21 -18.97
CA LYS G 215 32.09 -18.43 -18.98
C LYS G 215 31.18 -19.61 -18.67
N LYS G 216 31.18 -20.64 -19.55
CA LYS G 216 30.36 -21.84 -19.38
C LYS G 216 31.17 -22.91 -18.64
N VAL G 217 30.82 -23.17 -17.36
CA VAL G 217 31.49 -24.13 -16.49
C VAL G 217 31.06 -25.56 -16.86
N GLU G 218 32.03 -26.36 -17.38
CA GLU G 218 31.89 -27.76 -17.80
C GLU G 218 32.59 -28.71 -16.83
N PRO G 219 32.14 -29.99 -16.70
CA PRO G 219 32.78 -30.92 -15.75
C PRO G 219 34.22 -31.35 -16.06
N GLU H 1 -18.57 37.72 16.84
CA GLU H 1 -18.42 39.17 16.72
C GLU H 1 -19.81 39.86 16.70
N VAL H 2 -20.25 40.25 15.50
CA VAL H 2 -21.51 40.92 15.17
C VAL H 2 -22.45 39.82 14.65
N GLN H 3 -23.72 39.82 15.09
CA GLN H 3 -24.66 38.80 14.63
C GLN H 3 -26.05 39.35 14.28
N LEU H 4 -26.53 39.04 13.07
CA LEU H 4 -27.87 39.43 12.65
C LEU H 4 -28.73 38.17 12.79
N VAL H 5 -29.37 38.01 13.95
CA VAL H 5 -30.14 36.82 14.25
C VAL H 5 -31.59 36.92 13.80
N GLN H 6 -31.93 36.19 12.74
CA GLN H 6 -33.30 36.12 12.20
C GLN H 6 -33.93 34.74 12.51
N PRO H 7 -35.22 34.69 12.83
CA PRO H 7 -35.84 33.42 13.23
C PRO H 7 -35.84 32.24 12.26
N GLY H 8 -36.41 31.13 12.72
CA GLY H 8 -36.55 29.85 12.03
C GLY H 8 -37.13 29.92 10.62
N VAL H 9 -38.47 29.65 10.51
CA VAL H 9 -39.20 29.59 9.24
C VAL H 9 -40.69 29.67 9.50
N GLU H 10 -41.43 30.42 8.68
CA GLU H 10 -42.89 30.42 8.81
C GLU H 10 -43.57 29.91 7.54
N LEU H 11 -44.78 29.35 7.70
CA LEU H 11 -45.60 28.77 6.64
C LEU H 11 -46.96 29.45 6.63
N ARG H 12 -47.34 29.99 5.47
CA ARG H 12 -48.60 30.71 5.30
C ARG H 12 -49.42 30.19 4.13
N ASN H 13 -50.70 30.56 4.09
CA ASN H 13 -51.62 30.20 3.02
C ASN H 13 -51.65 31.37 2.03
N PRO H 14 -51.98 31.19 0.72
CA PRO H 14 -52.01 32.35 -0.20
C PRO H 14 -52.96 33.48 0.24
N GLY H 15 -52.51 34.72 0.07
CA GLY H 15 -53.27 35.92 0.44
C GLY H 15 -53.03 36.43 1.85
N ALA H 16 -52.29 35.65 2.67
CA ALA H 16 -51.94 36.01 4.05
C ALA H 16 -50.77 37.01 4.15
N SER H 17 -50.26 37.22 5.38
CA SER H 17 -49.13 38.09 5.67
C SER H 17 -48.10 37.43 6.58
N VAL H 18 -46.82 37.81 6.40
CA VAL H 18 -45.68 37.29 7.14
C VAL H 18 -44.76 38.41 7.65
N LYS H 19 -44.40 38.37 8.96
CA LYS H 19 -43.48 39.35 9.54
C LYS H 19 -42.15 38.69 9.93
N VAL H 20 -41.11 38.97 9.13
CA VAL H 20 -39.78 38.42 9.33
C VAL H 20 -38.94 39.40 10.11
N SER H 21 -38.46 38.96 11.28
CA SER H 21 -37.66 39.75 12.23
C SER H 21 -36.17 39.50 12.07
N CYS H 22 -35.30 40.44 12.54
CA CYS H 22 -33.87 40.35 12.49
C CYS H 22 -33.20 41.15 13.62
N LYS H 23 -32.84 40.44 14.72
CA LYS H 23 -32.26 40.98 15.93
C LYS H 23 -30.74 41.06 15.87
N ALA H 24 -30.23 42.29 15.67
CA ALA H 24 -28.80 42.62 15.54
C ALA H 24 -28.07 42.83 16.87
N SER H 25 -27.07 41.99 17.15
CA SER H 25 -26.20 42.09 18.32
C SER H 25 -24.87 42.69 17.83
N GLY H 26 -23.82 42.62 18.66
CA GLY H 26 -22.45 43.05 18.36
C GLY H 26 -22.09 44.53 18.13
N TYR H 27 -23.07 45.43 17.92
CA TYR H 27 -22.76 46.84 17.63
C TYR H 27 -23.85 47.90 18.00
N ILE H 28 -23.72 49.10 17.39
CA ILE H 28 -24.59 50.26 17.52
C ILE H 28 -25.61 50.20 16.33
N PHE H 29 -26.56 49.22 16.38
CA PHE H 29 -27.62 49.07 15.39
C PHE H 29 -28.29 50.42 15.47
N THR H 30 -28.08 51.26 14.45
CA THR H 30 -28.62 52.63 14.36
C THR H 30 -27.86 53.48 13.36
N MET H 31 -26.54 53.32 13.32
CA MET H 31 -25.73 54.16 12.46
C MET H 31 -25.18 53.38 11.27
N ASN H 32 -25.92 52.33 10.85
CA ASN H 32 -25.65 51.42 9.73
C ASN H 32 -27.00 50.92 9.19
N SER H 33 -27.45 51.43 8.03
CA SER H 33 -28.73 51.02 7.41
C SER H 33 -28.72 49.53 7.02
N ILE H 34 -29.89 48.92 6.79
CA ILE H 34 -29.98 47.48 6.48
C ILE H 34 -30.94 47.20 5.30
N ASP H 35 -30.61 46.19 4.50
CA ASP H 35 -31.48 45.79 3.39
C ASP H 35 -31.85 44.32 3.37
N TRP H 36 -32.97 44.05 2.73
CA TRP H 36 -33.53 42.72 2.62
C TRP H 36 -33.36 42.18 1.22
N VAL H 37 -32.79 40.97 1.14
CA VAL H 37 -32.49 40.25 -0.09
C VAL H 37 -33.21 38.92 0.00
N ARG H 38 -33.80 38.47 -1.10
CA ARG H 38 -34.50 37.19 -1.08
C ARG H 38 -33.99 36.21 -2.10
N GLN H 39 -33.99 34.94 -1.74
CA GLN H 39 -33.51 33.86 -2.60
C GLN H 39 -34.55 32.78 -2.84
N ALA H 40 -35.00 32.56 -4.09
CA ALA H 40 -35.93 31.49 -4.46
C ALA H 40 -35.16 30.15 -4.55
N PRO H 41 -35.74 28.97 -4.17
CA PRO H 41 -34.98 27.70 -4.25
C PRO H 41 -34.26 27.45 -5.59
N GLY H 42 -32.94 27.31 -5.50
CA GLY H 42 -32.04 27.10 -6.64
C GLY H 42 -31.77 28.33 -7.48
N GLN H 43 -32.66 29.33 -7.37
CA GLN H 43 -32.61 30.59 -8.12
C GLN H 43 -31.68 31.59 -7.45
N GLY H 44 -31.29 32.64 -8.18
CA GLY H 44 -30.41 33.68 -7.67
C GLY H 44 -30.99 34.59 -6.59
N LEU H 45 -30.17 35.56 -6.13
CA LEU H 45 -30.49 36.57 -5.10
C LEU H 45 -31.16 37.78 -5.73
N GLU H 46 -32.09 38.38 -4.99
CA GLU H 46 -32.93 39.49 -5.43
C GLU H 46 -33.15 40.57 -4.34
N TRP H 47 -32.74 41.83 -4.63
CA TRP H 47 -32.88 42.98 -3.72
C TRP H 47 -34.33 43.52 -3.59
N MET H 48 -34.85 43.55 -2.35
CA MET H 48 -36.20 43.99 -2.02
C MET H 48 -36.27 45.44 -1.61
N GLY H 49 -35.24 45.91 -0.95
CA GLY H 49 -35.19 47.28 -0.50
C GLY H 49 -34.45 47.47 0.80
N ARG H 50 -34.24 48.74 1.16
CA ARG H 50 -33.54 49.10 2.38
C ARG H 50 -34.35 49.95 3.36
N ILE H 51 -33.83 50.00 4.59
CA ILE H 51 -34.37 50.69 5.76
C ILE H 51 -33.23 51.22 6.63
N ASP H 52 -33.37 52.48 7.13
CA ASP H 52 -32.38 53.08 8.03
C ASP H 52 -32.88 52.99 9.48
N PRO H 53 -32.15 52.21 10.35
CA PRO H 53 -32.57 52.05 11.74
C PRO H 53 -32.77 53.36 12.52
N GLU H 54 -31.91 54.40 12.29
CA GLU H 54 -31.97 55.69 12.95
C GLU H 54 -33.36 56.33 12.80
N ASP H 55 -33.63 57.02 11.69
CA ASP H 55 -34.98 57.53 11.50
C ASP H 55 -35.66 56.92 10.29
N GLY H 56 -36.25 55.75 10.52
CA GLY H 56 -37.01 54.88 9.61
C GLY H 56 -37.10 55.29 8.15
N GLY H 57 -35.94 55.51 7.55
CA GLY H 57 -35.79 55.91 6.15
C GLY H 57 -35.88 54.66 5.29
N THR H 58 -36.85 54.60 4.37
CA THR H 58 -37.08 53.41 3.56
C THR H 58 -37.05 53.63 2.08
N LYS H 59 -36.55 52.61 1.34
CA LYS H 59 -36.53 52.57 -0.13
C LYS H 59 -36.91 51.18 -0.50
N TYR H 60 -38.13 50.99 -1.00
CA TYR H 60 -38.59 49.68 -1.43
C TYR H 60 -38.26 49.60 -2.90
N ALA H 61 -37.93 48.39 -3.39
CA ALA H 61 -37.68 48.17 -4.81
C ALA H 61 -39.03 48.17 -5.51
N GLN H 62 -39.07 48.79 -6.69
CA GLN H 62 -40.18 48.92 -7.61
C GLN H 62 -41.24 47.79 -7.54
N LYS H 63 -40.84 46.52 -7.76
CA LYS H 63 -41.76 45.38 -7.75
C LYS H 63 -42.31 44.96 -6.39
N PHE H 64 -41.71 45.44 -5.28
CA PHE H 64 -42.17 45.12 -3.92
C PHE H 64 -42.93 46.30 -3.28
N GLN H 65 -42.82 47.52 -3.90
CA GLN H 65 -43.51 48.74 -3.45
C GLN H 65 -45.03 48.49 -3.56
N GLY H 66 -45.70 48.51 -2.41
CA GLY H 66 -47.13 48.26 -2.34
C GLY H 66 -47.50 46.95 -1.66
N ARG H 67 -46.60 45.97 -1.71
CA ARG H 67 -46.83 44.65 -1.10
C ARG H 67 -46.03 44.49 0.18
N VAL H 68 -44.92 45.24 0.30
CA VAL H 68 -44.00 45.16 1.41
C VAL H 68 -43.96 46.41 2.28
N THR H 69 -43.45 46.25 3.51
CA THR H 69 -43.29 47.27 4.54
C THR H 69 -42.04 46.93 5.37
N PHE H 70 -41.16 47.91 5.53
CA PHE H 70 -40.00 47.74 6.38
C PHE H 70 -40.18 48.60 7.58
N THR H 71 -39.97 48.00 8.76
CA THR H 71 -40.00 48.67 10.05
C THR H 71 -38.73 48.34 10.81
N ALA H 72 -38.45 49.10 11.86
CA ALA H 72 -37.30 48.94 12.73
C ALA H 72 -37.61 49.54 14.10
N ASP H 73 -37.21 48.84 15.17
CA ASP H 73 -37.37 49.32 16.54
C ASP H 73 -36.00 49.51 17.16
N THR H 74 -35.65 50.77 17.41
CA THR H 74 -34.37 51.19 17.99
C THR H 74 -34.16 50.67 19.42
N SER H 75 -35.27 50.39 20.14
CA SER H 75 -35.28 49.88 21.50
C SER H 75 -34.80 48.43 21.58
N THR H 76 -35.48 47.51 20.87
CA THR H 76 -35.19 46.06 20.84
C THR H 76 -34.04 45.65 19.91
N SER H 77 -33.49 46.61 19.11
CA SER H 77 -32.45 46.40 18.09
C SER H 77 -32.92 45.39 17.03
N THR H 78 -34.17 45.55 16.53
CA THR H 78 -34.76 44.63 15.56
C THR H 78 -35.41 45.34 14.37
N ALA H 79 -35.07 44.85 13.16
CA ALA H 79 -35.60 45.30 11.89
C ALA H 79 -36.61 44.25 11.39
N TYR H 80 -37.70 44.70 10.76
CA TYR H 80 -38.78 43.83 10.32
C TYR H 80 -39.14 43.97 8.84
N VAL H 81 -39.81 42.95 8.29
CA VAL H 81 -40.33 42.88 6.92
C VAL H 81 -41.73 42.27 6.97
N GLU H 82 -42.72 42.97 6.43
CA GLU H 82 -44.05 42.40 6.33
C GLU H 82 -44.48 42.37 4.87
N LEU H 83 -44.76 41.20 4.36
CA LEU H 83 -45.21 41.06 2.97
C LEU H 83 -46.69 40.61 2.97
N ASN H 84 -47.50 41.30 2.17
CA ASN H 84 -48.95 41.07 2.06
C ASN H 84 -49.26 40.25 0.85
N SER H 85 -50.58 39.97 0.62
CA SER H 85 -51.17 39.23 -0.52
C SER H 85 -50.22 38.12 -1.01
N LEU H 86 -49.75 37.25 -0.07
CA LEU H 86 -48.78 36.18 -0.34
C LEU H 86 -49.23 35.26 -1.45
N ARG H 87 -48.34 34.98 -2.40
CA ARG H 87 -48.60 34.10 -3.53
C ARG H 87 -47.62 32.94 -3.52
N SER H 88 -47.77 31.95 -4.42
CA SER H 88 -46.92 30.76 -4.50
C SER H 88 -45.54 31.05 -5.14
N GLU H 89 -45.16 32.31 -5.21
CA GLU H 89 -43.89 32.73 -5.79
C GLU H 89 -43.05 33.43 -4.75
N ASP H 90 -43.69 34.06 -3.74
CA ASP H 90 -43.04 34.72 -2.59
C ASP H 90 -42.32 33.64 -1.76
N THR H 91 -42.58 32.37 -2.15
CA THR H 91 -42.01 31.15 -1.60
C THR H 91 -40.50 31.24 -1.84
N ALA H 92 -39.77 31.77 -0.82
CA ALA H 92 -38.32 32.02 -0.85
C ALA H 92 -37.65 32.07 0.53
N VAL H 93 -36.31 32.24 0.56
CA VAL H 93 -35.47 32.39 1.76
C VAL H 93 -35.20 33.89 1.87
N TYR H 94 -35.64 34.50 2.97
CA TYR H 94 -35.49 35.94 3.18
C TYR H 94 -34.32 36.33 4.08
N TYR H 95 -33.32 37.01 3.47
CA TYR H 95 -32.07 37.45 4.12
C TYR H 95 -32.08 38.86 4.64
N CYS H 96 -31.49 39.03 5.84
CA CYS H 96 -31.32 40.29 6.55
C CYS H 96 -29.80 40.50 6.53
N ALA H 97 -29.33 41.50 5.79
CA ALA H 97 -27.90 41.73 5.75
C ALA H 97 -27.61 43.19 5.95
N ARG H 98 -26.43 43.54 6.53
CA ARG H 98 -26.01 44.91 6.82
C ARG H 98 -25.84 45.80 5.57
N VAL H 99 -24.86 46.71 5.59
CA VAL H 99 -24.50 47.67 4.55
C VAL H 99 -23.46 48.61 5.17
N ASP H 100 -22.23 48.56 4.64
CA ASP H 100 -21.26 49.57 5.06
C ASP H 100 -21.60 50.69 4.10
N ASP H 101 -21.64 51.95 4.57
CA ASP H 101 -22.03 53.08 3.73
C ASP H 101 -21.15 53.36 2.52
N TYR H 102 -20.20 52.45 2.26
CA TYR H 102 -19.27 52.35 1.12
C TYR H 102 -19.38 50.88 0.71
N TYR H 103 -18.43 50.33 -0.08
CA TYR H 103 -18.49 48.95 -0.61
C TYR H 103 -19.43 49.03 -1.88
N LEU H 104 -20.85 49.06 -1.82
CA LEU H 104 -21.89 48.91 -0.76
C LEU H 104 -22.28 47.44 -0.73
N GLY H 105 -21.59 46.68 0.09
CA GLY H 105 -21.80 45.25 0.18
C GLY H 105 -22.47 44.86 1.47
N TYR H 106 -22.30 43.61 1.84
CA TYR H 106 -22.87 43.07 3.06
C TYR H 106 -21.80 42.24 3.68
N ASP H 107 -21.24 42.79 4.72
CA ASP H 107 -20.19 42.24 5.56
C ASP H 107 -20.78 41.24 6.55
N TYR H 108 -22.01 41.49 7.04
CA TYR H 108 -22.68 40.60 7.99
C TYR H 108 -24.11 40.33 7.54
N TRP H 109 -24.42 39.04 7.35
CA TRP H 109 -25.71 38.53 6.88
C TRP H 109 -26.48 37.80 8.00
N GLY H 110 -27.74 37.48 7.71
CA GLY H 110 -28.58 36.72 8.62
C GLY H 110 -28.58 35.25 8.25
N GLN H 111 -29.10 34.39 9.12
CA GLN H 111 -29.16 32.97 8.80
C GLN H 111 -30.11 32.67 7.60
N GLY H 112 -31.06 33.59 7.36
CA GLY H 112 -32.10 33.47 6.35
C GLY H 112 -33.36 32.98 7.02
N THR H 113 -34.52 33.18 6.37
CA THR H 113 -35.83 32.73 6.90
C THR H 113 -36.70 32.24 5.76
N GLN H 114 -36.97 30.95 5.74
CA GLN H 114 -37.79 30.33 4.69
C GLN H 114 -39.25 30.57 4.78
N VAL H 115 -39.77 31.07 3.70
CA VAL H 115 -41.20 31.35 3.62
C VAL H 115 -41.82 30.40 2.65
N THR H 116 -42.73 29.63 3.15
CA THR H 116 -43.46 28.69 2.33
C THR H 116 -44.88 29.16 2.30
N VAL H 117 -45.42 29.19 1.08
CA VAL H 117 -46.77 29.61 0.79
C VAL H 117 -47.46 28.41 0.19
N SER H 118 -48.18 27.68 1.04
CA SER H 118 -48.93 26.46 0.71
C SER H 118 -50.22 26.36 1.52
N SER H 119 -51.22 25.69 0.93
CA SER H 119 -52.52 25.42 1.58
C SER H 119 -52.34 24.20 2.50
N ALA H 120 -51.22 23.46 2.29
CA ALA H 120 -50.75 22.30 3.06
C ALA H 120 -50.48 22.67 4.52
N SER H 121 -50.63 21.70 5.41
CA SER H 121 -50.47 21.92 6.83
C SER H 121 -49.18 21.33 7.38
N THR H 122 -48.78 21.80 8.60
CA THR H 122 -47.65 21.31 9.38
C THR H 122 -47.80 19.81 9.60
N LYS H 123 -46.66 19.08 9.50
CA LYS H 123 -46.59 17.65 9.74
C LYS H 123 -45.17 17.29 10.15
N GLY H 124 -45.06 16.68 11.34
CA GLY H 124 -43.80 16.21 11.90
C GLY H 124 -43.28 14.98 11.19
N PRO H 125 -41.95 14.79 11.14
CA PRO H 125 -41.42 13.61 10.43
C PRO H 125 -41.41 12.29 11.20
N SER H 126 -41.21 11.20 10.45
CA SER H 126 -41.07 9.85 10.98
C SER H 126 -39.57 9.50 10.80
N VAL H 127 -38.87 9.20 11.90
CA VAL H 127 -37.45 8.87 11.86
C VAL H 127 -37.23 7.35 11.99
N PHE H 128 -36.63 6.75 10.95
CA PHE H 128 -36.36 5.32 10.90
C PHE H 128 -34.88 5.06 10.74
N PRO H 129 -34.33 4.03 11.44
CA PRO H 129 -32.91 3.73 11.27
C PRO H 129 -32.65 2.99 9.95
N LEU H 130 -31.44 3.17 9.41
CA LEU H 130 -30.96 2.47 8.22
C LEU H 130 -29.74 1.73 8.79
N ALA H 131 -29.92 0.44 9.08
CA ALA H 131 -28.96 -0.36 9.81
C ALA H 131 -27.78 -1.03 9.09
N PRO H 132 -26.58 -1.11 9.73
CA PRO H 132 -25.45 -1.87 9.18
C PRO H 132 -25.69 -3.40 9.45
N SER H 133 -25.20 -4.30 8.57
CA SER H 133 -25.52 -5.72 8.60
C SER H 133 -24.33 -6.67 8.49
N SER H 134 -24.35 -7.47 7.42
CA SER H 134 -23.34 -8.36 6.85
C SER H 134 -23.13 -7.57 5.54
N LYS H 135 -22.73 -6.27 5.70
CA LYS H 135 -22.50 -5.25 4.67
C LYS H 135 -21.13 -5.38 4.04
N SER H 138 -18.55 -3.28 3.45
CA SER H 138 -17.60 -2.97 2.37
C SER H 138 -16.27 -2.52 2.98
N GLY H 139 -15.13 -3.06 2.51
CA GLY H 139 -13.76 -2.84 2.95
C GLY H 139 -13.45 -2.53 4.40
N GLY H 140 -14.22 -3.14 5.30
CA GLY H 140 -14.21 -2.92 6.74
C GLY H 140 -14.79 -1.57 7.13
N THR H 141 -15.82 -1.13 6.39
CA THR H 141 -16.52 0.15 6.50
C THR H 141 -18.02 -0.11 6.39
N ALA H 142 -18.74 0.23 7.44
CA ALA H 142 -20.18 0.02 7.48
C ALA H 142 -20.82 1.38 7.39
N ALA H 143 -21.88 1.49 6.59
CA ALA H 143 -22.62 2.73 6.41
C ALA H 143 -23.95 2.61 7.12
N LEU H 144 -24.21 3.53 8.05
CA LEU H 144 -25.45 3.58 8.79
C LEU H 144 -26.08 4.96 8.61
N GLY H 145 -27.41 5.04 8.77
CA GLY H 145 -28.12 6.29 8.58
C GLY H 145 -29.50 6.40 9.17
N CYS H 146 -30.17 7.50 8.82
CA CYS H 146 -31.51 7.84 9.27
C CYS H 146 -32.39 8.22 8.11
N LEU H 147 -33.63 7.74 8.14
CA LEU H 147 -34.60 8.11 7.13
C LEU H 147 -35.62 9.03 7.78
N VAL H 148 -35.64 10.31 7.35
CA VAL H 148 -36.55 11.33 7.85
C VAL H 148 -37.69 11.45 6.84
N LYS H 149 -38.71 10.59 7.00
CA LYS H 149 -39.83 10.45 6.07
C LYS H 149 -41.09 11.22 6.52
N ASP H 150 -41.88 11.75 5.55
CA ASP H 150 -43.16 12.44 5.75
C ASP H 150 -43.14 13.63 6.69
N TYR H 151 -42.81 14.80 6.15
CA TYR H 151 -42.75 16.06 6.92
C TYR H 151 -43.02 17.25 6.04
N PHE H 152 -43.59 18.27 6.63
CA PHE H 152 -43.90 19.53 5.96
C PHE H 152 -44.00 20.66 6.98
N PRO H 153 -43.36 21.81 6.69
CA PRO H 153 -42.57 22.16 5.51
C PRO H 153 -41.05 21.98 5.70
N GLU H 154 -40.29 22.31 4.65
CA GLU H 154 -38.84 22.27 4.68
C GLU H 154 -38.35 23.44 5.55
N PRO H 155 -37.25 23.31 6.33
CA PRO H 155 -36.29 22.20 6.41
C PRO H 155 -36.30 21.36 7.67
N VAL H 156 -35.42 20.33 7.69
CA VAL H 156 -35.12 19.47 8.84
C VAL H 156 -33.62 19.52 9.04
N THR H 157 -33.18 19.56 10.29
CA THR H 157 -31.76 19.59 10.59
C THR H 157 -31.37 18.28 11.23
N VAL H 158 -30.43 17.57 10.60
CA VAL H 158 -29.96 16.29 11.09
C VAL H 158 -28.48 16.41 11.50
N SER H 159 -28.18 16.07 12.76
CA SER H 159 -26.81 16.03 13.30
C SER H 159 -26.58 14.66 13.92
N TRP H 160 -25.33 14.22 14.06
CA TRP H 160 -25.02 12.90 14.62
C TRP H 160 -24.23 13.01 15.91
N ASN H 161 -24.65 12.23 16.93
CA ASN H 161 -24.06 12.17 18.28
C ASN H 161 -23.94 13.57 18.91
N SER H 162 -24.99 14.40 18.71
CA SER H 162 -25.14 15.79 19.14
C SER H 162 -24.09 16.71 18.52
N GLY H 163 -23.76 16.42 17.26
CA GLY H 163 -22.80 17.19 16.48
C GLY H 163 -21.35 16.72 16.56
N ALA H 164 -21.05 15.82 17.52
CA ALA H 164 -19.70 15.28 17.76
C ALA H 164 -19.18 14.45 16.59
N LEU H 165 -20.10 13.82 15.82
CA LEU H 165 -19.76 13.04 14.63
C LEU H 165 -20.01 13.91 13.39
N THR H 166 -18.93 14.19 12.62
CA THR H 166 -19.01 15.03 11.42
C THR H 166 -18.37 14.38 10.20
N SER H 167 -17.31 13.57 10.40
CA SER H 167 -16.58 12.93 9.31
C SER H 167 -17.41 11.86 8.62
N GLY H 168 -17.52 12.01 7.29
CA GLY H 168 -18.25 11.11 6.42
C GLY H 168 -19.75 11.22 6.46
N VAL H 169 -20.29 12.28 7.11
CA VAL H 169 -21.73 12.49 7.21
C VAL H 169 -22.26 13.11 5.91
N HIS H 170 -23.33 12.51 5.35
CA HIS H 170 -23.96 13.01 4.14
C HIS H 170 -25.47 13.16 4.31
N THR H 171 -25.92 14.39 4.50
CA THR H 171 -27.36 14.68 4.63
C THR H 171 -27.83 15.06 3.24
N PHE H 172 -28.63 14.18 2.63
CA PHE H 172 -29.12 14.33 1.27
C PHE H 172 -30.11 15.47 1.08
N PRO H 173 -30.21 16.05 -0.16
CA PRO H 173 -31.22 17.10 -0.39
C PRO H 173 -32.61 16.48 -0.36
N ALA H 174 -33.54 17.13 0.34
CA ALA H 174 -34.90 16.63 0.48
C ALA H 174 -35.66 16.57 -0.84
N VAL H 175 -36.51 15.55 -0.97
CA VAL H 175 -37.32 15.33 -2.15
C VAL H 175 -38.82 15.41 -1.82
N LEU H 176 -39.61 16.04 -2.69
CA LEU H 176 -41.05 16.18 -2.48
C LEU H 176 -41.74 14.93 -3.01
N GLN H 177 -42.57 14.28 -2.18
CA GLN H 177 -43.26 13.05 -2.53
C GLN H 177 -44.60 13.36 -3.20
N SER H 178 -45.24 12.33 -3.80
CA SER H 178 -46.57 12.42 -4.45
C SER H 178 -47.66 12.91 -3.47
N SER H 179 -47.46 12.57 -2.18
CA SER H 179 -48.28 12.92 -1.03
C SER H 179 -48.22 14.41 -0.67
N GLY H 180 -47.24 15.13 -1.23
CA GLY H 180 -47.03 16.54 -0.96
C GLY H 180 -46.18 16.76 0.27
N LEU H 181 -45.62 15.67 0.81
CA LEU H 181 -44.75 15.73 1.98
C LEU H 181 -43.31 15.57 1.54
N TYR H 182 -42.38 16.03 2.37
CA TYR H 182 -40.96 15.94 2.04
C TYR H 182 -40.35 14.70 2.65
N SER H 183 -39.30 14.17 1.98
CA SER H 183 -38.53 13.04 2.46
C SER H 183 -37.07 13.36 2.34
N LEU H 184 -36.27 12.86 3.29
CA LEU H 184 -34.83 13.10 3.40
C LEU H 184 -34.18 11.88 4.03
N SER H 185 -32.87 11.73 3.82
CA SER H 185 -32.07 10.65 4.39
C SER H 185 -30.66 11.14 4.69
N SER H 186 -30.13 10.80 5.88
CA SER H 186 -28.79 11.22 6.31
C SER H 186 -27.95 10.00 6.67
N VAL H 187 -26.76 9.88 6.06
CA VAL H 187 -25.85 8.74 6.27
C VAL H 187 -24.47 9.13 6.81
N VAL H 188 -23.67 8.11 7.22
CA VAL H 188 -22.31 8.24 7.74
C VAL H 188 -21.55 6.92 7.65
N THR H 189 -20.38 6.95 6.99
CA THR H 189 -19.49 5.78 6.88
C THR H 189 -18.62 5.72 8.12
N VAL H 190 -18.66 4.57 8.82
CA VAL H 190 -17.89 4.33 10.04
C VAL H 190 -17.11 3.00 9.89
N PRO H 191 -16.03 2.72 10.67
CA PRO H 191 -15.35 1.42 10.53
C PRO H 191 -16.22 0.30 11.11
N SER H 192 -16.07 -0.92 10.56
CA SER H 192 -16.84 -2.10 11.03
C SER H 192 -16.52 -2.47 12.45
N SER H 193 -15.28 -2.21 12.89
CA SER H 193 -14.77 -2.47 14.23
C SER H 193 -15.52 -1.73 15.35
N SER H 194 -15.95 -0.49 15.08
CA SER H 194 -16.63 0.35 16.08
C SER H 194 -18.13 0.03 16.31
N LEU H 195 -18.71 -0.93 15.55
CA LEU H 195 -20.15 -1.27 15.66
C LEU H 195 -20.57 -1.84 17.01
N GLY H 196 -19.68 -2.63 17.60
CA GLY H 196 -19.92 -3.20 18.91
C GLY H 196 -19.72 -2.18 20.02
N THR H 197 -18.65 -1.37 19.88
CA THR H 197 -18.22 -0.34 20.83
C THR H 197 -19.11 0.92 20.84
N GLN H 198 -18.94 1.77 19.83
CA GLN H 198 -19.59 3.07 19.64
C GLN H 198 -21.10 2.99 19.46
N THR H 199 -21.79 4.04 19.97
CA THR H 199 -23.22 4.30 19.92
C THR H 199 -23.44 5.44 18.90
N TYR H 200 -24.33 5.20 17.92
CA TYR H 200 -24.64 6.19 16.89
C TYR H 200 -26.10 6.64 16.96
N ILE H 201 -26.32 7.92 17.28
CA ILE H 201 -27.66 8.52 17.46
C ILE H 201 -27.83 9.74 16.58
N CYS H 202 -28.69 9.66 15.53
CA CYS H 202 -28.96 10.85 14.70
C CYS H 202 -29.97 11.74 15.43
N ASN H 203 -29.74 13.04 15.38
CA ASN H 203 -30.58 14.00 16.07
C ASN H 203 -31.32 14.80 15.05
N VAL H 204 -32.63 14.56 14.98
CA VAL H 204 -33.52 15.17 14.00
C VAL H 204 -34.33 16.31 14.64
N ASN H 205 -34.35 17.47 13.97
CA ASN H 205 -35.08 18.65 14.40
C ASN H 205 -35.94 19.21 13.29
N HIS H 206 -37.21 19.44 13.62
CA HIS H 206 -38.20 20.04 12.74
C HIS H 206 -38.90 21.04 13.63
N LYS H 207 -38.47 22.28 13.53
CA LYS H 207 -38.98 23.39 14.32
C LYS H 207 -40.45 23.71 13.97
N PRO H 208 -40.91 23.66 12.68
CA PRO H 208 -42.33 24.01 12.40
C PRO H 208 -43.38 23.23 13.20
N SER H 209 -43.17 21.93 13.39
CA SER H 209 -44.06 21.05 14.14
C SER H 209 -43.54 20.82 15.57
N ASN H 210 -42.40 21.47 15.92
CA ASN H 210 -41.71 21.35 17.22
C ASN H 210 -41.43 19.88 17.55
N THR H 211 -40.66 19.24 16.66
CA THR H 211 -40.28 17.83 16.72
C THR H 211 -38.79 17.70 16.96
N LYS H 212 -38.41 16.89 17.97
CA LYS H 212 -37.03 16.62 18.36
C LYS H 212 -36.90 15.11 18.65
N VAL H 213 -36.32 14.38 17.68
CA VAL H 213 -36.15 12.94 17.76
C VAL H 213 -34.67 12.58 17.79
N ASP H 214 -34.33 11.60 18.64
CA ASP H 214 -32.97 11.05 18.75
C ASP H 214 -33.09 9.55 18.55
N LYS H 215 -32.89 9.10 17.29
CA LYS H 215 -32.99 7.67 16.92
C LYS H 215 -31.62 7.02 17.04
N LYS H 216 -31.54 5.93 17.80
CA LYS H 216 -30.31 5.20 17.98
C LYS H 216 -30.24 4.09 16.92
N VAL H 217 -29.24 4.21 16.02
CA VAL H 217 -29.04 3.26 14.94
C VAL H 217 -28.18 2.07 15.45
N GLU H 218 -28.80 0.87 15.51
CA GLU H 218 -28.21 -0.39 15.98
C GLU H 218 -27.92 -1.34 14.81
N PRO H 219 -26.91 -2.25 14.91
CA PRO H 219 -26.61 -3.16 13.79
C PRO H 219 -27.67 -4.23 13.51
#